data_2VKL
# 
_entry.id   2VKL 
# 
_audit_conform.dict_name       mmcif_pdbx.dic 
_audit_conform.dict_version    5.391 
_audit_conform.dict_location   http://mmcif.pdb.org/dictionaries/ascii/mmcif_pdbx.dic 
# 
loop_
_database_2.database_id 
_database_2.database_code 
_database_2.pdbx_database_accession 
_database_2.pdbx_DOI 
PDB   2VKL         pdb_00002vkl 10.2210/pdb2vkl/pdb 
PDBE  EBI-34834    ?            ?                   
WWPDB D_1290034834 ?            ?                   
# 
loop_
_pdbx_audit_revision_history.ordinal 
_pdbx_audit_revision_history.data_content_type 
_pdbx_audit_revision_history.major_revision 
_pdbx_audit_revision_history.minor_revision 
_pdbx_audit_revision_history.revision_date 
1 'Structure model' 1 0 2008-01-15 
2 'Structure model' 1 1 2011-05-08 
3 'Structure model' 1 2 2011-07-13 
4 'Structure model' 1 3 2024-05-08 
# 
_pdbx_audit_revision_details.ordinal             1 
_pdbx_audit_revision_details.revision_ordinal    1 
_pdbx_audit_revision_details.data_content_type   'Structure model' 
_pdbx_audit_revision_details.provider            repository 
_pdbx_audit_revision_details.type                'Initial release' 
_pdbx_audit_revision_details.description         ? 
_pdbx_audit_revision_details.details             ? 
# 
loop_
_pdbx_audit_revision_group.ordinal 
_pdbx_audit_revision_group.revision_ordinal 
_pdbx_audit_revision_group.data_content_type 
_pdbx_audit_revision_group.group 
1 2 'Structure model' 'Version format compliance' 
2 3 'Structure model' 'Version format compliance' 
3 4 'Structure model' 'Data collection'           
4 4 'Structure model' 'Database references'       
5 4 'Structure model' 'Derived calculations'      
6 4 'Structure model' Other                       
# 
loop_
_pdbx_audit_revision_category.ordinal 
_pdbx_audit_revision_category.revision_ordinal 
_pdbx_audit_revision_category.data_content_type 
_pdbx_audit_revision_category.category 
1 4 'Structure model' chem_comp_atom       
2 4 'Structure model' chem_comp_bond       
3 4 'Structure model' database_2           
4 4 'Structure model' pdbx_database_status 
5 4 'Structure model' struct_site          
# 
loop_
_pdbx_audit_revision_item.ordinal 
_pdbx_audit_revision_item.revision_ordinal 
_pdbx_audit_revision_item.data_content_type 
_pdbx_audit_revision_item.item 
1 4 'Structure model' '_database_2.pdbx_DOI'                 
2 4 'Structure model' '_database_2.pdbx_database_accession'  
3 4 'Structure model' '_pdbx_database_status.status_code_sf' 
4 4 'Structure model' '_struct_site.pdbx_auth_asym_id'       
5 4 'Structure model' '_struct_site.pdbx_auth_comp_id'       
6 4 'Structure model' '_struct_site.pdbx_auth_seq_id'        
# 
_pdbx_database_status.status_code                     REL 
_pdbx_database_status.entry_id                        2VKL 
_pdbx_database_status.deposit_site                    PDBE 
_pdbx_database_status.process_site                    PDBE 
_pdbx_database_status.SG_entry                        . 
_pdbx_database_status.recvd_initial_deposition_date   2007-12-20 
_pdbx_database_status.pdb_format_compatible           Y 
_pdbx_database_status.status_code_sf                  REL 
_pdbx_database_status.status_code_mr                  ? 
_pdbx_database_status.status_code_cs                  ? 
_pdbx_database_status.methods_development_category    ? 
_pdbx_database_status.status_code_nmr_data            ? 
# 
loop_
_audit_author.name 
_audit_author.pdbx_ordinal 
'Okvist, M.'  1 
'Roderer, K.' 2 
'Sasso, S.'   3 
'Kast, P.'    4 
'Krengel, U.' 5 
# 
_citation.id                        primary 
_citation.title                     
'Structure and Function of a Complex between Chorismate Mutase and Dahp Synthase: Efficiency Boost for the Junior Partner.' 
_citation.journal_abbrev            'Embo J.' 
_citation.journal_volume            28 
_citation.page_first                2128 
_citation.page_last                 ? 
_citation.year                      2009 
_citation.journal_id_ASTM           EMJODG 
_citation.country                   UK 
_citation.journal_id_ISSN           0261-4189 
_citation.journal_id_CSD            0897 
_citation.book_publisher            ? 
_citation.pdbx_database_id_PubMed   19556970 
_citation.pdbx_database_id_DOI      10.1038/EMBOJ.2009.165 
# 
loop_
_citation_author.citation_id 
_citation_author.name 
_citation_author.ordinal 
_citation_author.identifier_ORCID 
primary 'Sasso, S.'   1 ? 
primary 'Okvist, M.'  2 ? 
primary 'Roderer, K.' 3 ? 
primary 'Gamper, M.'  4 ? 
primary 'Codoni, G.'  5 ? 
primary 'Krengel, U.' 6 ? 
primary 'Kast, P.'    7 ? 
# 
loop_
_entity.id 
_entity.type 
_entity.src_method 
_entity.pdbx_description 
_entity.formula_weight 
_entity.pdbx_number_of_molecules 
_entity.pdbx_ec 
_entity.pdbx_mutation 
_entity.pdbx_fragment 
_entity.details 
1 polymer     man RV0948C/MT0975 10107.812 1  5.4.99.5 ? 'RESIDUES 16-105' ? 
2 non-polymer syn D-MALATE       134.087   1  ?        ? ?                 ? 
3 water       nat water          18.015    37 ?        ? ?                 ? 
# 
_entity_name_com.entity_id   1 
_entity_name_com.name        'CHORISMATE MUTASE' 
# 
_entity_poly.entity_id                      1 
_entity_poly.type                           'polypeptide(L)' 
_entity_poly.nstd_linkage                   no 
_entity_poly.nstd_monomer                   no 
_entity_poly.pdbx_seq_one_letter_code       
;MNLEMLESQPVPEIDTLREEIDRLDAEILALVKRRAEVSKAIGKARMASGGTRLVHSREMKVIERYSELGPDGKDLAILL
LRLGRGRLGH
;
_entity_poly.pdbx_seq_one_letter_code_can   
;MNLEMLESQPVPEIDTLREEIDRLDAEILALVKRRAEVSKAIGKARMASGGTRLVHSREMKVIERYSELGPDGKDLAILL
LRLGRGRLGH
;
_entity_poly.pdbx_strand_id                 A 
_entity_poly.pdbx_target_identifier         ? 
# 
loop_
_pdbx_entity_nonpoly.entity_id 
_pdbx_entity_nonpoly.name 
_pdbx_entity_nonpoly.comp_id 
2 D-MALATE MLT 
3 water    HOH 
# 
loop_
_entity_poly_seq.entity_id 
_entity_poly_seq.num 
_entity_poly_seq.mon_id 
_entity_poly_seq.hetero 
1 1  MET n 
1 2  ASN n 
1 3  LEU n 
1 4  GLU n 
1 5  MET n 
1 6  LEU n 
1 7  GLU n 
1 8  SER n 
1 9  GLN n 
1 10 PRO n 
1 11 VAL n 
1 12 PRO n 
1 13 GLU n 
1 14 ILE n 
1 15 ASP n 
1 16 THR n 
1 17 LEU n 
1 18 ARG n 
1 19 GLU n 
1 20 GLU n 
1 21 ILE n 
1 22 ASP n 
1 23 ARG n 
1 24 LEU n 
1 25 ASP n 
1 26 ALA n 
1 27 GLU n 
1 28 ILE n 
1 29 LEU n 
1 30 ALA n 
1 31 LEU n 
1 32 VAL n 
1 33 LYS n 
1 34 ARG n 
1 35 ARG n 
1 36 ALA n 
1 37 GLU n 
1 38 VAL n 
1 39 SER n 
1 40 LYS n 
1 41 ALA n 
1 42 ILE n 
1 43 GLY n 
1 44 LYS n 
1 45 ALA n 
1 46 ARG n 
1 47 MET n 
1 48 ALA n 
1 49 SER n 
1 50 GLY n 
1 51 GLY n 
1 52 THR n 
1 53 ARG n 
1 54 LEU n 
1 55 VAL n 
1 56 HIS n 
1 57 SER n 
1 58 ARG n 
1 59 GLU n 
1 60 MET n 
1 61 LYS n 
1 62 VAL n 
1 63 ILE n 
1 64 GLU n 
1 65 ARG n 
1 66 TYR n 
1 67 SER n 
1 68 GLU n 
1 69 LEU n 
1 70 GLY n 
1 71 PRO n 
1 72 ASP n 
1 73 GLY n 
1 74 LYS n 
1 75 ASP n 
1 76 LEU n 
1 77 ALA n 
1 78 ILE n 
1 79 LEU n 
1 80 LEU n 
1 81 LEU n 
1 82 ARG n 
1 83 LEU n 
1 84 GLY n 
1 85 ARG n 
1 86 GLY n 
1 87 ARG n 
1 88 LEU n 
1 89 GLY n 
1 90 HIS n 
# 
_entity_src_gen.entity_id                          1 
_entity_src_gen.pdbx_src_id                        1 
_entity_src_gen.pdbx_alt_source_flag               sample 
_entity_src_gen.pdbx_seq_type                      ? 
_entity_src_gen.pdbx_beg_seq_num                   ? 
_entity_src_gen.pdbx_end_seq_num                   ? 
_entity_src_gen.gene_src_common_name               ? 
_entity_src_gen.gene_src_genus                     ? 
_entity_src_gen.pdbx_gene_src_gene                 ? 
_entity_src_gen.gene_src_species                   ? 
_entity_src_gen.gene_src_strain                    H37RV 
_entity_src_gen.gene_src_tissue                    ? 
_entity_src_gen.gene_src_tissue_fraction           ? 
_entity_src_gen.gene_src_details                   ? 
_entity_src_gen.pdbx_gene_src_fragment             ? 
_entity_src_gen.pdbx_gene_src_scientific_name      'MYCOBACTERIUM TUBERCULOSIS' 
_entity_src_gen.pdbx_gene_src_ncbi_taxonomy_id     83332 
_entity_src_gen.pdbx_gene_src_variant              ? 
_entity_src_gen.pdbx_gene_src_cell_line            ? 
_entity_src_gen.pdbx_gene_src_atcc                 ? 
_entity_src_gen.pdbx_gene_src_organ                ? 
_entity_src_gen.pdbx_gene_src_organelle            ? 
_entity_src_gen.pdbx_gene_src_cell                 ? 
_entity_src_gen.pdbx_gene_src_cellular_location    ? 
_entity_src_gen.host_org_common_name               ? 
_entity_src_gen.pdbx_host_org_scientific_name      'ESCHERICHIA COLI' 
_entity_src_gen.pdbx_host_org_ncbi_taxonomy_id     562 
_entity_src_gen.host_org_genus                     ? 
_entity_src_gen.pdbx_host_org_gene                 ? 
_entity_src_gen.pdbx_host_org_organ                ? 
_entity_src_gen.host_org_species                   ? 
_entity_src_gen.pdbx_host_org_tissue               ? 
_entity_src_gen.pdbx_host_org_tissue_fraction      ? 
_entity_src_gen.pdbx_host_org_strain               KA13 
_entity_src_gen.pdbx_host_org_variant              ? 
_entity_src_gen.pdbx_host_org_cell_line            ? 
_entity_src_gen.pdbx_host_org_atcc                 ? 
_entity_src_gen.pdbx_host_org_culture_collection   ? 
_entity_src_gen.pdbx_host_org_cell                 ? 
_entity_src_gen.pdbx_host_org_organelle            ? 
_entity_src_gen.pdbx_host_org_cellular_location    ? 
_entity_src_gen.pdbx_host_org_vector_type          ? 
_entity_src_gen.pdbx_host_org_vector               PGM211 
_entity_src_gen.host_org_details                   ? 
_entity_src_gen.expression_system_id               ? 
_entity_src_gen.plasmid_name                       PKTCMM-H 
_entity_src_gen.plasmid_details                    ? 
_entity_src_gen.pdbx_description                   ? 
# 
loop_
_chem_comp.id 
_chem_comp.type 
_chem_comp.mon_nstd_flag 
_chem_comp.name 
_chem_comp.pdbx_synonyms 
_chem_comp.formula 
_chem_comp.formula_weight 
ALA 'L-peptide linking' y ALANINE         ?                                                         'C3 H7 N O2'     89.093  
ARG 'L-peptide linking' y ARGININE        ?                                                         'C6 H15 N4 O2 1' 175.209 
ASN 'L-peptide linking' y ASPARAGINE      ?                                                         'C4 H8 N2 O3'    132.118 
ASP 'L-peptide linking' y 'ASPARTIC ACID' ?                                                         'C4 H7 N O4'     133.103 
GLN 'L-peptide linking' y GLUTAMINE       ?                                                         'C5 H10 N2 O3'   146.144 
GLU 'L-peptide linking' y 'GLUTAMIC ACID' ?                                                         'C5 H9 N O4'     147.129 
GLY 'peptide linking'   y GLYCINE         ?                                                         'C2 H5 N O2'     75.067  
HIS 'L-peptide linking' y HISTIDINE       ?                                                         'C6 H10 N3 O2 1' 156.162 
HOH non-polymer         . WATER           ?                                                         'H2 O'           18.015  
ILE 'L-peptide linking' y ISOLEUCINE      ?                                                         'C6 H13 N O2'    131.173 
LEU 'L-peptide linking' y LEUCINE         ?                                                         'C6 H13 N O2'    131.173 
LYS 'L-peptide linking' y LYSINE          ?                                                         'C6 H15 N2 O2 1' 147.195 
MET 'L-peptide linking' y METHIONINE      ?                                                         'C5 H11 N O2 S'  149.211 
MLT non-polymer         . D-MALATE        '(2R)-2-HYDROXYBUTANEDIOIC ACID; 2-HYDROXY-SUCCINIC ACID' 'C4 H6 O5'       134.087 
PRO 'L-peptide linking' y PROLINE         ?                                                         'C5 H9 N O2'     115.130 
SER 'L-peptide linking' y SERINE          ?                                                         'C3 H7 N O3'     105.093 
THR 'L-peptide linking' y THREONINE       ?                                                         'C4 H9 N O3'     119.119 
TYR 'L-peptide linking' y TYROSINE        ?                                                         'C9 H11 N O3'    181.189 
VAL 'L-peptide linking' y VALINE          ?                                                         'C5 H11 N O2'    117.146 
# 
loop_
_pdbx_poly_seq_scheme.asym_id 
_pdbx_poly_seq_scheme.entity_id 
_pdbx_poly_seq_scheme.seq_id 
_pdbx_poly_seq_scheme.mon_id 
_pdbx_poly_seq_scheme.ndb_seq_num 
_pdbx_poly_seq_scheme.pdb_seq_num 
_pdbx_poly_seq_scheme.auth_seq_num 
_pdbx_poly_seq_scheme.pdb_mon_id 
_pdbx_poly_seq_scheme.auth_mon_id 
_pdbx_poly_seq_scheme.pdb_strand_id 
_pdbx_poly_seq_scheme.pdb_ins_code 
_pdbx_poly_seq_scheme.hetero 
A 1 1  MET 1  1  ?  ?   ?   A . n 
A 1 2  ASN 2  2  ?  ?   ?   A . n 
A 1 3  LEU 3  3  ?  ?   ?   A . n 
A 1 4  GLU 4  4  ?  ?   ?   A . n 
A 1 5  MET 5  5  ?  ?   ?   A . n 
A 1 6  LEU 6  6  ?  ?   ?   A . n 
A 1 7  GLU 7  7  ?  ?   ?   A . n 
A 1 8  SER 8  8  ?  ?   ?   A . n 
A 1 9  GLN 9  9  ?  ?   ?   A . n 
A 1 10 PRO 10 10 ?  ?   ?   A . n 
A 1 11 VAL 11 11 ?  ?   ?   A . n 
A 1 12 PRO 12 12 ?  ?   ?   A . n 
A 1 13 GLU 13 13 13 GLU GLU A . n 
A 1 14 ILE 14 14 14 ILE ILE A . n 
A 1 15 ASP 15 15 15 ASP ASP A . n 
A 1 16 THR 16 16 16 THR THR A . n 
A 1 17 LEU 17 17 17 LEU LEU A . n 
A 1 18 ARG 18 18 18 ARG ARG A . n 
A 1 19 GLU 19 19 19 GLU GLU A . n 
A 1 20 GLU 20 20 20 GLU GLU A . n 
A 1 21 ILE 21 21 21 ILE ILE A . n 
A 1 22 ASP 22 22 22 ASP ASP A . n 
A 1 23 ARG 23 23 23 ARG ARG A . n 
A 1 24 LEU 24 24 24 LEU LEU A . n 
A 1 25 ASP 25 25 25 ASP ASP A . n 
A 1 26 ALA 26 26 26 ALA ALA A . n 
A 1 27 GLU 27 27 27 GLU GLU A . n 
A 1 28 ILE 28 28 28 ILE ILE A . n 
A 1 29 LEU 29 29 29 LEU LEU A . n 
A 1 30 ALA 30 30 30 ALA ALA A . n 
A 1 31 LEU 31 31 31 LEU LEU A . n 
A 1 32 VAL 32 32 32 VAL VAL A . n 
A 1 33 LYS 33 33 33 LYS LYS A . n 
A 1 34 ARG 34 34 34 ARG ARG A . n 
A 1 35 ARG 35 35 35 ARG ARG A . n 
A 1 36 ALA 36 36 36 ALA ALA A . n 
A 1 37 GLU 37 37 37 GLU GLU A . n 
A 1 38 VAL 38 38 38 VAL VAL A . n 
A 1 39 SER 39 39 39 SER SER A . n 
A 1 40 LYS 40 40 40 LYS LYS A . n 
A 1 41 ALA 41 41 41 ALA ALA A . n 
A 1 42 ILE 42 42 42 ILE ILE A . n 
A 1 43 GLY 43 43 43 GLY GLY A . n 
A 1 44 LYS 44 44 44 LYS LYS A . n 
A 1 45 ALA 45 45 45 ALA ALA A . n 
A 1 46 ARG 46 46 46 ARG ARG A . n 
A 1 47 MET 47 47 47 MET MET A . n 
A 1 48 ALA 48 48 48 ALA ALA A . n 
A 1 49 SER 49 49 49 SER SER A . n 
A 1 50 GLY 50 50 50 GLY GLY A . n 
A 1 51 GLY 51 51 51 GLY GLY A . n 
A 1 52 THR 52 52 52 THR THR A . n 
A 1 53 ARG 53 53 53 ARG ARG A . n 
A 1 54 LEU 54 54 54 LEU LEU A . n 
A 1 55 VAL 55 55 55 VAL VAL A . n 
A 1 56 HIS 56 56 56 HIS HIS A . n 
A 1 57 SER 57 57 57 SER SER A . n 
A 1 58 ARG 58 58 58 ARG ARG A . n 
A 1 59 GLU 59 59 59 GLU GLU A . n 
A 1 60 MET 60 60 60 MET MET A . n 
A 1 61 LYS 61 61 61 LYS LYS A . n 
A 1 62 VAL 62 62 62 VAL VAL A . n 
A 1 63 ILE 63 63 63 ILE ILE A . n 
A 1 64 GLU 64 64 64 GLU GLU A . n 
A 1 65 ARG 65 65 65 ARG ARG A . n 
A 1 66 TYR 66 66 66 TYR TYR A . n 
A 1 67 SER 67 67 67 SER SER A . n 
A 1 68 GLU 68 68 68 GLU GLU A . n 
A 1 69 LEU 69 69 69 LEU LEU A . n 
A 1 70 GLY 70 70 70 GLY GLY A . n 
A 1 71 PRO 71 71 71 PRO PRO A . n 
A 1 72 ASP 72 72 72 ASP ASP A . n 
A 1 73 GLY 73 73 73 GLY GLY A . n 
A 1 74 LYS 74 74 74 LYS LYS A . n 
A 1 75 ASP 75 75 75 ASP ASP A . n 
A 1 76 LEU 76 76 76 LEU LEU A . n 
A 1 77 ALA 77 77 77 ALA ALA A . n 
A 1 78 ILE 78 78 78 ILE ILE A . n 
A 1 79 LEU 79 79 79 LEU LEU A . n 
A 1 80 LEU 80 80 80 LEU LEU A . n 
A 1 81 LEU 81 81 81 LEU LEU A . n 
A 1 82 ARG 82 82 82 ARG ARG A . n 
A 1 83 LEU 83 83 83 LEU LEU A . n 
A 1 84 GLY 84 84 84 GLY GLY A . n 
A 1 85 ARG 85 85 85 ARG ARG A . n 
A 1 86 GLY 86 86 86 GLY GLY A . n 
A 1 87 ARG 87 87 87 ARG ARG A . n 
A 1 88 LEU 88 88 88 LEU LEU A . n 
A 1 89 GLY 89 89 89 GLY GLY A . n 
A 1 90 HIS 90 90 ?  ?   ?   A . n 
# 
loop_
_pdbx_nonpoly_scheme.asym_id 
_pdbx_nonpoly_scheme.entity_id 
_pdbx_nonpoly_scheme.mon_id 
_pdbx_nonpoly_scheme.ndb_seq_num 
_pdbx_nonpoly_scheme.pdb_seq_num 
_pdbx_nonpoly_scheme.auth_seq_num 
_pdbx_nonpoly_scheme.pdb_mon_id 
_pdbx_nonpoly_scheme.auth_mon_id 
_pdbx_nonpoly_scheme.pdb_strand_id 
_pdbx_nonpoly_scheme.pdb_ins_code 
B 2 MLT 1  1090 1090 MLT MLT A . 
C 3 HOH 1  2001 2001 HOH HOH A . 
C 3 HOH 2  2002 2002 HOH HOH A . 
C 3 HOH 3  2003 2003 HOH HOH A . 
C 3 HOH 4  2004 2004 HOH HOH A . 
C 3 HOH 5  2005 2005 HOH HOH A . 
C 3 HOH 6  2006 2006 HOH HOH A . 
C 3 HOH 7  2007 2007 HOH HOH A . 
C 3 HOH 8  2008 2008 HOH HOH A . 
C 3 HOH 9  2009 2009 HOH HOH A . 
C 3 HOH 10 2010 2010 HOH HOH A . 
C 3 HOH 11 2011 2011 HOH HOH A . 
C 3 HOH 12 2012 2012 HOH HOH A . 
C 3 HOH 13 2013 2013 HOH HOH A . 
C 3 HOH 14 2014 2014 HOH HOH A . 
C 3 HOH 15 2015 2015 HOH HOH A . 
C 3 HOH 16 2016 2016 HOH HOH A . 
C 3 HOH 17 2017 2017 HOH HOH A . 
C 3 HOH 18 2018 2018 HOH HOH A . 
C 3 HOH 19 2019 2019 HOH HOH A . 
C 3 HOH 20 2020 2020 HOH HOH A . 
C 3 HOH 21 2021 2021 HOH HOH A . 
C 3 HOH 22 2022 2022 HOH HOH A . 
C 3 HOH 23 2023 2023 HOH HOH A . 
C 3 HOH 24 2024 2024 HOH HOH A . 
C 3 HOH 25 2025 2025 HOH HOH A . 
C 3 HOH 26 2026 2026 HOH HOH A . 
C 3 HOH 27 2027 2027 HOH HOH A . 
C 3 HOH 28 2028 2028 HOH HOH A . 
C 3 HOH 29 2029 2029 HOH HOH A . 
C 3 HOH 30 2030 2030 HOH HOH A . 
C 3 HOH 31 2031 2031 HOH HOH A . 
C 3 HOH 32 2032 2032 HOH HOH A . 
C 3 HOH 33 2033 2033 HOH HOH A . 
C 3 HOH 34 2034 2034 HOH HOH A . 
C 3 HOH 35 2035 2035 HOH HOH A . 
C 3 HOH 36 2036 2036 HOH HOH A . 
C 3 HOH 37 2037 2037 HOH HOH A . 
# 
loop_
_software.name 
_software.classification 
_software.version 
_software.citation_id 
_software.pdbx_ordinal 
REFMAC refinement       5.2.0019 ? 1 
MOSFLM 'data reduction' .        ? 2 
SCALA  'data scaling'   .        ? 3 
PHASER phasing          .        ? 4 
# 
_cell.entry_id           2VKL 
_cell.length_a           62.269 
_cell.length_b           62.269 
_cell.length_c           37.483 
_cell.angle_alpha        90.00 
_cell.angle_beta         90.00 
_cell.angle_gamma        90.00 
_cell.Z_PDB              8 
_cell.pdbx_unique_axis   ? 
# 
_symmetry.entry_id                         2VKL 
_symmetry.space_group_name_H-M             'P 43 21 2' 
_symmetry.pdbx_full_space_group_name_H-M   ? 
_symmetry.cell_setting                     ? 
_symmetry.Int_Tables_number                96 
# 
_exptl.entry_id          2VKL 
_exptl.method            'X-RAY DIFFRACTION' 
_exptl.crystals_number   1 
# 
_exptl_crystal.id                    1 
_exptl_crystal.density_meas          ? 
_exptl_crystal.density_Matthews      1.8 
_exptl_crystal.density_percent_sol   21.5 
_exptl_crystal.description           NONE 
# 
_exptl_crystal_grow.crystal_id      1 
_exptl_crystal_grow.method          ? 
_exptl_crystal_grow.temp            ? 
_exptl_crystal_grow.temp_details    ? 
_exptl_crystal_grow.pH              9 
_exptl_crystal_grow.pdbx_pH_range   ? 
_exptl_crystal_grow.pdbx_details    '0.1M MMT BUFFER PH 9, 25% W/V PEG 1500' 
# 
_diffrn.id                     1 
_diffrn.ambient_temp           100 
_diffrn.ambient_temp_details   ? 
_diffrn.crystal_id             1 
# 
_diffrn_detector.diffrn_id              1 
_diffrn_detector.detector               'IMAGE PLATE' 
_diffrn_detector.type                   'RIGAKU IMAGE PLATE' 
_diffrn_detector.pdbx_collection_date   2007-10-04 
_diffrn_detector.details                'VARIMAX HF' 
# 
_diffrn_radiation.diffrn_id                        1 
_diffrn_radiation.wavelength_id                    1 
_diffrn_radiation.pdbx_monochromatic_or_laue_m_l   M 
_diffrn_radiation.monochromator                    ? 
_diffrn_radiation.pdbx_diffrn_protocol             'SINGLE WAVELENGTH' 
_diffrn_radiation.pdbx_scattering_type             x-ray 
# 
_diffrn_radiation_wavelength.id           1 
_diffrn_radiation_wavelength.wavelength   1.5418 
_diffrn_radiation_wavelength.wt           1.0 
# 
_diffrn_source.diffrn_id                   1 
_diffrn_source.source                      'ROTATING ANODE' 
_diffrn_source.type                        ? 
_diffrn_source.pdbx_synchrotron_site       ? 
_diffrn_source.pdbx_synchrotron_beamline   ? 
_diffrn_source.pdbx_wavelength             1.5418 
_diffrn_source.pdbx_wavelength_list        ? 
# 
_reflns.pdbx_diffrn_id               1 
_reflns.pdbx_ordinal                 1 
_reflns.entry_id                     2VKL 
_reflns.observed_criterion_sigma_I   -3.7 
_reflns.observed_criterion_sigma_F   ? 
_reflns.d_resolution_low             20.76 
_reflns.d_resolution_high            1.65 
_reflns.number_obs                   9314 
_reflns.number_all                   ? 
_reflns.percent_possible_obs         99.9 
_reflns.pdbx_Rmerge_I_obs            0.05 
_reflns.pdbx_Rsym_value              ? 
_reflns.pdbx_netI_over_sigmaI        23.81 
_reflns.B_iso_Wilson_estimate        25.90 
_reflns.pdbx_redundancy              6.62 
# 
_reflns_shell.pdbx_diffrn_id         1 
_reflns_shell.pdbx_ordinal           1 
_reflns_shell.d_res_high             1.65 
_reflns_shell.d_res_low              1.69 
_reflns_shell.percent_possible_all   100.0 
_reflns_shell.Rmerge_I_obs           0.68 
_reflns_shell.pdbx_Rsym_value        ? 
_reflns_shell.meanI_over_sigI_obs    2.30 
_reflns_shell.pdbx_redundancy        6.47 
# 
_refine.pdbx_refine_id                           'X-RAY DIFFRACTION' 
_refine.entry_id                                 2VKL 
_refine.pdbx_diffrn_id                           1 
_refine.pdbx_TLS_residual_ADP_flag               ? 
_refine.ls_number_reflns_obs                     8844 
_refine.ls_number_reflns_all                     ? 
_refine.pdbx_ls_sigma_I                          ? 
_refine.pdbx_ls_sigma_F                          ? 
_refine.pdbx_data_cutoff_high_absF               ? 
_refine.pdbx_data_cutoff_low_absF                ? 
_refine.pdbx_data_cutoff_high_rms_absF           ? 
_refine.ls_d_res_low                             18.98 
_refine.ls_d_res_high                            1.65 
_refine.ls_percent_reflns_obs                    99.8 
_refine.ls_R_factor_obs                          0.183 
_refine.ls_R_factor_all                          ? 
_refine.ls_R_factor_R_work                       0.180 
_refine.ls_R_factor_R_free                       0.235 
_refine.ls_R_factor_R_free_error                 ? 
_refine.ls_R_factor_R_free_error_details         ? 
_refine.ls_percent_reflns_R_free                 4.700 
_refine.ls_number_reflns_R_free                  439 
_refine.ls_number_parameters                     ? 
_refine.ls_number_restraints                     ? 
_refine.occupancy_min                            ? 
_refine.occupancy_max                            ? 
_refine.correlation_coeff_Fo_to_Fc               0.964 
_refine.correlation_coeff_Fo_to_Fc_free          0.945 
_refine.B_iso_mean                               19.71 
_refine.aniso_B[1][1]                            -0.13000 
_refine.aniso_B[2][2]                            -0.13000 
_refine.aniso_B[3][3]                            0.26000 
_refine.aniso_B[1][2]                            0.00000 
_refine.aniso_B[1][3]                            0.00000 
_refine.aniso_B[2][3]                            0.00000 
_refine.solvent_model_details                    MASK 
_refine.solvent_model_param_ksol                 ? 
_refine.solvent_model_param_bsol                 ? 
_refine.pdbx_solvent_vdw_probe_radii             1.20 
_refine.pdbx_solvent_ion_probe_radii             0.80 
_refine.pdbx_solvent_shrinkage_radii             0.80 
_refine.pdbx_ls_cross_valid_method               THROUGHOUT 
_refine.details                                  'HYDROGENS HAVE BEEN ADDED IN THE RIDING POSITIONS.' 
_refine.pdbx_starting_model                      ? 
_refine.pdbx_method_to_determine_struct          'MOLECULAR REPLACEMENT' 
_refine.pdbx_isotropic_thermal_model             ? 
_refine.pdbx_stereochemistry_target_values       'MAXIMUM LIKELIHOOD' 
_refine.pdbx_stereochem_target_val_spec_case     ? 
_refine.pdbx_R_Free_selection_details            RANDOM 
_refine.pdbx_overall_ESU_R                       0.144 
_refine.pdbx_overall_ESU_R_Free                  0.108 
_refine.overall_SU_ML                            0.064 
_refine.pdbx_overall_phase_error                 ? 
_refine.overall_SU_B                             4.057 
_refine.overall_SU_R_Cruickshank_DPI             ? 
_refine.pdbx_overall_SU_R_free_Cruickshank_DPI   ? 
_refine.pdbx_overall_SU_R_Blow_DPI               ? 
_refine.pdbx_overall_SU_R_free_Blow_DPI          ? 
# 
_refine_hist.pdbx_refine_id                   'X-RAY DIFFRACTION' 
_refine_hist.cycle_id                         LAST 
_refine_hist.pdbx_number_atoms_protein        600 
_refine_hist.pdbx_number_atoms_nucleic_acid   0 
_refine_hist.pdbx_number_atoms_ligand         9 
_refine_hist.number_atoms_solvent             37 
_refine_hist.number_atoms_total               646 
_refine_hist.d_res_high                       1.65 
_refine_hist.d_res_low                        18.98 
# 
loop_
_refine_ls_restr.type 
_refine_ls_restr.dev_ideal 
_refine_ls_restr.dev_ideal_target 
_refine_ls_restr.weight 
_refine_ls_restr.number 
_refine_ls_restr.pdbx_refine_id 
_refine_ls_restr.pdbx_restraint_function 
r_bond_refined_d             0.019  0.022  ? 625  'X-RAY DIFFRACTION' ? 
r_bond_other_d               0.003  0.020  ? 465  'X-RAY DIFFRACTION' ? 
r_angle_refined_deg          1.600  2.031  ? 835  'X-RAY DIFFRACTION' ? 
r_angle_other_deg            1.040  3.000  ? 1122 'X-RAY DIFFRACTION' ? 
r_dihedral_angle_1_deg       5.032  5.000  ? 80   'X-RAY DIFFRACTION' ? 
r_dihedral_angle_2_deg       27.703 20.769 ? 26   'X-RAY DIFFRACTION' ? 
r_dihedral_angle_3_deg       14.951 15.000 ? 130  'X-RAY DIFFRACTION' ? 
r_dihedral_angle_4_deg       22.816 15.000 ? 11   'X-RAY DIFFRACTION' ? 
r_chiral_restr               0.078  0.200  ? 96   'X-RAY DIFFRACTION' ? 
r_gen_planes_refined         0.006  0.020  ? 690  'X-RAY DIFFRACTION' ? 
r_gen_planes_other           0.002  0.020  ? 129  'X-RAY DIFFRACTION' ? 
r_nbd_refined                0.231  0.200  ? 154  'X-RAY DIFFRACTION' ? 
r_nbd_other                  0.197  0.200  ? 493  'X-RAY DIFFRACTION' ? 
r_nbtor_refined              0.173  0.200  ? 311  'X-RAY DIFFRACTION' ? 
r_nbtor_other                0.084  0.200  ? 347  'X-RAY DIFFRACTION' ? 
r_xyhbond_nbd_refined        0.139  0.200  ? 25   'X-RAY DIFFRACTION' ? 
r_xyhbond_nbd_other          ?      ?      ? ?    'X-RAY DIFFRACTION' ? 
r_metal_ion_refined          ?      ?      ? ?    'X-RAY DIFFRACTION' ? 
r_metal_ion_other            ?      ?      ? ?    'X-RAY DIFFRACTION' ? 
r_symmetry_vdw_refined       0.155  0.200  ? 14   'X-RAY DIFFRACTION' ? 
r_symmetry_vdw_other         0.332  0.200  ? 58   'X-RAY DIFFRACTION' ? 
r_symmetry_hbond_refined     0.092  0.200  ? 9    'X-RAY DIFFRACTION' ? 
r_symmetry_hbond_other       ?      ?      ? ?    'X-RAY DIFFRACTION' ? 
r_symmetry_metal_ion_refined ?      ?      ? ?    'X-RAY DIFFRACTION' ? 
r_symmetry_metal_ion_other   ?      ?      ? ?    'X-RAY DIFFRACTION' ? 
r_mcbond_it                  2.198  1.500  ? 511  'X-RAY DIFFRACTION' ? 
r_mcbond_other               ?      ?      ? ?    'X-RAY DIFFRACTION' ? 
r_mcangle_it                 2.586  2.000  ? 620  'X-RAY DIFFRACTION' ? 
r_mcangle_other              ?      ?      ? ?    'X-RAY DIFFRACTION' ? 
r_scbond_it                  4.803  3.000  ? 254  'X-RAY DIFFRACTION' ? 
r_scbond_other               ?      ?      ? ?    'X-RAY DIFFRACTION' ? 
r_scangle_it                 6.303  4.500  ? 215  'X-RAY DIFFRACTION' ? 
r_scangle_other              ?      ?      ? ?    'X-RAY DIFFRACTION' ? 
r_long_range_B_refined       ?      ?      ? ?    'X-RAY DIFFRACTION' ? 
r_long_range_B_other         ?      ?      ? ?    'X-RAY DIFFRACTION' ? 
r_rigid_bond_restr           ?      ?      ? ?    'X-RAY DIFFRACTION' ? 
r_sphericity_free            ?      ?      ? ?    'X-RAY DIFFRACTION' ? 
r_sphericity_bonded          ?      ?      ? ?    'X-RAY DIFFRACTION' ? 
# 
_refine_ls_shell.pdbx_refine_id                   'X-RAY DIFFRACTION' 
_refine_ls_shell.pdbx_total_number_of_bins_used   20 
_refine_ls_shell.d_res_high                       1.65 
_refine_ls_shell.d_res_low                        1.69 
_refine_ls_shell.number_reflns_R_work             630 
_refine_ls_shell.R_factor_R_work                  0.3080 
_refine_ls_shell.percent_reflns_obs               ? 
_refine_ls_shell.R_factor_R_free                  0.4480 
_refine_ls_shell.R_factor_R_free_error            ? 
_refine_ls_shell.percent_reflns_R_free            ? 
_refine_ls_shell.number_reflns_R_free             35 
_refine_ls_shell.number_reflns_all                ? 
_refine_ls_shell.R_factor_all                     ? 
# 
_struct.entry_id                  2VKL 
_struct.title                     
'X-ray crystal structure of the intracellular Chorismate mutase from Mycobactrerium Tuberculosis in complex with malate' 
_struct.pdbx_model_details        ? 
_struct.pdbx_CASP_flag            ? 
_struct.pdbx_model_type_details   ? 
# 
_struct_keywords.entry_id        2VKL 
_struct_keywords.pdbx_keywords   ISOMERASE 
_struct_keywords.text            'HELICAL, TUBERCULOSIS, INTRACELLULAR, CHORISMATE MUTASE, ISOMERASE' 
# 
loop_
_struct_asym.id 
_struct_asym.pdbx_blank_PDB_chainid_flag 
_struct_asym.pdbx_modified 
_struct_asym.entity_id 
_struct_asym.details 
A N N 1 ? 
B N N 2 ? 
C N N 3 ? 
# 
_struct_ref.id                         1 
_struct_ref.db_name                    UNP 
_struct_ref.db_code                    Y948_MYCTU 
_struct_ref.entity_id                  1 
_struct_ref.pdbx_seq_one_letter_code   ? 
_struct_ref.pdbx_align_begin           ? 
_struct_ref.pdbx_db_accession          P64767 
_struct_ref.pdbx_db_isoform            ? 
# 
_struct_ref_seq.align_id                      1 
_struct_ref_seq.ref_id                        1 
_struct_ref_seq.pdbx_PDB_id_code              2VKL 
_struct_ref_seq.pdbx_strand_id                A 
_struct_ref_seq.seq_align_beg                 1 
_struct_ref_seq.pdbx_seq_align_beg_ins_code   ? 
_struct_ref_seq.seq_align_end                 90 
_struct_ref_seq.pdbx_seq_align_end_ins_code   ? 
_struct_ref_seq.pdbx_db_accession             P64767 
_struct_ref_seq.db_align_beg                  16 
_struct_ref_seq.pdbx_db_align_beg_ins_code    ? 
_struct_ref_seq.db_align_end                  105 
_struct_ref_seq.pdbx_db_align_end_ins_code    ? 
_struct_ref_seq.pdbx_auth_seq_align_beg       1 
_struct_ref_seq.pdbx_auth_seq_align_end       90 
# 
_pdbx_struct_assembly.id                   1 
_pdbx_struct_assembly.details              author_and_software_defined_assembly 
_pdbx_struct_assembly.method_details       PQS 
_pdbx_struct_assembly.oligomeric_details   dimeric 
_pdbx_struct_assembly.oligomeric_count     2 
# 
loop_
_pdbx_struct_assembly_prop.biol_id 
_pdbx_struct_assembly_prop.type 
_pdbx_struct_assembly_prop.value 
_pdbx_struct_assembly_prop.details 
1 'ABSA (A^2)' 4790  ? 
1 MORE         -32.4 ? 
1 'SSA (A^2)'  10040 ? 
# 
_pdbx_struct_assembly_gen.assembly_id       1 
_pdbx_struct_assembly_gen.oper_expression   1,2 
_pdbx_struct_assembly_gen.asym_id_list      A,B,C 
# 
loop_
_pdbx_struct_oper_list.id 
_pdbx_struct_oper_list.type 
_pdbx_struct_oper_list.name 
_pdbx_struct_oper_list.symmetry_operation 
_pdbx_struct_oper_list.matrix[1][1] 
_pdbx_struct_oper_list.matrix[1][2] 
_pdbx_struct_oper_list.matrix[1][3] 
_pdbx_struct_oper_list.vector[1] 
_pdbx_struct_oper_list.matrix[2][1] 
_pdbx_struct_oper_list.matrix[2][2] 
_pdbx_struct_oper_list.matrix[2][3] 
_pdbx_struct_oper_list.vector[2] 
_pdbx_struct_oper_list.matrix[3][1] 
_pdbx_struct_oper_list.matrix[3][2] 
_pdbx_struct_oper_list.matrix[3][3] 
_pdbx_struct_oper_list.vector[3] 
1 'identity operation'         1_555 x,y,z  1.0000000000 0.0000000000 0.0000000000 0.0000000000  0.0000000000 1.0000000000  0.0000000000 0.0000000000  0.0000000000 0.0000000000 1.0000000000  0.0000000000 
2 'crystal symmetry operation' 7_555 y,x,-z 0.4505660251 0.5495355216 0.7035630516 -0.4768716521 0.5495355216 -0.7918127929 0.2665393246 -9.0944382959 0.7035630516 0.2665393246 -0.6587532322 8.0866252102 
# 
_struct_biol.id   1 
# 
loop_
_struct_conf.conf_type_id 
_struct_conf.id 
_struct_conf.pdbx_PDB_helix_id 
_struct_conf.beg_label_comp_id 
_struct_conf.beg_label_asym_id 
_struct_conf.beg_label_seq_id 
_struct_conf.pdbx_beg_PDB_ins_code 
_struct_conf.end_label_comp_id 
_struct_conf.end_label_asym_id 
_struct_conf.end_label_seq_id 
_struct_conf.pdbx_end_PDB_ins_code 
_struct_conf.beg_auth_comp_id 
_struct_conf.beg_auth_asym_id 
_struct_conf.beg_auth_seq_id 
_struct_conf.end_auth_comp_id 
_struct_conf.end_auth_asym_id 
_struct_conf.end_auth_seq_id 
_struct_conf.pdbx_PDB_helix_class 
_struct_conf.details 
_struct_conf.pdbx_PDB_helix_length 
HELX_P HELX_P1 1 GLU A 13 ? GLY A 50 ? GLU A 13 GLY A 50 1 ? 38 
HELX_P HELX_P2 2 SER A 57 ? GLU A 68 ? SER A 57 GLU A 68 1 ? 12 
HELX_P HELX_P3 3 GLY A 70 ? GLY A 84 ? GLY A 70 GLY A 84 1 ? 15 
# 
_struct_conf_type.id          HELX_P 
_struct_conf_type.criteria    ? 
_struct_conf_type.reference   ? 
# 
_struct_site.id                   AC1 
_struct_site.pdbx_evidence_code   Software 
_struct_site.pdbx_auth_asym_id    A 
_struct_site.pdbx_auth_comp_id    MLT 
_struct_site.pdbx_auth_seq_id     1090 
_struct_site.pdbx_auth_ins_code   ? 
_struct_site.pdbx_num_residues    9 
_struct_site.details              'BINDING SITE FOR RESIDUE MLT A 1090' 
# 
loop_
_struct_site_gen.id 
_struct_site_gen.site_id 
_struct_site_gen.pdbx_num_res 
_struct_site_gen.label_comp_id 
_struct_site_gen.label_asym_id 
_struct_site_gen.label_seq_id 
_struct_site_gen.pdbx_auth_ins_code 
_struct_site_gen.auth_comp_id 
_struct_site_gen.auth_asym_id 
_struct_site_gen.auth_seq_id 
_struct_site_gen.label_atom_id 
_struct_site_gen.label_alt_id 
_struct_site_gen.symmetry 
_struct_site_gen.details 
1 AC1 9 ARG A 18 ? ARG A 18   . ? 7_555 ? 
2 AC1 9 ARG A 35 ? ARG A 35   . ? 1_555 ? 
3 AC1 9 SER A 39 ? SER A 39   . ? 1_555 ? 
4 AC1 9 ILE A 42 ? ILE A 42   . ? 1_555 ? 
5 AC1 9 ARG A 58 ? ARG A 58   . ? 1_555 ? 
6 AC1 9 LEU A 81 ? LEU A 81   . ? 1_555 ? 
7 AC1 9 HOH C .  ? HOH A 2035 . ? 1_555 ? 
8 AC1 9 HOH C .  ? HOH A 2036 . ? 1_555 ? 
9 AC1 9 HOH C .  ? HOH A 2037 . ? 1_555 ? 
# 
loop_
_pdbx_validate_torsion.id 
_pdbx_validate_torsion.PDB_model_num 
_pdbx_validate_torsion.auth_comp_id 
_pdbx_validate_torsion.auth_asym_id 
_pdbx_validate_torsion.auth_seq_id 
_pdbx_validate_torsion.PDB_ins_code 
_pdbx_validate_torsion.label_alt_id 
_pdbx_validate_torsion.phi 
_pdbx_validate_torsion.psi 
1 1 LEU A 54 ? ? -92.90  58.39  
2 1 LEU A 54 ? ? -92.90  59.52  
3 1 SER A 57 ? ? -106.43 -85.68 
# 
_pdbx_validate_chiral.id              1 
_pdbx_validate_chiral.PDB_model_num   1 
_pdbx_validate_chiral.auth_atom_id    C2 
_pdbx_validate_chiral.label_alt_id    ? 
_pdbx_validate_chiral.auth_asym_id    A 
_pdbx_validate_chiral.auth_comp_id    MLT 
_pdbx_validate_chiral.auth_seq_id     1090 
_pdbx_validate_chiral.PDB_ins_code    ? 
_pdbx_validate_chiral.details         'WRONG HAND' 
_pdbx_validate_chiral.omega           . 
# 
loop_
_pdbx_struct_special_symmetry.id 
_pdbx_struct_special_symmetry.PDB_model_num 
_pdbx_struct_special_symmetry.auth_asym_id 
_pdbx_struct_special_symmetry.auth_comp_id 
_pdbx_struct_special_symmetry.auth_seq_id 
_pdbx_struct_special_symmetry.PDB_ins_code 
_pdbx_struct_special_symmetry.label_asym_id 
_pdbx_struct_special_symmetry.label_comp_id 
_pdbx_struct_special_symmetry.label_seq_id 
1 1 A HOH 2011 ? C HOH . 
2 1 A HOH 2033 ? C HOH . 
# 
loop_
_pdbx_unobs_or_zero_occ_residues.id 
_pdbx_unobs_or_zero_occ_residues.PDB_model_num 
_pdbx_unobs_or_zero_occ_residues.polymer_flag 
_pdbx_unobs_or_zero_occ_residues.occupancy_flag 
_pdbx_unobs_or_zero_occ_residues.auth_asym_id 
_pdbx_unobs_or_zero_occ_residues.auth_comp_id 
_pdbx_unobs_or_zero_occ_residues.auth_seq_id 
_pdbx_unobs_or_zero_occ_residues.PDB_ins_code 
_pdbx_unobs_or_zero_occ_residues.label_asym_id 
_pdbx_unobs_or_zero_occ_residues.label_comp_id 
_pdbx_unobs_or_zero_occ_residues.label_seq_id 
1  1 Y 1 A MET 1  ? A MET 1  
2  1 Y 1 A ASN 2  ? A ASN 2  
3  1 Y 1 A LEU 3  ? A LEU 3  
4  1 Y 1 A GLU 4  ? A GLU 4  
5  1 Y 1 A MET 5  ? A MET 5  
6  1 Y 1 A LEU 6  ? A LEU 6  
7  1 Y 1 A GLU 7  ? A GLU 7  
8  1 Y 1 A SER 8  ? A SER 8  
9  1 Y 1 A GLN 9  ? A GLN 9  
10 1 Y 1 A PRO 10 ? A PRO 10 
11 1 Y 1 A VAL 11 ? A VAL 11 
12 1 Y 1 A PRO 12 ? A PRO 12 
13 1 Y 1 A HIS 90 ? A HIS 90 
# 
loop_
_chem_comp_atom.comp_id 
_chem_comp_atom.atom_id 
_chem_comp_atom.type_symbol 
_chem_comp_atom.pdbx_aromatic_flag 
_chem_comp_atom.pdbx_stereo_config 
_chem_comp_atom.pdbx_ordinal 
ALA N    N N N 1   
ALA CA   C N S 2   
ALA C    C N N 3   
ALA O    O N N 4   
ALA CB   C N N 5   
ALA OXT  O N N 6   
ALA H    H N N 7   
ALA H2   H N N 8   
ALA HA   H N N 9   
ALA HB1  H N N 10  
ALA HB2  H N N 11  
ALA HB3  H N N 12  
ALA HXT  H N N 13  
ARG N    N N N 14  
ARG CA   C N S 15  
ARG C    C N N 16  
ARG O    O N N 17  
ARG CB   C N N 18  
ARG CG   C N N 19  
ARG CD   C N N 20  
ARG NE   N N N 21  
ARG CZ   C N N 22  
ARG NH1  N N N 23  
ARG NH2  N N N 24  
ARG OXT  O N N 25  
ARG H    H N N 26  
ARG H2   H N N 27  
ARG HA   H N N 28  
ARG HB2  H N N 29  
ARG HB3  H N N 30  
ARG HG2  H N N 31  
ARG HG3  H N N 32  
ARG HD2  H N N 33  
ARG HD3  H N N 34  
ARG HE   H N N 35  
ARG HH11 H N N 36  
ARG HH12 H N N 37  
ARG HH21 H N N 38  
ARG HH22 H N N 39  
ARG HXT  H N N 40  
ASN N    N N N 41  
ASN CA   C N S 42  
ASN C    C N N 43  
ASN O    O N N 44  
ASN CB   C N N 45  
ASN CG   C N N 46  
ASN OD1  O N N 47  
ASN ND2  N N N 48  
ASN OXT  O N N 49  
ASN H    H N N 50  
ASN H2   H N N 51  
ASN HA   H N N 52  
ASN HB2  H N N 53  
ASN HB3  H N N 54  
ASN HD21 H N N 55  
ASN HD22 H N N 56  
ASN HXT  H N N 57  
ASP N    N N N 58  
ASP CA   C N S 59  
ASP C    C N N 60  
ASP O    O N N 61  
ASP CB   C N N 62  
ASP CG   C N N 63  
ASP OD1  O N N 64  
ASP OD2  O N N 65  
ASP OXT  O N N 66  
ASP H    H N N 67  
ASP H2   H N N 68  
ASP HA   H N N 69  
ASP HB2  H N N 70  
ASP HB3  H N N 71  
ASP HD2  H N N 72  
ASP HXT  H N N 73  
GLN N    N N N 74  
GLN CA   C N S 75  
GLN C    C N N 76  
GLN O    O N N 77  
GLN CB   C N N 78  
GLN CG   C N N 79  
GLN CD   C N N 80  
GLN OE1  O N N 81  
GLN NE2  N N N 82  
GLN OXT  O N N 83  
GLN H    H N N 84  
GLN H2   H N N 85  
GLN HA   H N N 86  
GLN HB2  H N N 87  
GLN HB3  H N N 88  
GLN HG2  H N N 89  
GLN HG3  H N N 90  
GLN HE21 H N N 91  
GLN HE22 H N N 92  
GLN HXT  H N N 93  
GLU N    N N N 94  
GLU CA   C N S 95  
GLU C    C N N 96  
GLU O    O N N 97  
GLU CB   C N N 98  
GLU CG   C N N 99  
GLU CD   C N N 100 
GLU OE1  O N N 101 
GLU OE2  O N N 102 
GLU OXT  O N N 103 
GLU H    H N N 104 
GLU H2   H N N 105 
GLU HA   H N N 106 
GLU HB2  H N N 107 
GLU HB3  H N N 108 
GLU HG2  H N N 109 
GLU HG3  H N N 110 
GLU HE2  H N N 111 
GLU HXT  H N N 112 
GLY N    N N N 113 
GLY CA   C N N 114 
GLY C    C N N 115 
GLY O    O N N 116 
GLY OXT  O N N 117 
GLY H    H N N 118 
GLY H2   H N N 119 
GLY HA2  H N N 120 
GLY HA3  H N N 121 
GLY HXT  H N N 122 
HIS N    N N N 123 
HIS CA   C N S 124 
HIS C    C N N 125 
HIS O    O N N 126 
HIS CB   C N N 127 
HIS CG   C Y N 128 
HIS ND1  N Y N 129 
HIS CD2  C Y N 130 
HIS CE1  C Y N 131 
HIS NE2  N Y N 132 
HIS OXT  O N N 133 
HIS H    H N N 134 
HIS H2   H N N 135 
HIS HA   H N N 136 
HIS HB2  H N N 137 
HIS HB3  H N N 138 
HIS HD1  H N N 139 
HIS HD2  H N N 140 
HIS HE1  H N N 141 
HIS HE2  H N N 142 
HIS HXT  H N N 143 
HOH O    O N N 144 
HOH H1   H N N 145 
HOH H2   H N N 146 
ILE N    N N N 147 
ILE CA   C N S 148 
ILE C    C N N 149 
ILE O    O N N 150 
ILE CB   C N S 151 
ILE CG1  C N N 152 
ILE CG2  C N N 153 
ILE CD1  C N N 154 
ILE OXT  O N N 155 
ILE H    H N N 156 
ILE H2   H N N 157 
ILE HA   H N N 158 
ILE HB   H N N 159 
ILE HG12 H N N 160 
ILE HG13 H N N 161 
ILE HG21 H N N 162 
ILE HG22 H N N 163 
ILE HG23 H N N 164 
ILE HD11 H N N 165 
ILE HD12 H N N 166 
ILE HD13 H N N 167 
ILE HXT  H N N 168 
LEU N    N N N 169 
LEU CA   C N S 170 
LEU C    C N N 171 
LEU O    O N N 172 
LEU CB   C N N 173 
LEU CG   C N N 174 
LEU CD1  C N N 175 
LEU CD2  C N N 176 
LEU OXT  O N N 177 
LEU H    H N N 178 
LEU H2   H N N 179 
LEU HA   H N N 180 
LEU HB2  H N N 181 
LEU HB3  H N N 182 
LEU HG   H N N 183 
LEU HD11 H N N 184 
LEU HD12 H N N 185 
LEU HD13 H N N 186 
LEU HD21 H N N 187 
LEU HD22 H N N 188 
LEU HD23 H N N 189 
LEU HXT  H N N 190 
LYS N    N N N 191 
LYS CA   C N S 192 
LYS C    C N N 193 
LYS O    O N N 194 
LYS CB   C N N 195 
LYS CG   C N N 196 
LYS CD   C N N 197 
LYS CE   C N N 198 
LYS NZ   N N N 199 
LYS OXT  O N N 200 
LYS H    H N N 201 
LYS H2   H N N 202 
LYS HA   H N N 203 
LYS HB2  H N N 204 
LYS HB3  H N N 205 
LYS HG2  H N N 206 
LYS HG3  H N N 207 
LYS HD2  H N N 208 
LYS HD3  H N N 209 
LYS HE2  H N N 210 
LYS HE3  H N N 211 
LYS HZ1  H N N 212 
LYS HZ2  H N N 213 
LYS HZ3  H N N 214 
LYS HXT  H N N 215 
MET N    N N N 216 
MET CA   C N S 217 
MET C    C N N 218 
MET O    O N N 219 
MET CB   C N N 220 
MET CG   C N N 221 
MET SD   S N N 222 
MET CE   C N N 223 
MET OXT  O N N 224 
MET H    H N N 225 
MET H2   H N N 226 
MET HA   H N N 227 
MET HB2  H N N 228 
MET HB3  H N N 229 
MET HG2  H N N 230 
MET HG3  H N N 231 
MET HE1  H N N 232 
MET HE2  H N N 233 
MET HE3  H N N 234 
MET HXT  H N N 235 
MLT C1   C N N 236 
MLT O1   O N N 237 
MLT O2   O N N 238 
MLT C2   C N R 239 
MLT O3   O N N 240 
MLT C3   C N N 241 
MLT C4   C N N 242 
MLT O4   O N N 243 
MLT O5   O N N 244 
MLT H2   H N N 245 
MLT HO3  H N N 246 
MLT H31  H N N 247 
MLT H32  H N N 248 
MLT HO5  H N N 249 
MLT H6   H N N 250 
PRO N    N N N 251 
PRO CA   C N S 252 
PRO C    C N N 253 
PRO O    O N N 254 
PRO CB   C N N 255 
PRO CG   C N N 256 
PRO CD   C N N 257 
PRO OXT  O N N 258 
PRO H    H N N 259 
PRO HA   H N N 260 
PRO HB2  H N N 261 
PRO HB3  H N N 262 
PRO HG2  H N N 263 
PRO HG3  H N N 264 
PRO HD2  H N N 265 
PRO HD3  H N N 266 
PRO HXT  H N N 267 
SER N    N N N 268 
SER CA   C N S 269 
SER C    C N N 270 
SER O    O N N 271 
SER CB   C N N 272 
SER OG   O N N 273 
SER OXT  O N N 274 
SER H    H N N 275 
SER H2   H N N 276 
SER HA   H N N 277 
SER HB2  H N N 278 
SER HB3  H N N 279 
SER HG   H N N 280 
SER HXT  H N N 281 
THR N    N N N 282 
THR CA   C N S 283 
THR C    C N N 284 
THR O    O N N 285 
THR CB   C N R 286 
THR OG1  O N N 287 
THR CG2  C N N 288 
THR OXT  O N N 289 
THR H    H N N 290 
THR H2   H N N 291 
THR HA   H N N 292 
THR HB   H N N 293 
THR HG1  H N N 294 
THR HG21 H N N 295 
THR HG22 H N N 296 
THR HG23 H N N 297 
THR HXT  H N N 298 
TYR N    N N N 299 
TYR CA   C N S 300 
TYR C    C N N 301 
TYR O    O N N 302 
TYR CB   C N N 303 
TYR CG   C Y N 304 
TYR CD1  C Y N 305 
TYR CD2  C Y N 306 
TYR CE1  C Y N 307 
TYR CE2  C Y N 308 
TYR CZ   C Y N 309 
TYR OH   O N N 310 
TYR OXT  O N N 311 
TYR H    H N N 312 
TYR H2   H N N 313 
TYR HA   H N N 314 
TYR HB2  H N N 315 
TYR HB3  H N N 316 
TYR HD1  H N N 317 
TYR HD2  H N N 318 
TYR HE1  H N N 319 
TYR HE2  H N N 320 
TYR HH   H N N 321 
TYR HXT  H N N 322 
VAL N    N N N 323 
VAL CA   C N S 324 
VAL C    C N N 325 
VAL O    O N N 326 
VAL CB   C N N 327 
VAL CG1  C N N 328 
VAL CG2  C N N 329 
VAL OXT  O N N 330 
VAL H    H N N 331 
VAL H2   H N N 332 
VAL HA   H N N 333 
VAL HB   H N N 334 
VAL HG11 H N N 335 
VAL HG12 H N N 336 
VAL HG13 H N N 337 
VAL HG21 H N N 338 
VAL HG22 H N N 339 
VAL HG23 H N N 340 
VAL HXT  H N N 341 
# 
loop_
_chem_comp_bond.comp_id 
_chem_comp_bond.atom_id_1 
_chem_comp_bond.atom_id_2 
_chem_comp_bond.value_order 
_chem_comp_bond.pdbx_aromatic_flag 
_chem_comp_bond.pdbx_stereo_config 
_chem_comp_bond.pdbx_ordinal 
ALA N   CA   sing N N 1   
ALA N   H    sing N N 2   
ALA N   H2   sing N N 3   
ALA CA  C    sing N N 4   
ALA CA  CB   sing N N 5   
ALA CA  HA   sing N N 6   
ALA C   O    doub N N 7   
ALA C   OXT  sing N N 8   
ALA CB  HB1  sing N N 9   
ALA CB  HB2  sing N N 10  
ALA CB  HB3  sing N N 11  
ALA OXT HXT  sing N N 12  
ARG N   CA   sing N N 13  
ARG N   H    sing N N 14  
ARG N   H2   sing N N 15  
ARG CA  C    sing N N 16  
ARG CA  CB   sing N N 17  
ARG CA  HA   sing N N 18  
ARG C   O    doub N N 19  
ARG C   OXT  sing N N 20  
ARG CB  CG   sing N N 21  
ARG CB  HB2  sing N N 22  
ARG CB  HB3  sing N N 23  
ARG CG  CD   sing N N 24  
ARG CG  HG2  sing N N 25  
ARG CG  HG3  sing N N 26  
ARG CD  NE   sing N N 27  
ARG CD  HD2  sing N N 28  
ARG CD  HD3  sing N N 29  
ARG NE  CZ   sing N N 30  
ARG NE  HE   sing N N 31  
ARG CZ  NH1  sing N N 32  
ARG CZ  NH2  doub N N 33  
ARG NH1 HH11 sing N N 34  
ARG NH1 HH12 sing N N 35  
ARG NH2 HH21 sing N N 36  
ARG NH2 HH22 sing N N 37  
ARG OXT HXT  sing N N 38  
ASN N   CA   sing N N 39  
ASN N   H    sing N N 40  
ASN N   H2   sing N N 41  
ASN CA  C    sing N N 42  
ASN CA  CB   sing N N 43  
ASN CA  HA   sing N N 44  
ASN C   O    doub N N 45  
ASN C   OXT  sing N N 46  
ASN CB  CG   sing N N 47  
ASN CB  HB2  sing N N 48  
ASN CB  HB3  sing N N 49  
ASN CG  OD1  doub N N 50  
ASN CG  ND2  sing N N 51  
ASN ND2 HD21 sing N N 52  
ASN ND2 HD22 sing N N 53  
ASN OXT HXT  sing N N 54  
ASP N   CA   sing N N 55  
ASP N   H    sing N N 56  
ASP N   H2   sing N N 57  
ASP CA  C    sing N N 58  
ASP CA  CB   sing N N 59  
ASP CA  HA   sing N N 60  
ASP C   O    doub N N 61  
ASP C   OXT  sing N N 62  
ASP CB  CG   sing N N 63  
ASP CB  HB2  sing N N 64  
ASP CB  HB3  sing N N 65  
ASP CG  OD1  doub N N 66  
ASP CG  OD2  sing N N 67  
ASP OD2 HD2  sing N N 68  
ASP OXT HXT  sing N N 69  
GLN N   CA   sing N N 70  
GLN N   H    sing N N 71  
GLN N   H2   sing N N 72  
GLN CA  C    sing N N 73  
GLN CA  CB   sing N N 74  
GLN CA  HA   sing N N 75  
GLN C   O    doub N N 76  
GLN C   OXT  sing N N 77  
GLN CB  CG   sing N N 78  
GLN CB  HB2  sing N N 79  
GLN CB  HB3  sing N N 80  
GLN CG  CD   sing N N 81  
GLN CG  HG2  sing N N 82  
GLN CG  HG3  sing N N 83  
GLN CD  OE1  doub N N 84  
GLN CD  NE2  sing N N 85  
GLN NE2 HE21 sing N N 86  
GLN NE2 HE22 sing N N 87  
GLN OXT HXT  sing N N 88  
GLU N   CA   sing N N 89  
GLU N   H    sing N N 90  
GLU N   H2   sing N N 91  
GLU CA  C    sing N N 92  
GLU CA  CB   sing N N 93  
GLU CA  HA   sing N N 94  
GLU C   O    doub N N 95  
GLU C   OXT  sing N N 96  
GLU CB  CG   sing N N 97  
GLU CB  HB2  sing N N 98  
GLU CB  HB3  sing N N 99  
GLU CG  CD   sing N N 100 
GLU CG  HG2  sing N N 101 
GLU CG  HG3  sing N N 102 
GLU CD  OE1  doub N N 103 
GLU CD  OE2  sing N N 104 
GLU OE2 HE2  sing N N 105 
GLU OXT HXT  sing N N 106 
GLY N   CA   sing N N 107 
GLY N   H    sing N N 108 
GLY N   H2   sing N N 109 
GLY CA  C    sing N N 110 
GLY CA  HA2  sing N N 111 
GLY CA  HA3  sing N N 112 
GLY C   O    doub N N 113 
GLY C   OXT  sing N N 114 
GLY OXT HXT  sing N N 115 
HIS N   CA   sing N N 116 
HIS N   H    sing N N 117 
HIS N   H2   sing N N 118 
HIS CA  C    sing N N 119 
HIS CA  CB   sing N N 120 
HIS CA  HA   sing N N 121 
HIS C   O    doub N N 122 
HIS C   OXT  sing N N 123 
HIS CB  CG   sing N N 124 
HIS CB  HB2  sing N N 125 
HIS CB  HB3  sing N N 126 
HIS CG  ND1  sing Y N 127 
HIS CG  CD2  doub Y N 128 
HIS ND1 CE1  doub Y N 129 
HIS ND1 HD1  sing N N 130 
HIS CD2 NE2  sing Y N 131 
HIS CD2 HD2  sing N N 132 
HIS CE1 NE2  sing Y N 133 
HIS CE1 HE1  sing N N 134 
HIS NE2 HE2  sing N N 135 
HIS OXT HXT  sing N N 136 
HOH O   H1   sing N N 137 
HOH O   H2   sing N N 138 
ILE N   CA   sing N N 139 
ILE N   H    sing N N 140 
ILE N   H2   sing N N 141 
ILE CA  C    sing N N 142 
ILE CA  CB   sing N N 143 
ILE CA  HA   sing N N 144 
ILE C   O    doub N N 145 
ILE C   OXT  sing N N 146 
ILE CB  CG1  sing N N 147 
ILE CB  CG2  sing N N 148 
ILE CB  HB   sing N N 149 
ILE CG1 CD1  sing N N 150 
ILE CG1 HG12 sing N N 151 
ILE CG1 HG13 sing N N 152 
ILE CG2 HG21 sing N N 153 
ILE CG2 HG22 sing N N 154 
ILE CG2 HG23 sing N N 155 
ILE CD1 HD11 sing N N 156 
ILE CD1 HD12 sing N N 157 
ILE CD1 HD13 sing N N 158 
ILE OXT HXT  sing N N 159 
LEU N   CA   sing N N 160 
LEU N   H    sing N N 161 
LEU N   H2   sing N N 162 
LEU CA  C    sing N N 163 
LEU CA  CB   sing N N 164 
LEU CA  HA   sing N N 165 
LEU C   O    doub N N 166 
LEU C   OXT  sing N N 167 
LEU CB  CG   sing N N 168 
LEU CB  HB2  sing N N 169 
LEU CB  HB3  sing N N 170 
LEU CG  CD1  sing N N 171 
LEU CG  CD2  sing N N 172 
LEU CG  HG   sing N N 173 
LEU CD1 HD11 sing N N 174 
LEU CD1 HD12 sing N N 175 
LEU CD1 HD13 sing N N 176 
LEU CD2 HD21 sing N N 177 
LEU CD2 HD22 sing N N 178 
LEU CD2 HD23 sing N N 179 
LEU OXT HXT  sing N N 180 
LYS N   CA   sing N N 181 
LYS N   H    sing N N 182 
LYS N   H2   sing N N 183 
LYS CA  C    sing N N 184 
LYS CA  CB   sing N N 185 
LYS CA  HA   sing N N 186 
LYS C   O    doub N N 187 
LYS C   OXT  sing N N 188 
LYS CB  CG   sing N N 189 
LYS CB  HB2  sing N N 190 
LYS CB  HB3  sing N N 191 
LYS CG  CD   sing N N 192 
LYS CG  HG2  sing N N 193 
LYS CG  HG3  sing N N 194 
LYS CD  CE   sing N N 195 
LYS CD  HD2  sing N N 196 
LYS CD  HD3  sing N N 197 
LYS CE  NZ   sing N N 198 
LYS CE  HE2  sing N N 199 
LYS CE  HE3  sing N N 200 
LYS NZ  HZ1  sing N N 201 
LYS NZ  HZ2  sing N N 202 
LYS NZ  HZ3  sing N N 203 
LYS OXT HXT  sing N N 204 
MET N   CA   sing N N 205 
MET N   H    sing N N 206 
MET N   H2   sing N N 207 
MET CA  C    sing N N 208 
MET CA  CB   sing N N 209 
MET CA  HA   sing N N 210 
MET C   O    doub N N 211 
MET C   OXT  sing N N 212 
MET CB  CG   sing N N 213 
MET CB  HB2  sing N N 214 
MET CB  HB3  sing N N 215 
MET CG  SD   sing N N 216 
MET CG  HG2  sing N N 217 
MET CG  HG3  sing N N 218 
MET SD  CE   sing N N 219 
MET CE  HE1  sing N N 220 
MET CE  HE2  sing N N 221 
MET CE  HE3  sing N N 222 
MET OXT HXT  sing N N 223 
MLT C1  O1   doub N N 224 
MLT C1  O2   sing N N 225 
MLT C1  C2   sing N N 226 
MLT C2  O3   sing N N 227 
MLT C2  C3   sing N N 228 
MLT C2  H2   sing N N 229 
MLT O3  HO3  sing N N 230 
MLT C3  C4   sing N N 231 
MLT C3  H31  sing N N 232 
MLT C3  H32  sing N N 233 
MLT C4  O4   doub N N 234 
MLT C4  O5   sing N N 235 
MLT O5  HO5  sing N N 236 
MLT O2  H6   sing N N 237 
PRO N   CA   sing N N 238 
PRO N   CD   sing N N 239 
PRO N   H    sing N N 240 
PRO CA  C    sing N N 241 
PRO CA  CB   sing N N 242 
PRO CA  HA   sing N N 243 
PRO C   O    doub N N 244 
PRO C   OXT  sing N N 245 
PRO CB  CG   sing N N 246 
PRO CB  HB2  sing N N 247 
PRO CB  HB3  sing N N 248 
PRO CG  CD   sing N N 249 
PRO CG  HG2  sing N N 250 
PRO CG  HG3  sing N N 251 
PRO CD  HD2  sing N N 252 
PRO CD  HD3  sing N N 253 
PRO OXT HXT  sing N N 254 
SER N   CA   sing N N 255 
SER N   H    sing N N 256 
SER N   H2   sing N N 257 
SER CA  C    sing N N 258 
SER CA  CB   sing N N 259 
SER CA  HA   sing N N 260 
SER C   O    doub N N 261 
SER C   OXT  sing N N 262 
SER CB  OG   sing N N 263 
SER CB  HB2  sing N N 264 
SER CB  HB3  sing N N 265 
SER OG  HG   sing N N 266 
SER OXT HXT  sing N N 267 
THR N   CA   sing N N 268 
THR N   H    sing N N 269 
THR N   H2   sing N N 270 
THR CA  C    sing N N 271 
THR CA  CB   sing N N 272 
THR CA  HA   sing N N 273 
THR C   O    doub N N 274 
THR C   OXT  sing N N 275 
THR CB  OG1  sing N N 276 
THR CB  CG2  sing N N 277 
THR CB  HB   sing N N 278 
THR OG1 HG1  sing N N 279 
THR CG2 HG21 sing N N 280 
THR CG2 HG22 sing N N 281 
THR CG2 HG23 sing N N 282 
THR OXT HXT  sing N N 283 
TYR N   CA   sing N N 284 
TYR N   H    sing N N 285 
TYR N   H2   sing N N 286 
TYR CA  C    sing N N 287 
TYR CA  CB   sing N N 288 
TYR CA  HA   sing N N 289 
TYR C   O    doub N N 290 
TYR C   OXT  sing N N 291 
TYR CB  CG   sing N N 292 
TYR CB  HB2  sing N N 293 
TYR CB  HB3  sing N N 294 
TYR CG  CD1  doub Y N 295 
TYR CG  CD2  sing Y N 296 
TYR CD1 CE1  sing Y N 297 
TYR CD1 HD1  sing N N 298 
TYR CD2 CE2  doub Y N 299 
TYR CD2 HD2  sing N N 300 
TYR CE1 CZ   doub Y N 301 
TYR CE1 HE1  sing N N 302 
TYR CE2 CZ   sing Y N 303 
TYR CE2 HE2  sing N N 304 
TYR CZ  OH   sing N N 305 
TYR OH  HH   sing N N 306 
TYR OXT HXT  sing N N 307 
VAL N   CA   sing N N 308 
VAL N   H    sing N N 309 
VAL N   H2   sing N N 310 
VAL CA  C    sing N N 311 
VAL CA  CB   sing N N 312 
VAL CA  HA   sing N N 313 
VAL C   O    doub N N 314 
VAL C   OXT  sing N N 315 
VAL CB  CG1  sing N N 316 
VAL CB  CG2  sing N N 317 
VAL CB  HB   sing N N 318 
VAL CG1 HG11 sing N N 319 
VAL CG1 HG12 sing N N 320 
VAL CG1 HG13 sing N N 321 
VAL CG2 HG21 sing N N 322 
VAL CG2 HG22 sing N N 323 
VAL CG2 HG23 sing N N 324 
VAL OXT HXT  sing N N 325 
# 
_atom_sites.entry_id                    2VKL 
_atom_sites.fract_transf_matrix[1][1]   0.01375308 
_atom_sites.fract_transf_matrix[1][2]   -0.00693161 
_atom_sites.fract_transf_matrix[1][3]   0.00454939 
_atom_sites.fract_transf_matrix[2][1]   0.00558829 
_atom_sites.fract_transf_matrix[2][2]   0.01425894 
_atom_sites.fract_transf_matrix[2][3]   0.00483169 
_atom_sites.fract_transf_matrix[3][1]   -0.01017548 
_atom_sites.fract_transf_matrix[3][2]   -0.00424430 
_atom_sites.fract_transf_matrix[3][3]   0.02429433 
_atom_sites.fract_transf_vector[1]      -0.169230 
_atom_sites.fract_transf_vector[2]      -0.075960 
_atom_sites.fract_transf_vector[3]      -0.119956 
# 
loop_
_atom_type.symbol 
C 
N 
O 
S 
# 
loop_
_atom_site.group_PDB 
_atom_site.id 
_atom_site.type_symbol 
_atom_site.label_atom_id 
_atom_site.label_alt_id 
_atom_site.label_comp_id 
_atom_site.label_asym_id 
_atom_site.label_entity_id 
_atom_site.label_seq_id 
_atom_site.pdbx_PDB_ins_code 
_atom_site.Cartn_x 
_atom_site.Cartn_y 
_atom_site.Cartn_z 
_atom_site.occupancy 
_atom_site.B_iso_or_equiv 
_atom_site.pdbx_formal_charge 
_atom_site.auth_seq_id 
_atom_site.auth_comp_id 
_atom_site.auth_asym_id 
_atom_site.auth_atom_id 
_atom_site.pdbx_PDB_model_num 
ATOM   1   N N   . GLU A 1 13 ? -10.621 -23.900 17.098  1.00 38.72 ? 13   GLU A N   1 
ATOM   2   C CA  . GLU A 1 13 ? -9.301  -24.596 17.039  1.00 36.73 ? 13   GLU A CA  1 
ATOM   3   C C   . GLU A 1 13 ? -8.284  -23.668 16.358  1.00 35.43 ? 13   GLU A C   1 
ATOM   4   O O   . GLU A 1 13 ? -8.556  -23.032 15.319  1.00 34.26 ? 13   GLU A O   1 
ATOM   5   C CB  . GLU A 1 13 ? -9.411  -25.950 16.306  1.00 37.97 ? 13   GLU A CB  1 
ATOM   6   C CG  . GLU A 1 13 ? -8.221  -26.381 15.397  1.00 39.85 ? 13   GLU A CG  1 
ATOM   7   C CD  . GLU A 1 13 ? -7.214  -27.348 16.071  1.00 49.53 ? 13   GLU A CD  1 
ATOM   8   O OE1 . GLU A 1 13 ? -6.350  -26.889 16.880  1.00 40.95 ? 13   GLU A OE1 1 
ATOM   9   O OE2 . GLU A 1 13 ? -7.283  -28.581 15.756  1.00 47.89 ? 13   GLU A OE2 1 
ATOM   10  N N   . ILE A 1 14 ? -7.109  -23.610 16.963  1.00 33.78 ? 14   ILE A N   1 
ATOM   11  C CA  . ILE A 1 14 ? -6.093  -22.662 16.590  1.00 32.29 ? 14   ILE A CA  1 
ATOM   12  C C   . ILE A 1 14 ? -5.641  -22.918 15.150  1.00 30.13 ? 14   ILE A C   1 
ATOM   13  O O   . ILE A 1 14 ? -5.422  -21.979 14.362  1.00 26.41 ? 14   ILE A O   1 
ATOM   14  C CB  . ILE A 1 14 ? -4.934  -22.695 17.638  1.00 32.61 ? 14   ILE A CB  1 
ATOM   15  C CG1 . ILE A 1 14 ? -4.053  -21.457 17.537  1.00 33.40 ? 14   ILE A CG1 1 
ATOM   16  C CG2 . ILE A 1 14 ? -4.115  -24.000 17.538  1.00 32.05 ? 14   ILE A CG2 1 
ATOM   17  C CD1 . ILE A 1 14 ? -3.067  -21.297 18.721  1.00 33.18 ? 14   ILE A CD1 1 
ATOM   18  N N   . ASP A 1 15 ? -5.550  -24.184 14.776  1.00 29.68 ? 15   ASP A N   1 
ATOM   19  C CA  . ASP A 1 15 ? -5.033  -24.525 13.465  1.00 30.32 ? 15   ASP A CA  1 
ATOM   20  C C   . ASP A 1 15 ? -6.079  -24.150 12.389  1.00 29.44 ? 15   ASP A C   1 
ATOM   21  O O   . ASP A 1 15 ? -5.727  -23.759 11.262  1.00 29.64 ? 15   ASP A O   1 
ATOM   22  C CB  . ASP A 1 15 ? -4.541  -25.982 13.440  1.00 31.54 ? 15   ASP A CB  1 
ATOM   23  C CG  . ASP A 1 15 ? -3.207  -26.161 14.206  1.00 32.81 ? 15   ASP A CG  1 
ATOM   24  O OD1 . ASP A 1 15 ? -2.411  -25.179 14.394  1.00 34.02 ? 15   ASP A OD1 1 
ATOM   25  O OD2 . ASP A 1 15 ? -2.927  -27.296 14.630  1.00 35.91 ? 15   ASP A OD2 1 
ATOM   26  N N   . THR A 1 16 ? -7.359  -24.206 12.756  1.00 29.31 ? 16   THR A N   1 
ATOM   27  C CA  . THR A 1 16 ? -8.419  -23.755 11.868  1.00 28.49 ? 16   THR A CA  1 
ATOM   28  C C   . THR A 1 16 ? -8.334  -22.223 11.638  1.00 26.22 ? 16   THR A C   1 
ATOM   29  O O   . THR A 1 16 ? -8.543  -21.746 10.517  1.00 25.96 ? 16   THR A O   1 
ATOM   30  C CB  . THR A 1 16 ? -9.835  -24.089 12.378  1.00 29.71 ? 16   THR A CB  1 
ATOM   31  O OG1 . THR A 1 16 ? -10.007 -25.508 12.442  1.00 33.25 ? 16   THR A OG1 1 
ATOM   32  C CG2 . THR A 1 16 ? -10.848 -23.524 11.398  1.00 30.97 ? 16   THR A CG2 1 
ATOM   33  N N   . LEU A 1 17 ? -8.027  -21.483 12.700  1.00 23.96 ? 17   LEU A N   1 
ATOM   34  C CA  . LEU A 1 17 ? -7.769  -20.041 12.603  1.00 22.38 ? 17   LEU A CA  1 
ATOM   35  C C   . LEU A 1 17 ? -6.583  -19.782 11.629  1.00 20.78 ? 17   LEU A C   1 
ATOM   36  O O   . LEU A 1 17 ? -6.598  -18.827 10.815  1.00 19.79 ? 17   LEU A O   1 
ATOM   37  C CB  . LEU A 1 17 ? -7.503  -19.424 13.979  1.00 22.65 ? 17   LEU A CB  1 
ATOM   38  C CG  . LEU A 1 17 ? -8.686  -19.330 14.979  1.00 24.38 ? 17   LEU A CG  1 
ATOM   39  C CD1 . LEU A 1 17 ? -8.317  -18.824 16.391  1.00 23.23 ? 17   LEU A CD1 1 
ATOM   40  C CD2 . LEU A 1 17 ? -9.762  -18.450 14.359  1.00 27.05 ? 17   LEU A CD2 1 
ATOM   41  N N   . ARG A 1 18 ? -5.558  -20.621 11.721  1.00 19.67 ? 18   ARG A N   1 
ATOM   42  C CA  . ARG A 1 18 ? -4.367  -20.454 10.874  1.00 19.86 ? 18   ARG A CA  1 
ATOM   43  C C   . ARG A 1 18 ? -4.726  -20.683 9.410   1.00 20.17 ? 18   ARG A C   1 
ATOM   44  O O   . ARG A 1 18 ? -4.272  -19.948 8.527   1.00 20.00 ? 18   ARG A O   1 
ATOM   45  C CB  . ARG A 1 18 ? -3.222  -21.355 11.338  1.00 18.63 ? 18   ARG A CB  1 
ATOM   46  C CG  . ARG A 1 18 ? -2.540  -20.840 12.607  1.00 19.63 ? 18   ARG A CG  1 
ATOM   47  C CD  . ARG A 1 18 ? -1.486  -21.779 13.151  1.00 20.78 ? 18   ARG A CD  1 
ATOM   48  N NE  . ARG A 1 18 ? -0.704  -21.091 14.182  1.00 22.18 ? 18   ARG A NE  1 
ATOM   49  C CZ  . ARG A 1 18 ? -0.468  -21.538 15.410  1.00 24.06 ? 18   ARG A CZ  1 
ATOM   50  N NH1 . ARG A 1 18 ? -0.931  -22.717 15.837  1.00 25.45 ? 18   ARG A NH1 1 
ATOM   51  N NH2 . ARG A 1 18 ? 0.241   -20.768 16.218  1.00 24.21 ? 18   ARG A NH2 1 
ATOM   52  N N   . GLU A 1 19 ? -5.584  -21.674 9.148   1.00 20.81 ? 19   GLU A N   1 
ATOM   53  C CA  . GLU A 1 19 ? -6.048  -21.913 7.786   1.00 22.88 ? 19   GLU A CA  1 
ATOM   54  C C   . GLU A 1 19 ? -6.739  -20.653 7.232   1.00 21.49 ? 19   GLU A C   1 
ATOM   55  O O   . GLU A 1 19 ? -6.518  -20.254 6.081   1.00 22.17 ? 19   GLU A O   1 
ATOM   56  C CB  . GLU A 1 19 ? -6.952  -23.149 7.777   1.00 23.98 ? 19   GLU A CB  1 
ATOM   57  C CG  . GLU A 1 19 ? -6.144  -24.410 8.137   1.00 27.76 ? 19   GLU A CG  1 
ATOM   58  C CD  . GLU A 1 19 ? -6.978  -25.647 8.369   1.00 28.41 ? 19   GLU A CD  1 
ATOM   59  O OE1 . GLU A 1 19 ? -8.231  -25.601 8.356   1.00 37.92 ? 19   GLU A OE1 1 
ATOM   60  O OE2 . GLU A 1 19 ? -6.331  -26.698 8.546   1.00 38.69 ? 19   GLU A OE2 1 
ATOM   61  N N   . GLU A 1 20 ? -7.506  -19.965 8.067   1.00 21.15 ? 20   GLU A N   1 
ATOM   62  C CA  . GLU A 1 20 ? -8.180  -18.750 7.625   1.00 20.67 ? 20   GLU A CA  1 
ATOM   63  C C   . GLU A 1 20 ? -7.169  -17.624 7.359   1.00 19.09 ? 20   GLU A C   1 
ATOM   64  O O   . GLU A 1 20 ? -7.333  -16.813 6.436   1.00 18.61 ? 20   GLU A O   1 
ATOM   65  C CB  . GLU A 1 20 ? -9.172  -18.286 8.653   1.00 21.54 ? 20   GLU A CB  1 
ATOM   66  C CG  . GLU A 1 20 ? -9.959  -17.072 8.227   1.00 22.32 ? 20   GLU A CG  1 
ATOM   67  C CD  . GLU A 1 20 ? -10.961 -17.348 7.054   1.00 25.10 ? 20   GLU A CD  1 
ATOM   68  O OE1 . GLU A 1 20 ? -11.103 -18.492 6.506   1.00 28.40 ? 20   GLU A OE1 1 
ATOM   69  O OE2 . GLU A 1 20 ? -11.621 -16.368 6.712   1.00 27.60 ? 20   GLU A OE2 1 
ATOM   70  N N   . ILE A 1 21 ? -6.144  -17.529 8.201   1.00 17.12 ? 21   ILE A N   1 
ATOM   71  C CA  . ILE A 1 21 ? -5.096  -16.523 7.969   1.00 17.14 ? 21   ILE A CA  1 
ATOM   72  C C   . ILE A 1 21 ? -4.569  -16.714 6.558   1.00 15.55 ? 21   ILE A C   1 
ATOM   73  O O   . ILE A 1 21 ? -4.357  -15.758 5.792   1.00 15.68 ? 21   ILE A O   1 
ATOM   74  C CB  . ILE A 1 21 ? -3.944  -16.569 8.995   1.00 17.39 ? 21   ILE A CB  1 
ATOM   75  C CG1 . ILE A 1 21 ? -4.385  -16.069 10.372  1.00 20.06 ? 21   ILE A CG1 1 
ATOM   76  C CG2 . ILE A 1 21 ? -2.742  -15.778 8.472   1.00 16.83 ? 21   ILE A CG2 1 
ATOM   77  C CD1 . ILE A 1 21 ? -4.605  -14.594 10.458  1.00 21.03 ? 21   ILE A CD1 1 
ATOM   78  N N   . ASP A 1 22 ? -4.350  -17.957 6.197   1.00 15.23 ? 22   ASP A N   1 
ATOM   79  C CA  . ASP A 1 22 ? -3.726  -18.248 4.886   1.00 17.81 ? 22   ASP A CA  1 
ATOM   80  C C   . ASP A 1 22 ? -4.641  -17.840 3.754   1.00 17.28 ? 22   ASP A C   1 
ATOM   81  O O   . ASP A 1 22 ? -4.182  -17.345 2.702   1.00 17.81 ? 22   ASP A O   1 
ATOM   82  C CB  . ASP A 1 22 ? -3.348  -19.720 4.768   1.00 19.25 ? 22   ASP A CB  1 
ATOM   83  C CG  . ASP A 1 22 ? -2.179  -20.105 5.686   1.00 20.24 ? 22   ASP A CG  1 
ATOM   84  O OD1 . ASP A 1 22 ? -1.912  -21.321 5.845   1.00 26.48 ? 22   ASP A OD1 1 
ATOM   85  O OD2 . ASP A 1 22 ? -1.517  -19.216 6.229   1.00 22.09 ? 22   ASP A OD2 1 
ATOM   86  N N   . ARG A 1 23 ? -5.941  -18.023 3.960   1.00 18.31 ? 23   ARG A N   1 
ATOM   87  C CA  . ARG A 1 23 ? -6.934  -17.585 2.962   1.00 19.68 ? 23   ARG A CA  1 
ATOM   88  C C   . ARG A 1 23 ? -6.977  -16.030 2.878   1.00 18.64 ? 23   ARG A C   1 
ATOM   89  O O   . ARG A 1 23 ? -6.953  -15.429 1.778   1.00 19.38 ? 23   ARG A O   1 
ATOM   90  C CB  . ARG A 1 23 ? -8.284  -18.188 3.311   1.00 20.65 ? 23   ARG A CB  1 
ATOM   91  C CG  . ARG A 1 23 ? -8.263  -19.703 3.204   1.00 23.20 ? 23   ARG A CG  1 
ATOM   92  C CD  . ARG A 1 23 ? -9.579  -20.338 3.643   1.00 26.09 ? 23   ARG A CD  1 
ATOM   93  N NE  . ARG A 1 23 ? -9.343  -21.762 3.809   1.00 29.61 ? 23   ARG A NE  1 
ATOM   94  C CZ  . ARG A 1 23 ? -9.554  -22.420 4.945   1.00 32.44 ? 23   ARG A CZ  1 
ATOM   95  N NH1 . ARG A 1 23 ? -10.061 -21.806 6.009   1.00 30.45 ? 23   ARG A NH1 1 
ATOM   96  N NH2 . ARG A 1 23 ? -9.262  -23.703 5.003   1.00 33.92 ? 23   ARG A NH2 1 
ATOM   97  N N   . LEU A 1 24 ? -6.972  -15.379 4.032   1.00 17.04 ? 24   LEU A N   1 
ATOM   98  C CA  . LEU A 1 24 ? -6.940  -13.893 4.072   1.00 16.72 ? 24   LEU A CA  1 
ATOM   99  C C   . LEU A 1 24 ? -5.691  -13.374 3.369   1.00 16.10 ? 24   LEU A C   1 
ATOM   100 O O   . LEU A 1 24 ? -5.763  -12.370 2.613   1.00 16.72 ? 24   LEU A O   1 
ATOM   101 C CB  . LEU A 1 24 ? -6.981  -13.358 5.486   1.00 16.42 ? 24   LEU A CB  1 
ATOM   102 C CG  . LEU A 1 24 ? -8.366  -13.454 6.123   1.00 16.77 ? 24   LEU A CG  1 
ATOM   103 C CD1 . LEU A 1 24 ? -8.230  -13.312 7.673   1.00 18.91 ? 24   LEU A CD1 1 
ATOM   104 C CD2 . LEU A 1 24 ? -9.402  -12.428 5.507   1.00 20.27 ? 24   LEU A CD2 1 
ATOM   105 N N   . ASP A 1 25 ? -4.559  -14.040 3.603   1.00 15.99 ? 25   ASP A N   1 
ATOM   106 C CA  . ASP A 1 25 ? -3.305  -13.618 2.939   1.00 14.86 ? 25   ASP A CA  1 
ATOM   107 C C   . ASP A 1 25 ? -3.414  -13.754 1.396   1.00 14.79 ? 25   ASP A C   1 
ATOM   108 O O   . ASP A 1 25 ? -2.919  -12.897 0.643   1.00 14.37 ? 25   ASP A O   1 
ATOM   109 C CB  . ASP A 1 25 ? -2.127  -14.395 3.470   1.00 15.42 ? 25   ASP A CB  1 
ATOM   110 C CG  . ASP A 1 25 ? -1.655  -13.865 4.819   1.00 14.38 ? 25   ASP A CG  1 
ATOM   111 O OD1 . ASP A 1 25 ? -1.026  -14.649 5.569   1.00 15.64 ? 25   ASP A OD1 1 
ATOM   112 O OD2 . ASP A 1 25 ? -1.899  -12.644 5.109   1.00 16.08 ? 25   ASP A OD2 1 
ATOM   113 N N   . ALA A 1 26 ? -4.094  -14.805 0.918   1.00 15.52 ? 26   ALA A N   1 
ATOM   114 C CA  . ALA A 1 26 ? -4.322  -14.910 -0.530  1.00 15.11 ? 26   ALA A CA  1 
ATOM   115 C C   . ALA A 1 26 ? -5.054  -13.660 -1.107  1.00 14.44 ? 26   ALA A C   1 
ATOM   116 O O   . ALA A 1 26 ? -4.689  -13.142 -2.177  1.00 14.84 ? 26   ALA A O   1 
ATOM   117 C CB  . ALA A 1 26 ? -5.112  -16.187 -0.903  1.00 17.57 ? 26   ALA A CB  1 
ATOM   118 N N   . GLU A 1 27 ? -6.102  -13.231 -0.420  1.00 13.98 ? 27   GLU A N   1 
ATOM   119 C CA  . GLU A 1 27 ? -6.946  -12.084 -0.826  1.00 14.51 ? 27   GLU A CA  1 
ATOM   120 C C   . GLU A 1 27 ? -6.115  -10.813 -0.732  1.00 14.39 ? 27   GLU A C   1 
ATOM   121 O O   . GLU A 1 27 ? -6.127  -9.983  -1.634  1.00 15.11 ? 27   GLU A O   1 
ATOM   122 C CB  . GLU A 1 27 ? -8.160  -11.866 0.082   1.00 16.48 ? 27   GLU A CB  1 
ATOM   123 C CG  . GLU A 1 27 ? -9.310  -12.733 -0.059  1.00 17.47 ? 27   GLU A CG  1 
ATOM   124 C CD  . GLU A 1 27 ? -9.943  -12.643 -1.456  1.00 16.29 ? 27   GLU A CD  1 
ATOM   125 O OE1 . GLU A 1 27 ? -10.806 -11.747 -1.777  1.00 16.65 ? 27   GLU A OE1 1 
ATOM   126 O OE2 . GLU A 1 27 ? -9.568  -13.497 -2.224  1.00 18.34 ? 27   GLU A OE2 1 
ATOM   127 N N   . ILE A 1 28 ? -5.415  -10.657 0.382   1.00 13.42 ? 28   ILE A N   1 
ATOM   128 C CA  . ILE A 1 28 ? -4.610  -9.456  0.607   1.00 13.44 ? 28   ILE A CA  1 
ATOM   129 C C   . ILE A 1 28 ? -3.531  -9.351  -0.449  1.00 13.04 ? 28   ILE A C   1 
ATOM   130 O O   . ILE A 1 28 ? -3.367  -8.297  -1.076  1.00 13.39 ? 28   ILE A O   1 
ATOM   131 C CB  . ILE A 1 28 ? -4.006  -9.427  2.052   1.00 12.53 ? 28   ILE A CB  1 
ATOM   132 C CG1 . ILE A 1 28 ? -5.109  -9.241  3.105   1.00 13.02 ? 28   ILE A CG1 1 
ATOM   133 C CG2 . ILE A 1 28 ? -3.015  -8.303  2.193   1.00 12.51 ? 28   ILE A CG2 1 
ATOM   134 C CD1 . ILE A 1 28 ? -4.678  -9.597  4.568   1.00 15.41 ? 28   ILE A CD1 1 
ATOM   135 N N   . LEU A 1 29 ? -2.778  -10.438 -0.668  1.00 13.57 ? 29   LEU A N   1 
ATOM   136 C CA  . LEU A 1 29 ? -1.744  -10.451 -1.713  1.00 14.91 ? 29   LEU A CA  1 
ATOM   137 C C   . LEU A 1 29 ? -2.291  -10.040 -3.093  1.00 14.84 ? 29   LEU A C   1 
ATOM   138 O O   . LEU A 1 29 ? -1.674  -9.230  -3.807  1.00 15.53 ? 29   LEU A O   1 
ATOM   139 C CB  . LEU A 1 29 ? -1.088  -11.828 -1.774  1.00 15.05 ? 29   LEU A CB  1 
ATOM   140 C CG  . LEU A 1 29 ? 0.079   -11.997 -2.724  1.00 17.37 ? 29   LEU A CG  1 
ATOM   141 C CD1 . LEU A 1 29 ? 1.169   -10.977 -2.372  1.00 20.97 ? 29   LEU A CD1 1 
ATOM   142 C CD2 . LEU A 1 29 ? 0.590   -13.444 -2.679  1.00 19.58 ? 29   LEU A CD2 1 
ATOM   143 N N   . ALA A 1 30 ? -3.434  -10.634 -3.483  1.00 14.35 ? 30   ALA A N   1 
ATOM   144 C CA  . ALA A 1 30 ? -4.058  -10.298 -4.778  1.00 15.13 ? 30   ALA A CA  1 
ATOM   145 C C   . ALA A 1 30 ? -4.284  -8.760  -4.860  1.00 14.67 ? 30   ALA A C   1 
ATOM   146 O O   . ALA A 1 30 ? -3.930  -8.104  -5.836  1.00 16.52 ? 30   ALA A O   1 
ATOM   147 C CB  . ALA A 1 30 ? -5.357  -11.066 -4.984  1.00 16.62 ? 30   ALA A CB  1 
ATOM   148 N N   . LEU A 1 31 ? -4.827  -8.202  -3.785  1.00 14.40 ? 31   LEU A N   1 
ATOM   149 C CA  . LEU A 1 31 ? -5.177  -6.769  -3.768  1.00 14.48 ? 31   LEU A CA  1 
ATOM   150 C C   . LEU A 1 31 ? -3.932  -5.887  -3.774  1.00 14.21 ? 31   LEU A C   1 
ATOM   151 O O   . LEU A 1 31 ? -3.902  -4.846  -4.441  1.00 15.64 ? 31   LEU A O   1 
ATOM   152 C CB  . LEU A 1 31 ? -6.050  -6.420  -2.574  1.00 15.12 ? 31   LEU A CB  1 
ATOM   153 C CG  . LEU A 1 31 ? -7.471  -6.968  -2.692  1.00 15.48 ? 31   LEU A CG  1 
ATOM   154 C CD1 . LEU A 1 31 ? -8.150  -6.983  -1.316  1.00 16.37 ? 31   LEU A CD1 1 
ATOM   155 C CD2 . LEU A 1 31 ? -8.255  -6.156  -3.757  1.00 19.25 ? 31   LEU A CD2 1 
ATOM   156 N N   . VAL A 1 32 ? -2.926  -6.283  -2.983  1.00 13.32 ? 32   VAL A N   1 
ATOM   157 C CA  . VAL A 1 32 ? -1.673  -5.516  -2.866  1.00 14.60 ? 32   VAL A CA  1 
ATOM   158 C C   . VAL A 1 32 ? -0.942  -5.491  -4.203  1.00 14.47 ? 32   VAL A C   1 
ATOM   159 O O   . VAL A 1 32 ? -0.432  -4.445  -4.591  1.00 15.66 ? 32   VAL A O   1 
ATOM   160 C CB  . VAL A 1 32 ? -0.788  -5.968  -1.704  1.00 13.55 ? 32   VAL A CB  1 
ATOM   161 C CG1 . VAL A 1 32 ? 0.574   -5.258  -1.726  1.00 16.10 ? 32   VAL A CG1 1 
ATOM   162 C CG2 . VAL A 1 32 ? -1.555  -5.738  -0.370  1.00 13.98 ? 32   VAL A CG2 1 
ATOM   163 N N   . LYS A 1 33 ? -0.960  -6.614  -4.911  1.00 15.69 ? 33   LYS A N   1 
ATOM   164 C CA  . LYS A 1 33 ? -0.381  -6.676  -6.245  1.00 17.92 ? 33   LYS A CA  1 
ATOM   165 C C   . LYS A 1 33 ? -1.069  -5.677  -7.178  1.00 18.40 ? 33   LYS A C   1 
ATOM   166 O O   . LYS A 1 33 ? -0.391  -4.910  -7.915  1.00 19.37 ? 33   LYS A O   1 
ATOM   167 C CB  . LYS A 1 33 ? -0.471  -8.072  -6.796  1.00 18.74 ? 33   LYS A CB  1 
ATOM   168 C CG  . LYS A 1 33 ? 0.493   -9.053  -6.122  1.00 20.88 ? 33   LYS A CG  1 
ATOM   169 C CD  . LYS A 1 33 ? 0.242   -10.465 -6.717  1.00 22.41 ? 33   LYS A CD  1 
ATOM   170 C CE  . LYS A 1 33 ? 1.181   -11.463 -6.174  1.00 25.25 ? 33   LYS A CE  1 
ATOM   171 N NZ  . LYS A 1 33 ? 0.841   -12.836 -6.781  1.00 29.97 ? 33   LYS A NZ  1 
ATOM   172 N N   . ARG A 1 34 ? -2.397  -5.678  -7.154  1.00 18.30 ? 34   ARG A N   1 
ATOM   173 C CA  . ARG A 1 34 ? -3.165  -4.754  -7.992  1.00 17.78 ? 34   ARG A CA  1 
ATOM   174 C C   . ARG A 1 34 ? -2.828  -3.319  -7.573  1.00 17.30 ? 34   ARG A C   1 
ATOM   175 O O   . ARG A 1 34 ? -2.604  -2.435  -8.424  1.00 18.34 ? 34   ARG A O   1 
ATOM   176 C CB  . ARG A 1 34 ? -4.655  -4.974  -7.849  1.00 18.41 ? 34   ARG A CB  1 
ATOM   177 C CG  . ARG A 1 34 ? -5.472  -4.055  -8.799  1.00 23.34 ? 34   ARG A CG  1 
ATOM   178 C CD  . ARG A 1 34 ? -5.434  -4.542  -10.227 1.00 39.94 ? 34   ARG A CD  1 
ATOM   179 N NE  . ARG A 1 34 ? -5.281  -3.519  -11.261 1.00 35.49 ? 34   ARG A NE  1 
ATOM   180 C CZ  . ARG A 1 34 ? -4.431  -3.604  -12.297 1.00 41.58 ? 34   ARG A CZ  1 
ATOM   181 N NH1 . ARG A 1 34 ? -4.394  -2.616  -13.179 1.00 50.98 ? 34   ARG A NH1 1 
ATOM   182 N NH2 . ARG A 1 34 ? -3.608  -4.658  -12.472 1.00 39.03 ? 34   ARG A NH2 1 
ATOM   183 N N   . ARG A 1 35 ? -2.852  -3.063  -6.260  1.00 15.63 ? 35   ARG A N   1 
ATOM   184 C CA  . ARG A 1 35 ? -2.533  -1.706  -5.778  1.00 15.93 ? 35   ARG A CA  1 
ATOM   185 C C   . ARG A 1 35 ? -1.116  -1.241  -6.271  1.00 15.79 ? 35   ARG A C   1 
ATOM   186 O O   . ARG A 1 35 ? -0.935  -0.097  -6.694  1.00 16.29 ? 35   ARG A O   1 
ATOM   187 C CB  . ARG A 1 35 ? -2.564  -1.635  -4.260  1.00 16.13 ? 35   ARG A CB  1 
ATOM   188 C CG  . ARG A 1 35 ? -2.662  -0.168  -3.750  1.00 14.96 ? 35   ARG A CG  1 
ATOM   189 C CD  . ARG A 1 35 ? -2.229  -0.088  -2.277  1.00 15.37 ? 35   ARG A CD  1 
ATOM   190 N NE  . ARG A 1 35 ? -2.589  1.173   -1.663  1.00 15.61 ? 35   ARG A NE  1 
ATOM   191 C CZ  . ARG A 1 35 ? -1.910  2.289   -1.829  1.00 16.26 ? 35   ARG A CZ  1 
ATOM   192 N NH1 . ARG A 1 35 ? -0.839  2.307   -2.618  1.00 14.82 ? 35   ARG A NH1 1 
ATOM   193 N NH2 . ARG A 1 35 ? -2.340  3.413   -1.259  1.00 16.45 ? 35   ARG A NH2 1 
ATOM   194 N N   . ALA A 1 36 ? -0.126  -2.116  -6.190  1.00 16.61 ? 36   ALA A N   1 
ATOM   195 C CA  . ALA A 1 36 ? 1.247   -1.806  -6.578  1.00 17.82 ? 36   ALA A CA  1 
ATOM   196 C C   . ALA A 1 36 ? 1.277   -1.428  -8.078  1.00 18.97 ? 36   ALA A C   1 
ATOM   197 O O   . ALA A 1 36 ? 1.933   -0.447  -8.453  1.00 19.91 ? 36   ALA A O   1 
ATOM   198 C CB  . ALA A 1 36 ? 2.154   -2.979  -6.293  1.00 17.62 ? 36   ALA A CB  1 
ATOM   199 N N   . GLU A 1 37 ? 0.525   -2.173  -8.891  1.00 19.52 ? 37   GLU A N   1 
ATOM   200 C CA  . GLU A 1 37 ? 0.416   -1.890  -10.340 1.00 21.17 ? 37   GLU A CA  1 
ATOM   201 C C   . GLU A 1 37 ? -0.208  -0.527  -10.612 1.00 20.59 ? 37   GLU A C   1 
ATOM   202 O O   . GLU A 1 37 ? 0.301   0.251   -11.465 1.00 21.07 ? 37   GLU A O   1 
ATOM   203 C CB  . GLU A 1 37 ? -0.338  -3.007  -11.044 1.00 23.51 ? 37   GLU A CB  1 
ATOM   204 C CG  . GLU A 1 37 ? 0.446   -4.302  -11.031 1.00 28.34 ? 37   GLU A CG  1 
ATOM   205 C CD  . GLU A 1 37 ? 1.862   -4.171  -11.644 1.00 36.66 ? 37   GLU A CD  1 
ATOM   206 O OE1 . GLU A 1 37 ? 1.983   -3.549  -12.726 1.00 40.63 ? 37   GLU A OE1 1 
ATOM   207 O OE2 . GLU A 1 37 ? 2.860   -4.685  -11.051 1.00 42.47 ? 37   GLU A OE2 1 
ATOM   208 N N   . VAL A 1 38 ? -1.272  -0.214  -9.890  1.00 19.12 ? 38   VAL A N   1 
ATOM   209 C CA  . VAL A 1 38 ? -1.953  1.085   -10.073 1.00 19.49 ? 38   VAL A CA  1 
ATOM   210 C C   . VAL A 1 38 ? -1.025  2.223   -9.601  1.00 18.92 ? 38   VAL A C   1 
ATOM   211 O O   . VAL A 1 38 ? -0.865  3.235   -10.283 1.00 19.26 ? 38   VAL A O   1 
ATOM   212 C CB  . VAL A 1 38 ? -3.283  1.164   -9.356  1.00 18.83 ? 38   VAL A CB  1 
ATOM   213 C CG1 . VAL A 1 38 ? -3.900  2.592   -9.496  1.00 19.14 ? 38   VAL A CG1 1 
ATOM   214 C CG2 . VAL A 1 38 ? -4.240  0.052   -9.885  1.00 18.20 ? 38   VAL A CG2 1 
ATOM   215 N N   . SER A 1 39 ? -0.408  2.020   -8.441  1.00 18.86 ? 39   SER A N   1 
ATOM   216 C CA  . SER A 1 39 ? 0.569   2.965   -7.878  1.00 19.96 ? 39   SER A CA  1 
ATOM   217 C C   . SER A 1 39 ? 1.732   3.252   -8.844  1.00 20.33 ? 39   SER A C   1 
ATOM   218 O O   . SER A 1 39 ? 2.111   4.408   -9.026  1.00 19.47 ? 39   SER A O   1 
ATOM   219 C CB  . SER A 1 39 ? 1.132   2.434   -6.563  1.00 20.79 ? 39   SER A CB  1 
ATOM   220 O OG  . SER A 1 39 ? 0.135   2.432   -5.594  1.00 24.52 ? 39   SER A OG  1 
ATOM   221 N N   . LYS A 1 40 ? 2.270   2.194   -9.440  1.00 20.63 ? 40   LYS A N   1 
ATOM   222 C CA  . LYS A 1 40 ? 3.397   2.329   -10.383 1.00 22.48 ? 40   LYS A CA  1 
ATOM   223 C C   . LYS A 1 40 ? 2.965   3.148   -11.598 1.00 22.37 ? 40   LYS A C   1 
ATOM   224 O O   . LYS A 1 40 ? 3.734   3.995   -12.083 1.00 24.29 ? 40   LYS A O   1 
ATOM   225 C CB  . LYS A 1 40 ? 3.922   0.948   -10.768 1.00 23.80 ? 40   LYS A CB  1 
ATOM   226 C CG  . LYS A 1 40 ? 4.776   0.320   -9.689  1.00 26.50 ? 40   LYS A CG  1 
ATOM   227 C CD  . LYS A 1 40 ? 5.082   -1.126  -10.022 1.00 27.01 ? 40   LYS A CD  1 
ATOM   228 C CE  . LYS A 1 40 ? 5.844   -1.746  -8.943  1.00 29.87 ? 40   LYS A CE  1 
ATOM   229 N NZ  . LYS A 1 40 ? 6.244   -3.105  -9.373  1.00 33.44 ? 40   LYS A NZ  1 
ATOM   230 N N   . ALA A 1 41 ? 1.741   2.924   -12.063 1.00 21.35 ? 41   ALA A N   1 
ATOM   231 C CA  . ALA A 1 41 ? 1.177   3.625   -13.216 1.00 22.45 ? 41   ALA A CA  1 
ATOM   232 C C   . ALA A 1 41 ? 1.013   5.117   -12.902 1.00 21.68 ? 41   ALA A C   1 
ATOM   233 O O   . ALA A 1 41 ? 1.269   5.975   -13.733 1.00 22.15 ? 41   ALA A O   1 
ATOM   234 C CB  . ALA A 1 41 ? -0.163  3.053   -13.611 1.00 22.10 ? 41   ALA A CB  1 
ATOM   235 N N   . ILE A 1 42 ? 0.541   5.411   -11.692 1.00 20.60 ? 42   ILE A N   1 
ATOM   236 C CA  . ILE A 1 42 ? 0.471   6.802   -11.254 1.00 20.78 ? 42   ILE A CA  1 
ATOM   237 C C   . ILE A 1 42 ? 1.849   7.456   -11.240 1.00 21.06 ? 42   ILE A C   1 
ATOM   238 O O   . ILE A 1 42 ? 2.019   8.584   -11.727 1.00 22.38 ? 42   ILE A O   1 
ATOM   239 C CB  . ILE A 1 42 ? -0.136  6.914   -9.836  1.00 19.68 ? 42   ILE A CB  1 
ATOM   240 C CG1 . ILE A 1 42 ? -1.619  6.532   -9.905  1.00 20.13 ? 42   ILE A CG1 1 
ATOM   241 C CG2 . ILE A 1 42 ? 0.076   8.340   -9.305  1.00 19.84 ? 42   ILE A CG2 1 
ATOM   242 C CD1 . ILE A 1 42 ? -2.219  6.224   -8.558  1.00 20.58 ? 42   ILE A CD1 1 
ATOM   243 N N   . GLY A 1 43 ? 2.817   6.771   -10.657 1.00 22.54 ? 43   GLY A N   1 
ATOM   244 C CA  . GLY A 1 43 ? 4.190   7.259   -10.545 1.00 25.28 ? 43   GLY A CA  1 
ATOM   245 C C   . GLY A 1 43 ? 4.755   7.603   -11.912 1.00 27.36 ? 43   GLY A C   1 
ATOM   246 O O   . GLY A 1 43 ? 5.308   8.707   -12.108 1.00 29.05 ? 43   GLY A O   1 
ATOM   247 N N   . LYS A 1 44 ? 4.582   6.683   -12.869 1.00 29.50 ? 44   LYS A N   1 
ATOM   248 C CA  . LYS A 1 44 ? 5.075   6.897   -14.234 1.00 31.04 ? 44   LYS A CA  1 
ATOM   249 C C   . LYS A 1 44 ? 4.401   8.099   -14.912 1.00 30.85 ? 44   LYS A C   1 
ATOM   250 O O   . LYS A 1 44 ? 5.105   8.953   -15.509 1.00 30.80 ? 44   LYS A O   1 
ATOM   251 C CB  . LYS A 1 44 ? 4.939   5.618   -15.078 1.00 32.20 ? 44   LYS A CB  1 
ATOM   252 C CG  . LYS A 1 44 ? 5.939   4.553   -14.625 1.00 36.07 ? 44   LYS A CG  1 
ATOM   253 C CD  . LYS A 1 44 ? 5.595   3.156   -15.121 1.00 35.18 ? 44   LYS A CD  1 
ATOM   254 C CE  . LYS A 1 44 ? 6.535   2.138   -14.505 1.00 39.12 ? 44   LYS A CE  1 
ATOM   255 N NZ  . LYS A 1 44 ? 5.988   0.738   -14.518 1.00 39.26 ? 44   LYS A NZ  1 
ATOM   256 N N   . ALA A 1 45 ? 3.074   8.167   -14.821 1.00 30.19 ? 45   ALA A N   1 
ATOM   257 C CA  . ALA A 1 45 ? 2.292   9.238   -15.432 1.00 31.18 ? 45   ALA A CA  1 
ATOM   258 C C   . ALA A 1 45 ? 2.708   10.579  -14.865 1.00 31.52 ? 45   ALA A C   1 
ATOM   259 O O   . ALA A 1 45 ? 2.788   11.565  -15.602 1.00 31.11 ? 45   ALA A O   1 
ATOM   260 C CB  . ALA A 1 45 ? 0.820   9.029   -15.213 1.00 30.64 ? 45   ALA A CB  1 
ATOM   261 N N   . ARG A 1 46 ? 2.952   10.597  -13.548 1.00 32.38 ? 46   ARG A N   1 
ATOM   262 C CA  . ARG A 1 46 ? 3.326   11.821  -12.837 1.00 34.00 ? 46   ARG A CA  1 
ATOM   263 C C   . ARG A 1 46 ? 4.698   12.303  -13.297 1.00 35.90 ? 46   ARG A C   1 
ATOM   264 O O   . ARG A 1 46 ? 4.893   13.470  -13.650 1.00 35.99 ? 46   ARG A O   1 
ATOM   265 C CB  . ARG A 1 46 ? 3.315   11.563  -11.318 1.00 33.34 ? 46   ARG A CB  1 
ATOM   266 C CG  . ARG A 1 46 ? 3.560   12.805  -10.479 1.00 32.99 ? 46   ARG A CG  1 
ATOM   267 C CD  . ARG A 1 46 ? 3.360   12.548  -8.981  1.00 33.91 ? 46   ARG A CD  1 
ATOM   268 N NE  . ARG A 1 46 ? 4.294   11.577  -8.411  1.00 30.57 ? 46   ARG A NE  1 
ATOM   269 C CZ  . ARG A 1 46 ? 5.588   11.809  -8.200  1.00 33.06 ? 46   ARG A CZ  1 
ATOM   270 N NH1 . ARG A 1 46 ? 6.157   12.963  -8.560  1.00 31.70 ? 46   ARG A NH1 1 
ATOM   271 N NH2 . ARG A 1 46 ? 6.340   10.865  -7.654  1.00 36.20 ? 46   ARG A NH2 1 
ATOM   272 N N   . MET A 1 47 ? 5.655   11.392  -13.301 1.00 38.56 ? 47   MET A N   1 
ATOM   273 C CA  . MET A 1 47 ? 6.999   11.704  -13.769 1.00 41.08 ? 47   MET A CA  1 
ATOM   274 C C   . MET A 1 47 ? 7.019   12.040  -15.281 1.00 41.90 ? 47   MET A C   1 
ATOM   275 O O   . MET A 1 47 ? 7.752   12.948  -15.687 1.00 43.36 ? 47   MET A O   1 
ATOM   276 C CB  . MET A 1 47 ? 7.981   10.607  -13.331 1.00 42.04 ? 47   MET A CB  1 
ATOM   277 C CG  . MET A 1 47 ? 8.243   10.676  -11.802 1.00 43.27 ? 47   MET A CG  1 
ATOM   278 S SD  . MET A 1 47 ? 9.020   9.282   -10.939 1.00 45.50 ? 47   MET A SD  1 
ATOM   279 C CE  . MET A 1 47 ? 10.021  10.130  -9.707  1.00 45.26 ? 47   MET A CE  1 
ATOM   280 N N   . ALA A 1 48 ? 6.156   11.414  -16.086 1.00 42.13 ? 48   ALA A N   1 
ATOM   281 C CA  . ALA A 1 48 ? 6.007   11.786  -17.522 1.00 41.78 ? 48   ALA A CA  1 
ATOM   282 C C   . ALA A 1 48 ? 5.480   13.229  -17.732 1.00 41.91 ? 48   ALA A C   1 
ATOM   283 O O   . ALA A 1 48 ? 5.745   13.847  -18.771 1.00 42.26 ? 48   ALA A O   1 
ATOM   284 C CB  . ALA A 1 48 ? 5.099   10.802  -18.239 1.00 41.88 ? 48   ALA A CB  1 
ATOM   285 N N   . SER A 1 49 ? 4.734   13.742  -16.749 1.00 40.99 ? 49   SER A N   1 
ATOM   286 C CA  . SER A 1 49 ? 4.175   15.083  -16.794 1.00 39.84 ? 49   SER A CA  1 
ATOM   287 C C   . SER A 1 49 ? 5.043   16.084  -16.026 1.00 38.57 ? 49   SER A C   1 
ATOM   288 O O   . SER A 1 49 ? 4.772   17.271  -16.079 1.00 39.38 ? 49   SER A O   1 
ATOM   289 C CB  . SER A 1 49 ? 2.776   15.091  -16.173 1.00 40.70 ? 49   SER A CB  1 
ATOM   290 O OG  . SER A 1 49 ? 1.791   14.569  -17.043 1.00 42.31 ? 49   SER A OG  1 
ATOM   291 N N   . GLY A 1 50 ? 6.064   15.627  -15.308 1.00 36.43 ? 50   GLY A N   1 
ATOM   292 C CA  . GLY A 1 50 ? 6.751   16.489  -14.336 1.00 34.86 ? 50   GLY A CA  1 
ATOM   293 C C   . GLY A 1 50 ? 5.827   16.948  -13.199 1.00 33.06 ? 50   GLY A C   1 
ATOM   294 O O   . GLY A 1 50 ? 5.964   18.060  -12.643 1.00 33.28 ? 50   GLY A O   1 
ATOM   295 N N   . GLY A 1 51 ? 4.901   16.075  -12.832 1.00 30.31 ? 51   GLY A N   1 
ATOM   296 C CA  . GLY A 1 51 ? 3.939   16.347  -11.786 1.00 28.94 ? 51   GLY A CA  1 
ATOM   297 C C   . GLY A 1 51 ? 4.526   16.260  -10.378 1.00 26.41 ? 51   GLY A C   1 
ATOM   298 O O   . GLY A 1 51 ? 5.457   15.467  -10.076 1.00 26.08 ? 51   GLY A O   1 
ATOM   299 N N   . THR A 1 52 ? 3.979   17.077  -9.496  1.00 24.38 ? 52   THR A N   1 
ATOM   300 C CA  . THR A 1 52 ? 4.502   17.168  -8.164  1.00 23.51 ? 52   THR A CA  1 
ATOM   301 C C   . THR A 1 52 ? 3.995   16.006  -7.311  1.00 22.26 ? 52   THR A C   1 
ATOM   302 O O   . THR A 1 52 ? 2.818   15.626  -7.374  1.00 20.43 ? 52   THR A O   1 
ATOM   303 C CB  . THR A 1 52 ? 4.165   18.546  -7.565  1.00 24.55 ? 52   THR A CB  1 
ATOM   304 O OG1 . THR A 1 52 ? 4.839   19.562  -8.347  1.00 27.40 ? 52   THR A OG1 1 
ATOM   305 C CG2 . THR A 1 52 ? 4.600   18.615  -6.091  1.00 24.88 ? 52   THR A CG2 1 
ATOM   306 N N   . ARG A 1 53 ? 4.884   15.442  -6.506  1.00 22.05 ? 53   ARG A N   1 
ATOM   307 C CA  . ARG A 1 53 ? 4.502   14.369  -5.613  1.00 22.39 ? 53   ARG A CA  1 
ATOM   308 C C   . ARG A 1 53 ? 3.604   14.903  -4.519  1.00 20.93 ? 53   ARG A C   1 
ATOM   309 O O   . ARG A 1 53 ? 3.931   15.910  -3.909  1.00 22.69 ? 53   ARG A O   1 
ATOM   310 C CB  . ARG A 1 53 ? 5.732   13.721  -4.989  1.00 23.09 ? 53   ARG A CB  1 
ATOM   311 C CG  . ARG A 1 53 ? 5.376   12.498  -4.177  1.00 24.26 ? 53   ARG A CG  1 
ATOM   312 C CD  . ARG A 1 53 ? 6.631   11.818  -3.667  1.00 25.44 ? 53   ARG A CD  1 
ATOM   313 N NE  . ARG A 1 53 ? 6.326   10.905  -2.587  1.00 28.57 ? 53   ARG A NE  1 
ATOM   314 C CZ  . ARG A 1 53 ? 7.222   10.322  -1.801  1.00 29.26 ? 53   ARG A CZ  1 
ATOM   315 N NH1 . ARG A 1 53 ? 8.517   10.557  -1.971  1.00 34.12 ? 53   ARG A NH1 1 
ATOM   316 N NH2 . ARG A 1 53 ? 6.813   9.513   -0.840  1.00 27.18 ? 53   ARG A NH2 1 
ATOM   317 N N   . LEU A 1 54 ? 2.510   14.207  -4.247  1.00 19.63 ? 54   LEU A N   1 
ATOM   318 C CA  . LEU A 1 54 ? 1.530   14.651  -3.273  1.00 19.35 ? 54   LEU A CA  1 
ATOM   319 C C   . LEU A 1 54 ? 1.754   14.097  -1.855  1.00 18.42 ? 54   LEU A C   1 
ATOM   320 O O   . LEU A 1 54 ? 0.894   13.407  -1.291  1.00 18.88 ? 54   LEU A O   1 
ATOM   321 C CB  . LEU A 1 54 ? 0.113   14.378  -3.786  1.00 20.45 ? 54   LEU A CB  1 
ATOM   322 C CG  . LEU A 1 54 ? -0.244  14.982  -5.147  1.00 22.48 ? 54   LEU A CG  1 
ATOM   323 C CD1 . LEU A 1 54 ? -1.704  14.681  -5.495  1.00 24.96 ? 54   LEU A CD1 1 
ATOM   324 C CD2 . LEU A 1 54 ? 0.061   16.473  -5.148  1.00 26.08 ? 54   LEU A CD2 1 
ATOM   325 N N   A VAL A 1 55 ? 2.929   14.380  -1.298  0.50 17.51 ? 55   VAL A N   1 
ATOM   326 N N   B VAL A 1 55 ? 2.921   14.402  -1.292  0.50 18.00 ? 55   VAL A N   1 
ATOM   327 C CA  A VAL A 1 55 ? 3.303   13.855  0.013   0.50 17.64 ? 55   VAL A CA  1 
ATOM   328 C CA  B VAL A 1 55 ? 3.325   13.856  0.003   0.50 18.13 ? 55   VAL A CA  1 
ATOM   329 C C   A VAL A 1 55 ? 2.439   14.428  1.132   0.50 17.33 ? 55   VAL A C   1 
ATOM   330 C C   B VAL A 1 55 ? 2.565   14.447  1.196   0.50 17.67 ? 55   VAL A C   1 
ATOM   331 O O   A VAL A 1 55 ? 1.874   13.686  1.925   0.50 18.03 ? 55   VAL A O   1 
ATOM   332 O O   B VAL A 1 55 ? 2.239   13.743  2.136   0.50 18.14 ? 55   VAL A O   1 
ATOM   333 C CB  A VAL A 1 55 ? 4.788   14.094  0.324   0.50 17.15 ? 55   VAL A CB  1 
ATOM   334 C CB  B VAL A 1 55 ? 4.845   14.015  0.230   0.50 18.25 ? 55   VAL A CB  1 
ATOM   335 C CG1 A VAL A 1 55 ? 5.078   13.835  1.821   0.50 17.99 ? 55   VAL A CG1 1 
ATOM   336 C CG1 B VAL A 1 55 ? 5.255   15.494  0.228   0.50 19.20 ? 55   VAL A CG1 1 
ATOM   337 C CG2 A VAL A 1 55 ? 5.664   13.207  -0.609  0.50 16.27 ? 55   VAL A CG2 1 
ATOM   338 C CG2 B VAL A 1 55 ? 5.273   13.274  1.505   0.50 18.70 ? 55   VAL A CG2 1 
ATOM   339 N N   . HIS A 1 56 ? 2.311   15.751  1.176   1.00 16.21 ? 56   HIS A N   1 
ATOM   340 C CA  . HIS A 1 56 ? 1.667   16.402  2.310   1.00 17.10 ? 56   HIS A CA  1 
ATOM   341 C C   . HIS A 1 56 ? 0.160   16.282  2.345   1.00 16.55 ? 56   HIS A C   1 
ATOM   342 O O   . HIS A 1 56 ? -0.469  16.468  3.409   1.00 18.53 ? 56   HIS A O   1 
ATOM   343 C CB  . HIS A 1 56 ? 2.105   17.873  2.360   1.00 16.89 ? 56   HIS A CB  1 
ATOM   344 C CG  . HIS A 1 56 ? 3.590   18.035  2.513   1.00 17.85 ? 56   HIS A CG  1 
ATOM   345 N ND1 . HIS A 1 56 ? 4.277   17.542  3.607   1.00 18.20 ? 56   HIS A ND1 1 
ATOM   346 C CD2 . HIS A 1 56 ? 4.513   18.651  1.732   1.00 17.62 ? 56   HIS A CD2 1 
ATOM   347 C CE1 . HIS A 1 56 ? 5.562   17.832  3.483   1.00 19.33 ? 56   HIS A CE1 1 
ATOM   348 N NE2 . HIS A 1 56 ? 5.740   18.503  2.353   1.00 17.64 ? 56   HIS A NE2 1 
ATOM   349 N N   . SER A 1 57 ? -0.409  16.016  1.184   1.00 16.36 ? 57   SER A N   1 
ATOM   350 C CA  . SER A 1 57 ? -1.857  15.965  1.027   1.00 17.53 ? 57   SER A CA  1 
ATOM   351 C C   . SER A 1 57 ? -2.252  14.505  0.882   1.00 17.52 ? 57   SER A C   1 
ATOM   352 O O   . SER A 1 57 ? -2.478  13.789  1.905   1.00 18.15 ? 57   SER A O   1 
ATOM   353 C CB  . SER A 1 57 ? -2.300  16.894  -0.124  1.00 18.18 ? 57   SER A CB  1 
ATOM   354 O OG  . SER A 1 57 ? -1.849  16.544  -1.414  1.00 17.85 ? 57   SER A OG  1 
ATOM   355 N N   . ARG A 1 58 ? -2.189  14.016  -0.349  1.00 18.76 ? 58   ARG A N   1 
ATOM   356 C CA  . ARG A 1 58 ? -2.727  12.665  -0.613  1.00 19.65 ? 58   ARG A CA  1 
ATOM   357 C C   . ARG A 1 58 ? -2.020  11.537  0.163   1.00 19.44 ? 58   ARG A C   1 
ATOM   358 O O   . ARG A 1 58 ? -2.669  10.694  0.790   1.00 20.08 ? 58   ARG A O   1 
ATOM   359 C CB  . ARG A 1 58 ? -2.700  12.388  -2.088  1.00 20.93 ? 58   ARG A CB  1 
ATOM   360 C CG  . ARG A 1 58 ? -3.224  11.049  -2.368  1.00 23.94 ? 58   ARG A CG  1 
ATOM   361 C CD  . ARG A 1 58 ? -3.721  10.942  -3.742  1.00 26.60 ? 58   ARG A CD  1 
ATOM   362 N NE  . ARG A 1 58 ? -3.894  9.533   -3.949  1.00 27.47 ? 58   ARG A NE  1 
ATOM   363 C CZ  . ARG A 1 58 ? -4.971  8.853   -3.599  1.00 25.61 ? 58   ARG A CZ  1 
ATOM   364 N NH1 . ARG A 1 58 ? -4.979  7.551   -3.783  1.00 27.94 ? 58   ARG A NH1 1 
ATOM   365 N NH2 . ARG A 1 58 ? -6.043  9.485   -3.150  1.00 25.02 ? 58   ARG A NH2 1 
ATOM   366 N N   . GLU A 1 59 ? -0.696  11.498  0.124   1.00 18.75 ? 59   GLU A N   1 
ATOM   367 C CA  . GLU A 1 59 ? 0.010   10.402  0.838   1.00 19.48 ? 59   GLU A CA  1 
ATOM   368 C C   . GLU A 1 59 ? -0.280  10.443  2.352   1.00 18.35 ? 59   GLU A C   1 
ATOM   369 O O   . GLU A 1 59 ? -0.497  9.407   2.994   1.00 17.84 ? 59   GLU A O   1 
ATOM   370 C CB  . GLU A 1 59 ? 1.497   10.406  0.529   1.00 20.09 ? 59   GLU A CB  1 
ATOM   371 C CG  . GLU A 1 59 ? 1.764   10.223  -0.986  1.00 20.00 ? 59   GLU A CG  1 
ATOM   372 C CD  . GLU A 1 59 ? 3.226   10.036  -1.310  1.00 21.06 ? 59   GLU A CD  1 
ATOM   373 O OE1 . GLU A 1 59 ? 4.046   9.829   -0.389  1.00 25.48 ? 59   GLU A OE1 1 
ATOM   374 O OE2 . GLU A 1 59 ? 3.577   10.165  -2.502  1.00 26.41 ? 59   GLU A OE2 1 
ATOM   375 N N   . MET A 1 60 ? -0.345  11.654  2.898   1.00 19.63 ? 60   MET A N   1 
ATOM   376 C CA  . MET A 1 60 ? -0.697  11.837  4.281   1.00 21.13 ? 60   MET A CA  1 
ATOM   377 C C   . MET A 1 60 ? -2.107  11.296  4.556   1.00 21.28 ? 60   MET A C   1 
ATOM   378 O O   . MET A 1 60 ? -2.341  10.676  5.593   1.00 22.52 ? 60   MET A O   1 
ATOM   379 C CB  . MET A 1 60 ? -0.602  13.332  4.666   1.00 22.42 ? 60   MET A CB  1 
ATOM   380 C CG  . MET A 1 60 ? -0.594  13.546  6.105   1.00 27.56 ? 60   MET A CG  1 
ATOM   381 S SD  . MET A 1 60 ? 0.866   12.874  6.908   1.00 38.10 ? 60   MET A SD  1 
ATOM   382 C CE  . MET A 1 60 ? 2.118   12.939  5.616   1.00 39.14 ? 60   MET A CE  1 
ATOM   383 N N   . LYS A 1 61 ? -3.041  11.544  3.647   1.00 21.05 ? 61   LYS A N   1 
ATOM   384 C CA  . LYS A 1 61 ? -4.409  11.024  3.757   1.00 22.72 ? 61   LYS A CA  1 
ATOM   385 C C   . LYS A 1 61 ? -4.433  9.463   3.739   1.00 20.67 ? 61   LYS A C   1 
ATOM   386 O O   . LYS A 1 61 ? -5.213  8.832   4.481   1.00 20.58 ? 61   LYS A O   1 
ATOM   387 C CB  . LYS A 1 61 ? -5.323  11.614  2.649   1.00 25.30 ? 61   LYS A CB  1 
ATOM   388 C CG  . LYS A 1 61 ? -5.657  10.737  1.400   1.00 29.65 ? 61   LYS A CG  1 
ATOM   389 C CD  . LYS A 1 61 ? -7.165  10.794  0.925   1.00 29.81 ? 61   LYS A CD  1 
ATOM   390 C CE  . LYS A 1 61 ? -7.573  9.431   0.337   1.00 32.24 ? 61   LYS A CE  1 
ATOM   391 N NZ  . LYS A 1 61 ? -9.064  9.167   0.085   1.00 37.11 ? 61   LYS A NZ  1 
ATOM   392 N N   . VAL A 1 62 ? -3.599  8.862   2.898   1.00 18.50 ? 62   VAL A N   1 
ATOM   393 C CA  . VAL A 1 62 ? -3.499  7.354   2.869   1.00 18.52 ? 62   VAL A CA  1 
ATOM   394 C C   . VAL A 1 62 ? -2.990  6.859   4.229   1.00 17.76 ? 62   VAL A C   1 
ATOM   395 O O   . VAL A 1 62 ? -3.552  5.940   4.797   1.00 17.48 ? 62   VAL A O   1 
ATOM   396 C CB  . VAL A 1 62 ? -2.587  6.874   1.749   1.00 17.64 ? 62   VAL A CB  1 
ATOM   397 C CG1 . VAL A 1 62 ? -2.283  5.350   1.828   1.00 18.67 ? 62   VAL A CG1 1 
ATOM   398 C CG2 . VAL A 1 62 ? -3.199  7.303   0.335   1.00 18.17 ? 62   VAL A CG2 1 
ATOM   399 N N   . ILE A 1 63 ? -1.925  7.487   4.738   1.00 17.71 ? 63   ILE A N   1 
ATOM   400 C CA  . ILE A 1 63 ? -1.401  7.178   6.048   1.00 19.18 ? 63   ILE A CA  1 
ATOM   401 C C   . ILE A 1 63 ? -2.468  7.333   7.148   1.00 20.01 ? 63   ILE A C   1 
ATOM   402 O O   . ILE A 1 63 ? -2.604  6.464   7.980   1.00 18.96 ? 63   ILE A O   1 
ATOM   403 C CB  . ILE A 1 63 ? -0.124  7.973   6.350   1.00 19.23 ? 63   ILE A CB  1 
ATOM   404 C CG1 . ILE A 1 63 ? 0.990   7.568   5.384   1.00 20.03 ? 63   ILE A CG1 1 
ATOM   405 C CG2 . ILE A 1 63 ? 0.313   7.785   7.798   1.00 19.82 ? 63   ILE A CG2 1 
ATOM   406 C CD1 . ILE A 1 63 ? 2.259   8.449   5.471   1.00 21.57 ? 63   ILE A CD1 1 
ATOM   407 N N   . GLU A 1 64 ? -3.251  8.409   7.087   1.00 21.85 ? 64   GLU A N   1 
ATOM   408 C CA  . GLU A 1 64 ? -4.282  8.687   8.087   1.00 23.88 ? 64   GLU A CA  1 
ATOM   409 C C   . GLU A 1 64 ? -5.347  7.619   8.043   1.00 23.26 ? 64   GLU A C   1 
ATOM   410 O O   . GLU A 1 64 ? -5.817  7.175   9.092   1.00 23.61 ? 64   GLU A O   1 
ATOM   411 C CB  . GLU A 1 64 ? -4.916  10.064  7.878   1.00 24.83 ? 64   GLU A CB  1 
ATOM   412 C CG  . GLU A 1 64 ? -3.980  11.179  8.317   1.00 28.66 ? 64   GLU A CG  1 
ATOM   413 C CD  . GLU A 1 64 ? -4.403  12.575  7.840   1.00 29.32 ? 64   GLU A CD  1 
ATOM   414 O OE1 . GLU A 1 64 ? -5.395  12.699  7.066   1.00 38.43 ? 64   GLU A OE1 1 
ATOM   415 O OE2 . GLU A 1 64 ? -3.701  13.546  8.231   1.00 37.05 ? 64   GLU A OE2 1 
ATOM   416 N N   . ARG A 1 65 ? -5.659  7.154   6.852   1.00 22.32 ? 65   ARG A N   1 
ATOM   417 C CA  . ARG A 1 65 ? -6.685  6.170   6.674   1.00 23.31 ? 65   ARG A CA  1 
ATOM   418 C C   . ARG A 1 65 ? -6.313  4.856   7.397   1.00 21.87 ? 65   ARG A C   1 
ATOM   419 O O   . ARG A 1 65 ? -7.090  4.315   8.170   1.00 23.70 ? 65   ARG A O   1 
ATOM   420 C CB  . ARG A 1 65 ? -6.857  5.906   5.212   1.00 25.15 ? 65   ARG A CB  1 
ATOM   421 C CG  . ARG A 1 65 ? -7.870  4.977   4.944   1.00 29.34 ? 65   ARG A CG  1 
ATOM   422 C CD  . ARG A 1 65 ? -8.336  5.197   3.563   1.00 38.20 ? 65   ARG A CD  1 
ATOM   423 N NE  . ARG A 1 65 ? -9.579  4.495   3.367   1.00 31.06 ? 65   ARG A NE  1 
ATOM   424 C CZ  . ARG A 1 65 ? -10.073 4.224   2.175   1.00 33.83 ? 65   ARG A CZ  1 
ATOM   425 N NH1 . ARG A 1 65 ? -9.418  4.588   1.079   1.00 28.41 ? 65   ARG A NH1 1 
ATOM   426 N NH2 . ARG A 1 65 ? -11.213 3.565   2.102   1.00 35.62 ? 65   ARG A NH2 1 
ATOM   427 N N   . TYR A 1 66 ? -5.103  4.398   7.183   1.00 19.31 ? 66   TYR A N   1 
ATOM   428 C CA  . TYR A 1 66 ? -4.643  3.159   7.775   1.00 20.01 ? 66   TYR A CA  1 
ATOM   429 C C   . TYR A 1 66 ? -4.332  3.319   9.271   1.00 20.82 ? 66   TYR A C   1 
ATOM   430 O O   . TYR A 1 66 ? -4.269  2.343   9.985   1.00 19.36 ? 66   TYR A O   1 
ATOM   431 C CB  . TYR A 1 66 ? -3.420  2.631   7.047   1.00 18.66 ? 66   TYR A CB  1 
ATOM   432 C CG  . TYR A 1 66 ? -3.765  1.923   5.757   1.00 16.21 ? 66   TYR A CG  1 
ATOM   433 C CD1 . TYR A 1 66 ? -4.075  0.573   5.770   1.00 18.75 ? 66   TYR A CD1 1 
ATOM   434 C CD2 . TYR A 1 66 ? -3.783  2.587   4.524   1.00 15.34 ? 66   TYR A CD2 1 
ATOM   435 C CE1 . TYR A 1 66 ? -4.404  -0.141  4.603   1.00 18.18 ? 66   TYR A CE1 1 
ATOM   436 C CE2 . TYR A 1 66 ? -4.090  1.885   3.336   1.00 14.96 ? 66   TYR A CE2 1 
ATOM   437 C CZ  . TYR A 1 66 ? -4.405  0.508   3.380   1.00 17.50 ? 66   TYR A CZ  1 
ATOM   438 O OH  . TYR A 1 66 ? -4.732  -0.203  2.209   1.00 16.18 ? 66   TYR A OH  1 
ATOM   439 N N   A SER A 1 67 ? -4.132  4.571   9.693   0.50 21.35 ? 67   SER A N   1 
ATOM   440 N N   B SER A 1 67 ? -4.128  4.554   9.719   0.50 21.59 ? 67   SER A N   1 
ATOM   441 C CA  A SER A 1 67 ? -3.890  4.908   11.116  0.50 22.45 ? 67   SER A CA  1 
ATOM   442 C CA  B SER A 1 67 ? -3.841  4.799   11.148  0.50 22.84 ? 67   SER A CA  1 
ATOM   443 C C   A SER A 1 67 ? -4.989  4.360   12.021  0.50 23.15 ? 67   SER A C   1 
ATOM   444 C C   B SER A 1 67 ? -5.024  4.441   12.055  0.50 23.34 ? 67   SER A C   1 
ATOM   445 O O   A SER A 1 67 ? -4.758  4.121   13.213  0.50 23.98 ? 67   SER A O   1 
ATOM   446 O O   B SER A 1 67 ? -4.888  4.415   13.282  0.50 24.03 ? 67   SER A O   1 
ATOM   447 C CB  A SER A 1 67 ? -3.784  6.424   11.303  0.50 22.40 ? 67   SER A CB  1 
ATOM   448 C CB  B SER A 1 67 ? -3.377  6.239   11.370  0.50 23.14 ? 67   SER A CB  1 
ATOM   449 O OG  A SER A 1 67 ? -5.068  6.980   11.486  0.50 21.43 ? 67   SER A OG  1 
ATOM   450 O OG  B SER A 1 67 ? -2.155  6.478   10.694  0.50 24.94 ? 67   SER A OG  1 
ATOM   451 N N   . GLU A 1 68 ? -6.175  4.159   11.460  1.00 23.96 ? 68   GLU A N   1 
ATOM   452 C CA  . GLU A 1 68 ? -7.264  3.426   12.134  1.00 24.60 ? 68   GLU A CA  1 
ATOM   453 C C   . GLU A 1 68 ? -6.760  2.165   12.884  1.00 23.78 ? 68   GLU A C   1 
ATOM   454 O O   . GLU A 1 68 ? -7.274  1.806   13.944  1.00 25.01 ? 68   GLU A O   1 
ATOM   455 C CB  . GLU A 1 68 ? -8.308  3.025   11.084  1.00 26.53 ? 68   GLU A CB  1 
ATOM   456 C CG  . GLU A 1 68 ? -9.346  2.015   11.546  1.00 28.47 ? 68   GLU A CG  1 
ATOM   457 C CD  . GLU A 1 68 ? -10.692 2.136   10.842  1.00 28.73 ? 68   GLU A CD  1 
ATOM   458 O OE1 . GLU A 1 68 ? -10.771 2.435   9.635   1.00 31.01 ? 68   GLU A OE1 1 
ATOM   459 O OE2 . GLU A 1 68 ? -11.717 1.941   11.521  1.00 38.18 ? 68   GLU A OE2 1 
ATOM   460 N N   . LEU A 1 69 ? -5.753  1.494   12.334  1.00 21.81 ? 69   LEU A N   1 
ATOM   461 C CA  . LEU A 1 69 ? -5.192  0.281   12.907  1.00 22.06 ? 69   LEU A CA  1 
ATOM   462 C C   . LEU A 1 69 ? -4.131  0.511   13.979  1.00 22.06 ? 69   LEU A C   1 
ATOM   463 O O   . LEU A 1 69 ? -3.470  -0.457  14.408  1.00 23.86 ? 69   LEU A O   1 
ATOM   464 C CB  . LEU A 1 69 ? -4.529  -0.541  11.793  1.00 21.84 ? 69   LEU A CB  1 
ATOM   465 C CG  . LEU A 1 69 ? -5.335  -0.973  10.575  1.00 24.27 ? 69   LEU A CG  1 
ATOM   466 C CD1 . LEU A 1 69 ? -4.416  -1.518  9.507   1.00 24.71 ? 69   LEU A CD1 1 
ATOM   467 C CD2 . LEU A 1 69 ? -6.336  -1.990  11.008  1.00 28.75 ? 69   LEU A CD2 1 
ATOM   468 N N   . GLY A 1 70 ? -3.927  1.768   14.351  1.00 21.56 ? 70   GLY A N   1 
ATOM   469 C CA  . GLY A 1 70 ? -2.839  2.162   15.216  1.00 21.84 ? 70   GLY A CA  1 
ATOM   470 C C   . GLY A 1 70 ? -1.530  2.429   14.507  1.00 22.70 ? 70   GLY A C   1 
ATOM   471 O O   . GLY A 1 70 ? -1.452  2.516   13.260  1.00 21.04 ? 70   GLY A O   1 
ATOM   472 N N   . PRO A 1 71 ? -0.456  2.563   15.295  1.00 23.30 ? 71   PRO A N   1 
ATOM   473 C CA  . PRO A 1 71 ? 0.842   2.885   14.728  1.00 22.74 ? 71   PRO A CA  1 
ATOM   474 C C   . PRO A 1 71 ? 1.297   1.927   13.651  1.00 22.36 ? 71   PRO A C   1 
ATOM   475 O O   . PRO A 1 71 ? 1.931   2.355   12.716  1.00 22.99 ? 71   PRO A O   1 
ATOM   476 C CB  . PRO A 1 71 ? 1.782   2.736   15.933  1.00 24.33 ? 71   PRO A CB  1 
ATOM   477 C CG  . PRO A 1 71 ? 0.969   2.891   17.066  1.00 25.28 ? 71   PRO A CG  1 
ATOM   478 C CD  . PRO A 1 71 ? -0.391  2.412   16.761  1.00 24.86 ? 71   PRO A CD  1 
ATOM   479 N N   . ASP A 1 72 ? 0.968   0.638   13.771  1.00 20.96 ? 72   ASP A N   1 
ATOM   480 C CA  . ASP A 1 72 ? 1.387   -0.314  12.754  1.00 21.51 ? 72   ASP A CA  1 
ATOM   481 C C   . ASP A 1 72 ? 0.637   -0.064  11.432  1.00 20.11 ? 72   ASP A C   1 
ATOM   482 O O   . ASP A 1 72 ? 1.176   -0.394  10.355  1.00 21.65 ? 72   ASP A O   1 
ATOM   483 C CB  . ASP A 1 72 ? 1.239   -1.758  13.204  1.00 21.62 ? 72   ASP A CB  1 
ATOM   484 C CG  . ASP A 1 72 ? 2.306   -2.155  14.247  1.00 24.48 ? 72   ASP A CG  1 
ATOM   485 O OD1 . ASP A 1 72 ? 2.048   -3.096  15.004  1.00 28.18 ? 72   ASP A OD1 1 
ATOM   486 O OD2 . ASP A 1 72 ? 3.395   -1.510  14.317  1.00 28.39 ? 72   ASP A OD2 1 
ATOM   487 N N   . GLY A 1 73 ? -0.557  0.535   11.517  1.00 19.41 ? 73   GLY A N   1 
ATOM   488 C CA  . GLY A 1 73 ? -1.300  0.940   10.291  1.00 19.85 ? 73   GLY A CA  1 
ATOM   489 C C   . GLY A 1 73 ? -0.583  2.034   9.506   1.00 19.08 ? 73   GLY A C   1 
ATOM   490 O O   . GLY A 1 73 ? -0.564  2.042   8.258   1.00 19.43 ? 73   GLY A O   1 
ATOM   491 N N   . LYS A 1 74 ? 0.035   2.969   10.216  1.00 19.32 ? 74   LYS A N   1 
ATOM   492 C CA  . LYS A 1 74 ? 0.872   3.987   9.580   1.00 20.41 ? 74   LYS A CA  1 
ATOM   493 C C   . LYS A 1 74 ? 2.007   3.317   8.804   1.00 18.43 ? 74   LYS A C   1 
ATOM   494 O O   . LYS A 1 74 ? 2.272   3.628   7.611   1.00 17.81 ? 74   LYS A O   1 
ATOM   495 C CB  . LYS A 1 74 ? 1.444   4.972   10.631  1.00 21.28 ? 74   LYS A CB  1 
ATOM   496 C CG  . LYS A 1 74 ? 2.508   5.917   10.103  1.00 23.58 ? 74   LYS A CG  1 
ATOM   497 C CD  . LYS A 1 74 ? 3.045   6.920   11.163  1.00 26.49 ? 74   LYS A CD  1 
ATOM   498 C CE  . LYS A 1 74 ? 4.127   7.803   10.542  1.00 30.33 ? 74   LYS A CE  1 
ATOM   499 N NZ  . LYS A 1 74 ? 4.050   9.221   11.008  1.00 35.75 ? 74   LYS A NZ  1 
ATOM   500 N N   . ASP A 1 75 ? 2.678   2.352   9.436   1.00 17.98 ? 75   ASP A N   1 
ATOM   501 C CA  . ASP A 1 75 ? 3.752   1.653   8.752   1.00 18.22 ? 75   ASP A CA  1 
ATOM   502 C C   . ASP A 1 75 ? 3.220   0.886   7.526   1.00 17.06 ? 75   ASP A C   1 
ATOM   503 O O   . ASP A 1 75 ? 3.865   0.855   6.482   1.00 16.68 ? 75   ASP A O   1 
ATOM   504 C CB  . ASP A 1 75 ? 4.445   0.665   9.682   1.00 19.57 ? 75   ASP A CB  1 
ATOM   505 C CG  . ASP A 1 75 ? 5.412   1.340   10.641  1.00 22.28 ? 75   ASP A CG  1 
ATOM   506 O OD1 . ASP A 1 75 ? 5.332   2.565   10.785  1.00 25.53 ? 75   ASP A OD1 1 
ATOM   507 O OD2 . ASP A 1 75 ? 6.300   0.654   11.198  1.00 26.10 ? 75   ASP A OD2 1 
ATOM   508 N N   . LEU A 1 76 ? 2.035   0.277   7.674   1.00 16.80 ? 76   LEU A N   1 
ATOM   509 C CA  . LEU A 1 76 ? 1.420   -0.451  6.530   1.00 16.71 ? 76   LEU A CA  1 
ATOM   510 C C   . LEU A 1 76 ? 1.231   0.513   5.339   1.00 15.72 ? 76   LEU A C   1 
ATOM   511 O O   . LEU A 1 76 ? 1.633   0.236   4.190   1.00 15.67 ? 76   LEU A O   1 
ATOM   512 C CB  . LEU A 1 76 ? 0.071   -1.053  6.926   1.00 16.72 ? 76   LEU A CB  1 
ATOM   513 C CG  . LEU A 1 76 ? -0.707  -1.780  5.838   1.00 18.77 ? 76   LEU A CG  1 
ATOM   514 C CD1 . LEU A 1 76 ? 0.167   -2.772  5.082   1.00 21.29 ? 76   LEU A CD1 1 
ATOM   515 C CD2 . LEU A 1 76 ? -1.945  -2.421  6.470   1.00 21.48 ? 76   LEU A CD2 1 
ATOM   516 N N   . ALA A 1 77 ? 0.616   1.663   5.604   1.00 14.98 ? 77   ALA A N   1 
ATOM   517 C CA  . ALA A 1 77 ? 0.456   2.693   4.546   1.00 16.23 ? 77   ALA A CA  1 
ATOM   518 C C   . ALA A 1 77 ? 1.802   3.063   3.857   1.00 15.84 ? 77   ALA A C   1 
ATOM   519 O O   . ALA A 1 77 ? 1.919   3.148   2.643   1.00 15.40 ? 77   ALA A O   1 
ATOM   520 C CB  . ALA A 1 77 ? -0.172  3.956   5.114   1.00 15.35 ? 77   ALA A CB  1 
ATOM   521 N N   . ILE A 1 78 ? 2.815   3.307   4.674   1.00 16.80 ? 78   ILE A N   1 
ATOM   522 C CA  . ILE A 1 78 ? 4.140   3.652   4.185   1.00 16.60 ? 78   ILE A CA  1 
ATOM   523 C C   . ILE A 1 78 ? 4.659   2.564   3.243   1.00 16.61 ? 78   ILE A C   1 
ATOM   524 O O   . ILE A 1 78 ? 5.128   2.852   2.155   1.00 17.30 ? 78   ILE A O   1 
ATOM   525 C CB  . ILE A 1 78 ? 5.076   3.917   5.364   1.00 17.28 ? 78   ILE A CB  1 
ATOM   526 C CG1 . ILE A 1 78 ? 4.631   5.215   6.094   1.00 17.87 ? 78   ILE A CG1 1 
ATOM   527 C CG2 . ILE A 1 78 ? 6.542   3.954   4.891   1.00 18.70 ? 78   ILE A CG2 1 
ATOM   528 C CD1 . ILE A 1 78 ? 5.216   5.421   7.507   1.00 18.00 ? 78   ILE A CD1 1 
ATOM   529 N N   . LEU A 1 79 ? 4.497   1.309   3.665   1.00 17.35 ? 79   LEU A N   1 
ATOM   530 C CA  . LEU A 1 79 ? 4.945   0.177   2.857   1.00 16.98 ? 79   LEU A CA  1 
ATOM   531 C C   . LEU A 1 79 ? 4.167   0.127   1.534   1.00 15.99 ? 79   LEU A C   1 
ATOM   532 O O   . LEU A 1 79 ? 4.734   -0.085  0.476   1.00 17.60 ? 79   LEU A O   1 
ATOM   533 C CB  . LEU A 1 79 ? 4.782   -1.119  3.644   1.00 18.67 ? 79   LEU A CB  1 
ATOM   534 C CG  . LEU A 1 79 ? 5.372   -2.341  3.002   1.00 22.46 ? 79   LEU A CG  1 
ATOM   535 C CD1 . LEU A 1 79 ? 4.471   -2.823  1.877   1.00 28.75 ? 79   LEU A CD1 1 
ATOM   536 C CD2 . LEU A 1 79 ? 6.817   -2.068  2.545   1.00 27.80 ? 79   LEU A CD2 1 
ATOM   537 N N   . LEU A 1 80 ? 2.847   0.314   1.597   1.00 15.88 ? 80   LEU A N   1 
ATOM   538 C CA  . LEU A 1 80 ? 2.026   0.284   0.348   1.00 15.90 ? 80   LEU A CA  1 
ATOM   539 C C   . LEU A 1 80 ? 2.464   1.401   -0.589  1.00 15.99 ? 80   LEU A C   1 
ATOM   540 O O   . LEU A 1 80 ? 2.572   1.202   -1.781  1.00 15.81 ? 80   LEU A O   1 
ATOM   541 C CB  . LEU A 1 80 ? 0.529   0.375   0.642   1.00 16.60 ? 80   LEU A CB  1 
ATOM   542 C CG  . LEU A 1 80 ? -0.037  -0.831  1.434   1.00 15.12 ? 80   LEU A CG  1 
ATOM   543 C CD1 . LEU A 1 80 ? -1.509  -0.549  1.781   1.00 17.22 ? 80   LEU A CD1 1 
ATOM   544 C CD2 . LEU A 1 80 ? 0.130   -2.148  0.661   1.00 17.68 ? 80   LEU A CD2 1 
ATOM   545 N N   . LEU A 1 81 ? 2.748   2.582   -0.038  1.00 16.25 ? 81   LEU A N   1 
ATOM   546 C CA  . LEU A 1 81 ? 3.264   3.666   -0.890  1.00 17.77 ? 81   LEU A CA  1 
ATOM   547 C C   . LEU A 1 81 ? 4.596   3.259   -1.517  1.00 18.82 ? 81   LEU A C   1 
ATOM   548 O O   . LEU A 1 81 ? 4.824   3.514   -2.702  1.00 20.30 ? 81   LEU A O   1 
ATOM   549 C CB  . LEU A 1 81 ? 3.382   4.946   -0.082  1.00 18.12 ? 81   LEU A CB  1 
ATOM   550 C CG  . LEU A 1 81 ? 2.025   5.540   0.337   1.00 17.29 ? 81   LEU A CG  1 
ATOM   551 C CD1 . LEU A 1 81 ? 2.144   6.488   1.564   1.00 20.52 ? 81   LEU A CD1 1 
ATOM   552 C CD2 . LEU A 1 81 ? 1.289   6.245   -0.822  1.00 17.96 ? 81   LEU A CD2 1 
ATOM   553 N N   . ARG A 1 82 ? 5.471   2.634   -0.724  1.00 20.28 ? 82   ARG A N   1 
ATOM   554 C CA  . ARG A 1 82 ? 6.803   2.179   -1.183  1.00 21.73 ? 82   ARG A CA  1 
ATOM   555 C C   . ARG A 1 82 ? 6.702   1.180   -2.330  1.00 22.29 ? 82   ARG A C   1 
ATOM   556 O O   . ARG A 1 82 ? 7.475   1.240   -3.310  1.00 22.72 ? 82   ARG A O   1 
ATOM   557 C CB  . ARG A 1 82 ? 7.587   1.526   -0.060  1.00 21.79 ? 82   ARG A CB  1 
ATOM   558 C CG  . ARG A 1 82 ? 8.127   2.506   0.931   1.00 23.65 ? 82   ARG A CG  1 
ATOM   559 C CD  . ARG A 1 82 ? 8.812   1.823   2.052   1.00 24.36 ? 82   ARG A CD  1 
ATOM   560 N NE  . ARG A 1 82 ? 9.259   2.784   3.065   1.00 26.51 ? 82   ARG A NE  1 
ATOM   561 C CZ  . ARG A 1 82 ? 10.156  2.502   4.011   1.00 27.69 ? 82   ARG A CZ  1 
ATOM   562 N NH1 . ARG A 1 82 ? 10.682  1.284   4.085   1.00 27.61 ? 82   ARG A NH1 1 
ATOM   563 N NH2 . ARG A 1 82 ? 10.522  3.448   4.874   1.00 25.37 ? 82   ARG A NH2 1 
ATOM   564 N N   . LEU A 1 83 ? 5.727   0.278   -2.215  1.00 22.56 ? 83   LEU A N   1 
ATOM   565 C CA  . LEU A 1 83 ? 5.494   -0.740  -3.276  1.00 24.05 ? 83   LEU A CA  1 
ATOM   566 C C   . LEU A 1 83 ? 5.199   -0.065  -4.606  1.00 24.73 ? 83   LEU A C   1 
ATOM   567 O O   . LEU A 1 83 ? 5.494   -0.614  -5.674  1.00 26.79 ? 83   LEU A O   1 
ATOM   568 C CB  . LEU A 1 83 ? 4.380   -1.712  -2.870  1.00 24.34 ? 83   LEU A CB  1 
ATOM   569 C CG  . LEU A 1 83 ? 4.743   -2.820  -1.882  1.00 24.81 ? 83   LEU A CG  1 
ATOM   570 C CD1 . LEU A 1 83 ? 3.413   -3.491  -1.245  1.00 24.35 ? 83   LEU A CD1 1 
ATOM   571 C CD2 . LEU A 1 83 ? 5.622   -3.887  -2.567  1.00 24.99 ? 83   LEU A CD2 1 
ATOM   572 N N   . GLY A 1 84 ? 4.648   1.136   -4.563  1.00 24.91 ? 84   GLY A N   1 
ATOM   573 C CA  . GLY A 1 84 ? 4.358   1.883   -5.773  1.00 26.90 ? 84   GLY A CA  1 
ATOM   574 C C   . GLY A 1 84 ? 5.539   2.565   -6.437  1.00 28.29 ? 84   GLY A C   1 
ATOM   575 O O   . GLY A 1 84 ? 5.424   3.019   -7.579  1.00 31.10 ? 84   GLY A O   1 
ATOM   576 N N   . ARG A 1 85 ? 6.676   2.641   -5.753  1.00 28.97 ? 85   ARG A N   1 
ATOM   577 C CA  . ARG A 1 85 ? 7.743   3.551   -6.166  1.00 29.90 ? 85   ARG A CA  1 
ATOM   578 C C   . ARG A 1 85 ? 8.934   2.923   -6.884  1.00 30.59 ? 85   ARG A C   1 
ATOM   579 O O   . ARG A 1 85 ? 9.866   3.639   -7.283  1.00 31.32 ? 85   ARG A O   1 
ATOM   580 C CB  . ARG A 1 85 ? 8.200   4.388   -4.966  1.00 29.93 ? 85   ARG A CB  1 
ATOM   581 C CG  . ARG A 1 85 ? 7.194   5.510   -4.655  1.00 30.80 ? 85   ARG A CG  1 
ATOM   582 C CD  . ARG A 1 85 ? 7.809   6.686   -3.918  1.00 31.99 ? 85   ARG A CD  1 
ATOM   583 N NE  . ARG A 1 85 ? 8.341   6.295   -2.617  1.00 35.91 ? 85   ARG A NE  1 
ATOM   584 C CZ  . ARG A 1 85 ? 7.625   6.156   -1.483  1.00 35.69 ? 85   ARG A CZ  1 
ATOM   585 N NH1 . ARG A 1 85 ? 6.328   6.339   -1.468  1.00 35.02 ? 85   ARG A NH1 1 
ATOM   586 N NH2 . ARG A 1 85 ? 8.223   5.819   -0.343  1.00 33.93 ? 85   ARG A NH2 1 
ATOM   587 N N   . GLY A 1 86 ? 8.920   1.620   -7.082  1.00 30.73 ? 86   GLY A N   1 
ATOM   588 C CA  . GLY A 1 86 ? 9.964   1.051   -7.920  1.00 31.57 ? 86   GLY A CA  1 
ATOM   589 C C   . GLY A 1 86 ? 11.186  0.635   -7.114  1.00 31.38 ? 86   GLY A C   1 
ATOM   590 O O   . GLY A 1 86 ? 11.462  1.156   -6.015  1.00 29.86 ? 86   GLY A O   1 
ATOM   591 N N   . ARG A 1 87 ? 11.849  -0.368  -7.663  1.00 32.07 ? 87   ARG A N   1 
ATOM   592 C CA  . ARG A 1 87 ? 13.098  -0.915  -7.160  1.00 33.07 ? 87   ARG A CA  1 
ATOM   593 C C   . ARG A 1 87 ? 13.884  -1.396  -8.378  1.00 33.20 ? 87   ARG A C   1 
ATOM   594 O O   . ARG A 1 87 ? 13.308  -1.643  -9.449  1.00 31.70 ? 87   ARG A O   1 
ATOM   595 C CB  . ARG A 1 87 ? 12.851  -2.113  -6.247  1.00 33.40 ? 87   ARG A CB  1 
ATOM   596 C CG  . ARG A 1 87 ? 12.108  -1.790  -4.967  1.00 34.11 ? 87   ARG A CG  1 
ATOM   597 C CD  . ARG A 1 87 ? 12.207  -2.940  -4.003  1.00 34.90 ? 87   ARG A CD  1 
ATOM   598 N NE  . ARG A 1 87 ? 13.566  -3.085  -3.528  1.00 36.92 ? 87   ARG A NE  1 
ATOM   599 C CZ  . ARG A 1 87 ? 14.116  -2.348  -2.560  1.00 35.58 ? 87   ARG A CZ  1 
ATOM   600 N NH1 . ARG A 1 87 ? 13.407  -1.423  -1.935  1.00 36.48 ? 87   ARG A NH1 1 
ATOM   601 N NH2 . ARG A 1 87 ? 15.394  -2.546  -2.227  1.00 37.07 ? 87   ARG A NH2 1 
ATOM   602 N N   . LEU A 1 88 ? 15.190  -1.590  -8.204  1.00 33.41 ? 88   LEU A N   1 
ATOM   603 C CA  . LEU A 1 88 ? 16.043  -1.922  -9.331  1.00 34.31 ? 88   LEU A CA  1 
ATOM   604 C C   . LEU A 1 88 ? 16.299  -3.411  -9.524  1.00 35.63 ? 88   LEU A C   1 
ATOM   605 O O   . LEU A 1 88 ? 16.374  -4.157  -8.573  1.00 35.76 ? 88   LEU A O   1 
ATOM   606 C CB  . LEU A 1 88 ? 17.376  -1.202  -9.197  1.00 33.51 ? 88   LEU A CB  1 
ATOM   607 C CG  . LEU A 1 88 ? 17.269  0.305   -9.130  1.00 30.81 ? 88   LEU A CG  1 
ATOM   608 C CD1 . LEU A 1 88 ? 18.636  0.952   -9.150  1.00 29.59 ? 88   LEU A CD1 1 
ATOM   609 C CD2 . LEU A 1 88 ? 16.380  0.855   -10.269 1.00 31.09 ? 88   LEU A CD2 1 
ATOM   610 N N   . GLY A 1 89 ? 16.441  -3.782  -10.792 1.00 37.35 ? 89   GLY A N   1 
ATOM   611 C CA  . GLY A 1 89 ? 16.825  -5.127  -11.226 1.00 37.52 ? 89   GLY A CA  1 
ATOM   612 C C   . GLY A 1 89 ? 18.150  -5.100  -11.984 1.00 38.29 ? 89   GLY A C   1 
ATOM   613 O O   . GLY A 1 89 ? 18.791  -6.157  -12.137 1.00 39.82 ? 89   GLY A O   1 
HETATM 614 C C1  . MLT B 2 .  ? -0.484  5.611   -3.697  1.00 26.19 ? 1090 MLT A C1  1 
HETATM 615 O O1  . MLT B 2 .  ? 0.490   4.881   -4.013  1.00 26.24 ? 1090 MLT A O1  1 
HETATM 616 O O2  . MLT B 2 .  ? -1.088  5.440   -2.659  1.00 25.86 ? 1090 MLT A O2  1 
HETATM 617 C C2  . MLT B 2 .  ? -1.009  6.771   -4.466  1.00 27.98 ? 1090 MLT A C2  1 
HETATM 618 O O3  . MLT B 2 .  ? -2.010  7.406   -3.601  1.00 27.84 ? 1090 MLT A O3  1 
HETATM 619 C C3  . MLT B 2 .  ? 0.178   7.667   -4.790  1.00 26.79 ? 1090 MLT A C3  1 
HETATM 620 C C4  . MLT B 2 .  ? -0.248  8.960   -5.506  1.00 26.34 ? 1090 MLT A C4  1 
HETATM 621 O O4  . MLT B 2 .  ? 0.619   9.707   -6.019  1.00 25.68 ? 1090 MLT A O4  1 
HETATM 622 O O5  . MLT B 2 .  ? -1.441  9.292   -5.651  1.00 26.59 ? 1090 MLT A O5  1 
HETATM 623 O O   . HOH C 3 .  ? 0.105   -22.710 18.542  1.00 32.57 ? 2001 HOH A O   1 
HETATM 624 O O   . HOH C 3 .  ? -5.830  -22.295 4.058   1.00 32.42 ? 2002 HOH A O   1 
HETATM 625 O O   . HOH C 3 .  ? -12.439 -14.610 8.116   1.00 39.91 ? 2003 HOH A O   1 
HETATM 626 O O   . HOH C 3 .  ? -3.329  -11.979 -7.873  1.00 34.83 ? 2004 HOH A O   1 
HETATM 627 O O   . HOH C 3 .  ? -0.221  -17.084 4.790   1.00 22.97 ? 2005 HOH A O   1 
HETATM 628 O O   . HOH C 3 .  ? -3.387  -14.475 -4.032  1.00 26.11 ? 2006 HOH A O   1 
HETATM 629 O O   . HOH C 3 .  ? -3.705  -9.457  -8.242  1.00 29.55 ? 2007 HOH A O   1 
HETATM 630 O O   . HOH C 3 .  ? -5.989  14.955  -1.609  1.00 47.00 ? 2008 HOH A O   1 
HETATM 631 O O   . HOH C 3 .  ? -1.883  -13.004 -5.976  1.00 34.54 ? 2009 HOH A O   1 
HETATM 632 O O   . HOH C 3 .  ? -15.522 2.227   -0.270  1.00 48.28 ? 2010 HOH A O   1 
HETATM 633 O O   . HOH C 3 .  ? 6.092   -4.345  16.902  0.50 36.95 ? 2011 HOH A O   1 
HETATM 634 O O   . HOH C 3 .  ? 3.351   6.072   -6.971  1.00 29.65 ? 2012 HOH A O   1 
HETATM 635 O O   . HOH C 3 .  ? 5.964   -4.899  -6.633  1.00 53.19 ? 2013 HOH A O   1 
HETATM 636 O O   . HOH C 3 .  ? 7.358   20.157  -7.468  1.00 60.61 ? 2014 HOH A O   1 
HETATM 637 O O   . HOH C 3 .  ? 0.826   16.078  -9.008  1.00 32.21 ? 2015 HOH A O   1 
HETATM 638 O O   . HOH C 3 .  ? 7.714   16.158  -6.670  1.00 31.61 ? 2016 HOH A O   1 
HETATM 639 O O   . HOH C 3 .  ? 3.046   11.710  3.782   1.00 31.18 ? 2017 HOH A O   1 
HETATM 640 O O   . HOH C 3 .  ? 0.464   17.124  5.939   1.00 31.85 ? 2018 HOH A O   1 
HETATM 641 O O   . HOH C 3 .  ? 3.361   16.077  5.834   1.00 37.83 ? 2019 HOH A O   1 
HETATM 642 O O   . HOH C 3 .  ? -7.131  12.326  -2.847  1.00 37.82 ? 2020 HOH A O   1 
HETATM 643 O O   . HOH C 3 .  ? 4.608   7.796   -3.474  1.00 37.25 ? 2021 HOH A O   1 
HETATM 644 O O   . HOH C 3 .  ? 4.487   9.821   2.537   1.00 33.20 ? 2022 HOH A O   1 
HETATM 645 O O   . HOH C 3 .  ? -11.084 4.280   5.864   1.00 36.11 ? 2023 HOH A O   1 
HETATM 646 O O   . HOH C 3 .  ? -12.693 4.201   -0.365  1.00 35.31 ? 2024 HOH A O   1 
HETATM 647 O O   . HOH C 3 .  ? -9.854  4.315   8.342   1.00 34.75 ? 2025 HOH A O   1 
HETATM 648 O O   . HOH C 3 .  ? -0.908  -0.688  15.507  1.00 22.32 ? 2026 HOH A O   1 
HETATM 649 O O   . HOH C 3 .  ? 3.479   -3.671  17.015  1.00 32.57 ? 2027 HOH A O   1 
HETATM 650 O O   . HOH C 3 .  ? -0.258  -3.315  16.188  1.00 29.83 ? 2028 HOH A O   1 
HETATM 651 O O   . HOH C 3 .  ? 5.707   -1.567  12.591  1.00 32.79 ? 2029 HOH A O   1 
HETATM 652 O O   . HOH C 3 .  ? 0.927   0.302   -3.771  1.00 17.88 ? 2030 HOH A O   1 
HETATM 653 O O   . HOH C 3 .  ? 8.981   5.675   2.885   1.00 37.48 ? 2031 HOH A O   1 
HETATM 654 O O   . HOH C 3 .  ? 8.176   -1.219  -6.149  1.00 37.40 ? 2032 HOH A O   1 
HETATM 655 O O   . HOH C 3 .  ? 9.508   8.261   0.074   0.50 40.01 ? 2033 HOH A O   1 
HETATM 656 O O   . HOH C 3 .  ? 19.497  -8.938  -12.423 1.00 48.22 ? 2034 HOH A O   1 
HETATM 657 O O   . HOH C 3 .  ? 2.863   9.127   -7.370  1.00 34.32 ? 2035 HOH A O   1 
HETATM 658 O O   . HOH C 3 .  ? 3.208   5.177   -4.406  1.00 28.54 ? 2036 HOH A O   1 
HETATM 659 O O   . HOH C 3 .  ? 2.226   11.432  -4.607  1.00 24.71 ? 2037 HOH A O   1 
# 
loop_
_atom_site_anisotrop.id 
_atom_site_anisotrop.type_symbol 
_atom_site_anisotrop.pdbx_label_atom_id 
_atom_site_anisotrop.pdbx_label_alt_id 
_atom_site_anisotrop.pdbx_label_comp_id 
_atom_site_anisotrop.pdbx_label_asym_id 
_atom_site_anisotrop.pdbx_label_seq_id 
_atom_site_anisotrop.pdbx_PDB_ins_code 
_atom_site_anisotrop.U[1][1] 
_atom_site_anisotrop.U[2][2] 
_atom_site_anisotrop.U[3][3] 
_atom_site_anisotrop.U[1][2] 
_atom_site_anisotrop.U[1][3] 
_atom_site_anisotrop.U[2][3] 
_atom_site_anisotrop.pdbx_auth_seq_id 
_atom_site_anisotrop.pdbx_auth_comp_id 
_atom_site_anisotrop.pdbx_auth_asym_id 
_atom_site_anisotrop.pdbx_auth_atom_id 
1   N N   . GLU A 13 ? 0.4779 0.4897 0.5034 -0.0123 0.0072  0.0107  13   GLU A N   
2   C CA  . GLU A 13 ? 0.4514 0.4676 0.4763 -0.0137 0.0061  0.0089  13   GLU A CA  
3   C C   . GLU A 13 ? 0.4388 0.4531 0.4541 -0.0087 -0.0011 0.0147  13   GLU A C   
4   O O   . GLU A 13 ? 0.4153 0.4500 0.4363 -0.0039 -0.0076 0.0130  13   GLU A O   
5   C CB  . GLU A 13 ? 0.4731 0.4738 0.4957 -0.0156 0.0025  0.0037  13   GLU A CB  
6   C CG  . GLU A 13 ? 0.4962 0.4972 0.5205 -0.0074 0.0093  -0.0075 13   GLU A CG  
7   C CD  . GLU A 13 ? 0.6193 0.5945 0.6681 0.0569  0.0486  0.0362  13   GLU A CD  
8   O OE1 . GLU A 13 ? 0.4813 0.5590 0.5157 -0.0133 -0.0981 -0.0791 13   GLU A OE1 
9   O OE2 . GLU A 13 ? 0.6537 0.5048 0.6610 -0.0004 -0.0051 -0.0207 13   GLU A OE2 
10  N N   . ILE A 14 ? 0.4237 0.4326 0.4272 -0.0019 0.0001  0.0204  14   ILE A N   
11  C CA  . ILE A 14 ? 0.4096 0.4070 0.4101 0.0029  -0.0005 0.0123  14   ILE A CA  
12  C C   . ILE A 14 ? 0.3782 0.3720 0.3942 -0.0016 -0.0014 0.0234  14   ILE A C   
13  O O   . ILE A 14 ? 0.3129 0.3152 0.3751 -0.0087 0.0005  0.0431  14   ILE A O   
14  C CB  . ILE A 14 ? 0.4092 0.4158 0.4140 0.0064  0.0011  0.0124  14   ILE A CB  
15  C CG1 . ILE A 14 ? 0.4280 0.4134 0.4276 0.0033  -0.0103 0.0048  14   ILE A CG1 
16  C CG2 . ILE A 14 ? 0.4079 0.4030 0.4066 0.0105  -0.0094 -0.0045 14   ILE A CG2 
17  C CD1 . ILE A 14 ? 0.4250 0.4238 0.4119 0.0044  -0.0117 0.0114  14   ILE A CD1 
18  N N   . ASP A 15 ? 0.3850 0.3620 0.3807 -0.0057 0.0022  0.0263  15   ASP A N   
19  C CA  . ASP A 15 ? 0.3924 0.3642 0.3952 -0.0022 0.0014  0.0096  15   ASP A CA  
20  C C   . ASP A 15 ? 0.3892 0.3446 0.3847 -0.0065 0.0049  0.0054  15   ASP A C   
21  O O   . ASP A 15 ? 0.3925 0.3206 0.4129 -0.0132 0.0111  0.0168  15   ASP A O   
22  C CB  . ASP A 15 ? 0.4219 0.3780 0.3985 -0.0016 0.0054  0.0118  15   ASP A CB  
23  C CG  . ASP A 15 ? 0.4298 0.3896 0.4270 0.0066  -0.0020 0.0066  15   ASP A CG  
24  O OD1 . ASP A 15 ? 0.4685 0.3848 0.4391 0.0080  -0.0358 0.0022  15   ASP A OD1 
25  O OD2 . ASP A 15 ? 0.4927 0.4207 0.4509 0.0034  -0.0095 0.0262  15   ASP A OD2 
26  N N   . THR A 16 ? 0.3795 0.3475 0.3865 -0.0119 -0.0012 0.0158  16   THR A N   
27  C CA  . THR A 16 ? 0.3641 0.3396 0.3787 -0.0179 0.0044  0.0135  16   THR A CA  
28  C C   . THR A 16 ? 0.3270 0.3220 0.3470 -0.0225 0.0035  0.0154  16   THR A C   
29  O O   . THR A 16 ? 0.2992 0.3423 0.3448 -0.0459 -0.0187 0.0165  16   THR A O   
30  C CB  . THR A 16 ? 0.3773 0.3571 0.3943 -0.0155 0.0063  0.0134  16   THR A CB  
31  O OG1 . THR A 16 ? 0.4462 0.3852 0.4317 -0.0549 0.0256  0.0276  16   THR A OG1 
32  C CG2 . THR A 16 ? 0.3784 0.3851 0.4131 -0.0192 0.0001  0.0220  16   THR A CG2 
33  N N   . LEU A 17 ? 0.2954 0.3107 0.3042 -0.0179 0.0196  0.0279  17   LEU A N   
34  C CA  . LEU A 17 ? 0.2647 0.2936 0.2919 -0.0035 0.0144  0.0179  17   LEU A CA  
35  C C   . LEU A 17 ? 0.2457 0.2699 0.2739 -0.0064 0.0063  0.0202  17   LEU A C   
36  O O   . LEU A 17 ? 0.2236 0.2611 0.2669 0.0121  0.0068  0.0317  17   LEU A O   
37  C CB  . LEU A 17 ? 0.2641 0.3016 0.2947 -0.0026 0.0184  0.0256  17   LEU A CB  
38  C CG  . LEU A 17 ? 0.2868 0.3184 0.3210 0.0102  0.0269  0.0230  17   LEU A CG  
39  C CD1 . LEU A 17 ? 0.2519 0.3396 0.2912 0.0360  0.0488  0.0256  17   LEU A CD1 
40  C CD2 . LEU A 17 ? 0.2592 0.3890 0.3793 0.0427  0.0442  0.0397  17   LEU A CD2 
41  N N   . ARG A 18 ? 0.2396 0.2437 0.2638 -0.0125 0.0092  0.0185  18   ARG A N   
42  C CA  . ARG A 18 ? 0.2491 0.2494 0.2560 0.0005  0.0073  0.0154  18   ARG A CA  
43  C C   . ARG A 18 ? 0.2520 0.2466 0.2676 -0.0036 0.0028  0.0179  18   ARG A C   
44  O O   . ARG A 18 ? 0.2579 0.2389 0.2629 -0.0132 -0.0001 0.0506  18   ARG A O   
45  C CB  . ARG A 18 ? 0.2314 0.2437 0.2327 0.0002  0.0075  0.0146  18   ARG A CB  
46  C CG  . ARG A 18 ? 0.2534 0.2601 0.2321 0.0174  0.0125  0.0075  18   ARG A CG  
47  C CD  . ARG A 18 ? 0.2590 0.2761 0.2544 0.0056  0.0052  0.0199  18   ARG A CD  
48  N NE  . ARG A 18 ? 0.2895 0.3091 0.2438 -0.0003 -0.0117 0.0221  18   ARG A NE  
49  C CZ  . ARG A 18 ? 0.3093 0.3270 0.2778 0.0156  -0.0104 0.0117  18   ARG A CZ  
50  N NH1 . ARG A 18 ? 0.3613 0.3285 0.2771 0.0096  -0.0375 0.0299  18   ARG A NH1 
51  N NH2 . ARG A 18 ? 0.3231 0.3123 0.2845 0.0087  -0.0220 0.0139  18   ARG A NH2 
52  N N   . GLU A 19 ? 0.2628 0.2450 0.2827 -0.0106 -0.0099 0.0164  19   GLU A N   
53  C CA  . GLU A 19 ? 0.2851 0.2824 0.3018 -0.0165 -0.0078 0.0032  19   GLU A CA  
54  C C   . GLU A 19 ? 0.2583 0.2721 0.2857 -0.0335 -0.0169 -0.0002 19   GLU A C   
55  O O   . GLU A 19 ? 0.2740 0.2736 0.2947 -0.0386 -0.0066 0.0092  19   GLU A O   
56  C CB  . GLU A 19 ? 0.3118 0.2835 0.3158 -0.0173 -0.0172 -0.0008 19   GLU A CB  
57  C CG  . GLU A 19 ? 0.3686 0.3038 0.3821 -0.0074 -0.0048 0.0021  19   GLU A CG  
58  C CD  . GLU A 19 ? 0.3556 0.3093 0.4145 -0.0117 0.0086  0.0231  19   GLU A CD  
59  O OE1 . GLU A 19 ? 0.4311 0.4510 0.5585 -0.0495 0.0108  -0.0135 19   GLU A OE1 
60  O OE2 . GLU A 19 ? 0.5362 0.3647 0.5689 -0.0039 0.0351  0.0249  19   GLU A OE2 
61  N N   . GLU A 20 ? 0.2513 0.2635 0.2885 -0.0399 -0.0118 0.0102  20   GLU A N   
62  C CA  . GLU A 20 ? 0.2405 0.2718 0.2730 -0.0255 -0.0146 0.0071  20   GLU A CA  
63  C C   . GLU A 20 ? 0.2303 0.2537 0.2414 -0.0168 -0.0080 0.0107  20   GLU A C   
64  O O   . GLU A 20 ? 0.2001 0.2830 0.2240 -0.0194 -0.0364 0.0300  20   GLU A O   
65  C CB  . GLU A 20 ? 0.2523 0.2747 0.2915 -0.0311 -0.0063 0.0113  20   GLU A CB  
66  C CG  . GLU A 20 ? 0.2498 0.3010 0.2971 -0.0233 -0.0158 0.0257  20   GLU A CG  
67  C CD  . GLU A 20 ? 0.2831 0.3610 0.3093 -0.0085 -0.0309 0.0221  20   GLU A CD  
68  O OE1 . GLU A 20 ? 0.3108 0.4365 0.3320 -0.0067 -0.0590 -0.0160 20   GLU A OE1 
69  O OE2 . GLU A 20 ? 0.3100 0.4060 0.3325 -0.0062 -0.0571 0.0668  20   GLU A OE2 
70  N N   . ILE A 21 ? 0.1921 0.2435 0.2148 -0.0035 -0.0048 0.0208  21   ILE A N   
71  C CA  . ILE A 21 ? 0.2008 0.2313 0.2189 -0.0033 -0.0130 0.0044  21   ILE A CA  
72  C C   . ILE A 21 ? 0.1695 0.2136 0.2075 -0.0080 -0.0238 0.0058  21   ILE A C   
73  O O   . ILE A 21 ? 0.2252 0.1758 0.1948 -0.0005 -0.0313 -0.0062 21   ILE A O   
74  C CB  . ILE A 21 ? 0.1968 0.2433 0.2203 -0.0089 -0.0042 0.0109  21   ILE A CB  
75  C CG1 . ILE A 21 ? 0.2473 0.2726 0.2420 -0.0038 0.0122  -0.0053 21   ILE A CG1 
76  C CG2 . ILE A 21 ? 0.1869 0.2617 0.1908 -0.0200 -0.0010 0.0247  21   ILE A CG2 
77  C CD1 . ILE A 21 ? 0.2984 0.2618 0.2389 -0.0333 0.0459  -0.0228 21   ILE A CD1 
78  N N   . ASP A 22 ? 0.1847 0.1986 0.1955 0.0013  -0.0155 -0.0056 22   ASP A N   
79  C CA  . ASP A 22 ? 0.2226 0.2330 0.2209 -0.0055 -0.0043 0.0048  22   ASP A CA  
80  C C   . ASP A 22 ? 0.2140 0.2372 0.2051 -0.0170 -0.0096 -0.0061 22   ASP A C   
81  O O   . ASP A 22 ? 0.2008 0.2497 0.2259 -0.0421 -0.0043 0.0063  22   ASP A O   
82  C CB  . ASP A 22 ? 0.2373 0.2466 0.2471 0.0053  -0.0085 0.0054  22   ASP A CB  
83  C CG  . ASP A 22 ? 0.2532 0.2629 0.2528 0.0212  -0.0145 0.0046  22   ASP A CG  
84  O OD1 . ASP A 22 ? 0.3556 0.2732 0.3772 0.0048  -0.0216 0.0473  22   ASP A OD1 
85  O OD2 . ASP A 22 ? 0.2422 0.2905 0.3063 0.0284  -0.0458 0.0052  22   ASP A OD2 
86  N N   . ARG A 23 ? 0.2251 0.2508 0.2195 -0.0179 -0.0170 0.0029  23   ARG A N   
87  C CA  . ARG A 23 ? 0.2386 0.2625 0.2466 -0.0151 -0.0155 0.0049  23   ARG A CA  
88  C C   . ARG A 23 ? 0.2182 0.2549 0.2350 -0.0145 -0.0162 0.0175  23   ARG A C   
89  O O   . ARG A 23 ? 0.2428 0.2765 0.2167 -0.0655 -0.0380 0.0273  23   ARG A O   
90  C CB  . ARG A 23 ? 0.2488 0.2830 0.2525 -0.0142 -0.0183 0.0054  23   ARG A CB  
91  C CG  . ARG A 23 ? 0.2868 0.2926 0.3020 -0.0321 -0.0036 0.0002  23   ARG A CG  
92  C CD  . ARG A 23 ? 0.2863 0.3501 0.3547 -0.0441 -0.0113 -0.0021 23   ARG A CD  
93  N NE  . ARG A 23 ? 0.3558 0.3628 0.4063 -0.0398 0.0060  0.0447  23   ARG A NE  
94  C CZ  . ARG A 23 ? 0.4236 0.4054 0.4034 -0.0292 -0.0062 0.0368  23   ARG A CZ  
95  N NH1 . ARG A 23 ? 0.4238 0.3435 0.3893 -0.0113 0.0318  0.0473  23   ARG A NH1 
96  N NH2 . ARG A 23 ? 0.4278 0.4217 0.4389 -0.0192 -0.0209 0.0341  23   ARG A NH2 
97  N N   . LEU A 24 ? 0.2033 0.2327 0.2112 -0.0197 -0.0098 0.0204  24   LEU A N   
98  C CA  . LEU A 24 ? 0.1943 0.2354 0.2053 -0.0108 -0.0041 0.0119  24   LEU A CA  
99  C C   . LEU A 24 ? 0.1835 0.2212 0.2070 -0.0244 -0.0103 0.0145  24   LEU A C   
100 O O   . LEU A 24 ? 0.1639 0.2594 0.2118 -0.0235 -0.0100 0.0240  24   LEU A O   
101 C CB  . LEU A 24 ? 0.1903 0.2396 0.1936 -0.0087 0.0048  0.0155  24   LEU A CB  
102 C CG  . LEU A 24 ? 0.1782 0.2505 0.2082 0.0203  -0.0060 0.0067  24   LEU A CG  
103 C CD1 . LEU A 24 ? 0.2469 0.2747 0.1969 0.0424  -0.0129 0.0383  24   LEU A CD1 
104 C CD2 . LEU A 24 ? 0.2339 0.2658 0.2705 0.0356  -0.0304 0.0469  24   LEU A CD2 
105 N N   . ASP A 25 ? 0.1901 0.2136 0.2039 -0.0337 -0.0004 0.0234  25   ASP A N   
106 C CA  . ASP A 25 ? 0.1773 0.1986 0.1884 -0.0205 -0.0081 0.0086  25   ASP A CA  
107 C C   . ASP A 25 ? 0.1941 0.1864 0.1813 -0.0210 -0.0064 0.0082  25   ASP A C   
108 O O   . ASP A 25 ? 0.2089 0.1631 0.1739 -0.0465 -0.0166 0.0068  25   ASP A O   
109 C CB  . ASP A 25 ? 0.1936 0.2019 0.1901 -0.0109 -0.0118 0.0196  25   ASP A CB  
110 C CG  . ASP A 25 ? 0.1782 0.1873 0.1806 -0.0136 0.0074  0.0184  25   ASP A CG  
111 O OD1 . ASP A 25 ? 0.1889 0.1991 0.2061 0.0164  -0.0230 0.0204  25   ASP A OD1 
112 O OD2 . ASP A 25 ? 0.2365 0.2077 0.1668 -0.0173 -0.0024 0.0045  25   ASP A OD2 
113 N N   . ALA A 26 ? 0.2114 0.1865 0.1916 -0.0183 -0.0094 0.0071  26   ALA A N   
114 C CA  . ALA A 26 ? 0.2042 0.1847 0.1850 -0.0160 -0.0174 -0.0017 26   ALA A CA  
115 C C   . ALA A 26 ? 0.1992 0.1796 0.1698 -0.0163 -0.0208 -0.0036 26   ALA A C   
116 O O   . ALA A 26 ? 0.1849 0.1979 0.1810 -0.0333 -0.0035 0.0053  26   ALA A O   
117 C CB  . ALA A 26 ? 0.2639 0.1861 0.2174 -0.0279 -0.0175 -0.0205 26   ALA A CB  
118 N N   . GLU A 27 ? 0.1918 0.1790 0.1602 -0.0158 -0.0170 -0.0006 27   GLU A N   
119 C CA  . GLU A 27 ? 0.1915 0.1893 0.1705 -0.0069 -0.0114 -0.0038 27   GLU A CA  
120 C C   . GLU A 27 ? 0.1828 0.1855 0.1784 0.0008  -0.0142 -0.0028 27   GLU A C   
121 O O   . GLU A 27 ? 0.1785 0.2246 0.1707 -0.0066 -0.0242 0.0169  27   GLU A O   
122 C CB  . GLU A 27 ? 0.2252 0.2178 0.1829 -0.0168 0.0018  0.0009  27   GLU A CB  
123 C CG  . GLU A 27 ? 0.2575 0.2300 0.1762 -0.0170 -0.0176 -0.0367 27   GLU A CG  
124 C CD  . GLU A 27 ? 0.2046 0.2382 0.1762 -0.0056 -0.0174 -0.0073 27   GLU A CD  
125 O OE1 . GLU A 27 ? 0.2240 0.2032 0.2055 -0.0118 -0.0220 -0.0302 27   GLU A OE1 
126 O OE2 . GLU A 27 ? 0.2155 0.2321 0.2491 0.0104  0.0118  -0.0143 27   GLU A OE2 
127 N N   . ILE A 28 ? 0.1671 0.1793 0.1633 -0.0080 -0.0078 -0.0075 28   ILE A N   
128 C CA  . ILE A 28 ? 0.1791 0.1640 0.1676 0.0049  -0.0195 -0.0068 28   ILE A CA  
129 C C   . ILE A 28 ? 0.1821 0.1642 0.1488 -0.0059 -0.0256 -0.0034 28   ILE A C   
130 O O   . ILE A 28 ? 0.1913 0.1454 0.1718 0.0078  -0.0242 -0.0054 28   ILE A O   
131 C CB  . ILE A 28 ? 0.1706 0.1604 0.1448 -0.0047 -0.0060 0.0075  28   ILE A CB  
132 C CG1 . ILE A 28 ? 0.1676 0.1563 0.1706 0.0105  0.0057  -0.0041 28   ILE A CG1 
133 C CG2 . ILE A 28 ? 0.1596 0.1688 0.1467 -0.0165 -0.0132 -0.0079 28   ILE A CG2 
134 C CD1 . ILE A 28 ? 0.2096 0.2040 0.1717 0.0042  -0.0330 -0.0087 28   ILE A CD1 
135 N N   . LEU A 29 ? 0.1840 0.1674 0.1641 0.0025  -0.0091 0.0112  29   LEU A N   
136 C CA  . LEU A 29 ? 0.1939 0.1803 0.1923 0.0104  -0.0041 -0.0085 29   LEU A CA  
137 C C   . LEU A 29 ? 0.1929 0.1742 0.1964 0.0091  -0.0013 -0.0057 29   LEU A C   
138 O O   . LEU A 29 ? 0.1908 0.1683 0.2309 -0.0018 -0.0278 0.0138  29   LEU A O   
139 C CB  . LEU A 29 ? 0.1992 0.1773 0.1951 0.0028  0.0110  0.0088  29   LEU A CB  
140 C CG  . LEU A 29 ? 0.2347 0.2126 0.2127 0.0117  0.0099  -0.0014 29   LEU A CG  
141 C CD1 . LEU A 29 ? 0.2131 0.2858 0.2978 -0.0390 0.0400  -0.0027 29   LEU A CD1 
142 C CD2 . LEU A 29 ? 0.2588 0.2197 0.2654 0.0355  0.0353  -0.0481 29   LEU A CD2 
143 N N   . ALA A 30 ? 0.1754 0.1757 0.1941 0.0063  -0.0106 -0.0086 30   ALA A N   
144 C CA  . ALA A 30 ? 0.1895 0.1921 0.1932 0.0063  -0.0052 -0.0056 30   ALA A CA  
145 C C   . ALA A 30 ? 0.1743 0.1950 0.1880 0.0025  -0.0096 -0.0037 30   ALA A C   
146 O O   . ALA A 30 ? 0.2424 0.2292 0.1561 0.0054  -0.0051 -0.0154 30   ALA A O   
147 C CB  . ALA A 30 ? 0.2201 0.2038 0.2076 -0.0040 -0.0289 -0.0031 30   ALA A CB  
148 N N   . LEU A 31 ? 0.1884 0.1861 0.1726 -0.0023 -0.0130 -0.0155 31   LEU A N   
149 C CA  . LEU A 31 ? 0.1857 0.1897 0.1747 -0.0018 -0.0108 -0.0064 31   LEU A CA  
150 C C   . LEU A 31 ? 0.1888 0.1785 0.1724 -0.0029 0.0037  0.0006  31   LEU A C   
151 O O   . LEU A 31 ? 0.2139 0.2058 0.1745 0.0034  -0.0072 0.0270  31   LEU A O   
152 C CB  . LEU A 31 ? 0.1715 0.2046 0.1983 -0.0121 0.0031  -0.0020 31   LEU A CB  
153 C CG  . LEU A 31 ? 0.1938 0.1954 0.1987 -0.0142 -0.0156 0.0004  31   LEU A CG  
154 C CD1 . LEU A 31 ? 0.1841 0.2365 0.2011 -0.0083 0.0111  -0.0214 31   LEU A CD1 
155 C CD2 . LEU A 31 ? 0.1880 0.2809 0.2624 0.0097  -0.0704 0.0231  31   LEU A CD2 
156 N N   . VAL A 32 ? 0.1671 0.1709 0.1682 -0.0095 -0.0067 0.0062  32   VAL A N   
157 C CA  . VAL A 32 ? 0.1862 0.1921 0.1765 -0.0147 -0.0035 0.0025  32   VAL A CA  
158 C C   . VAL A 32 ? 0.1750 0.1987 0.1760 -0.0127 -0.0069 0.0048  32   VAL A C   
159 O O   . VAL A 32 ? 0.2164 0.1837 0.1947 -0.0288 0.0023  0.0079  32   VAL A O   
160 C CB  . VAL A 32 ? 0.1619 0.1746 0.1783 -0.0132 -0.0089 0.0065  32   VAL A CB  
161 C CG1 . VAL A 32 ? 0.1730 0.2222 0.2164 -0.0106 -0.0024 -0.0029 32   VAL A CG1 
162 C CG2 . VAL A 32 ? 0.1699 0.1862 0.1748 -0.0451 -0.0192 -0.0132 32   VAL A CG2 
163 N N   . LYS A 33 ? 0.2162 0.1916 0.1882 -0.0207 0.0176  0.0058  33   LYS A N   
164 C CA  . LYS A 33 ? 0.2467 0.2274 0.2065 -0.0078 0.0124  -0.0118 33   LYS A CA  
165 C C   . LYS A 33 ? 0.2668 0.2268 0.2054 -0.0083 0.0113  -0.0151 33   LYS A C   
166 O O   . LYS A 33 ? 0.2806 0.2197 0.2356 -0.0165 0.0112  -0.0008 33   LYS A O   
167 C CB  . LYS A 33 ? 0.2580 0.2344 0.2194 -0.0086 0.0280  -0.0039 33   LYS A CB  
168 C CG  . LYS A 33 ? 0.2643 0.2689 0.2601 0.0047  0.0006  -0.0299 33   LYS A CG  
169 C CD  . LYS A 33 ? 0.3072 0.2451 0.2989 0.0093  0.0110  -0.0197 33   LYS A CD  
170 C CE  . LYS A 33 ? 0.3243 0.2865 0.3483 0.0292  0.0162  -0.0249 33   LYS A CE  
171 N NZ  . LYS A 33 ? 0.4255 0.2994 0.4138 0.0056  0.0187  -0.0574 33   LYS A NZ  
172 N N   . ARG A 34 ? 0.2689 0.2153 0.2109 -0.0063 0.0036  -0.0093 34   ARG A N   
173 C CA  . ARG A 34 ? 0.2671 0.2147 0.1939 -0.0024 0.0053  -0.0146 34   ARG A CA  
174 C C   . ARG A 34 ? 0.2704 0.2063 0.1803 -0.0145 0.0006  -0.0054 34   ARG A C   
175 O O   . ARG A 34 ? 0.3080 0.2317 0.1567 -0.0371 0.0155  -0.0128 34   ARG A O   
176 C CB  . ARG A 34 ? 0.2785 0.2115 0.2095 -0.0180 -0.0007 -0.0163 34   ARG A CB  
177 C CG  . ARG A 34 ? 0.3185 0.2676 0.3006 0.0133  -0.0202 -0.0009 34   ARG A CG  
178 C CD  . ARG A 34 ? 0.5304 0.5130 0.4739 0.0138  -0.0363 -0.0707 34   ARG A CD  
179 N NE  . ARG A 34 ? 0.5357 0.3857 0.4268 -0.0005 0.0158  0.0351  34   ARG A NE  
180 C CZ  . ARG A 34 ? 0.5724 0.4991 0.5080 0.0020  0.0283  0.0268  34   ARG A CZ  
181 N NH1 . ARG A 34 ? 0.6701 0.6930 0.5739 -0.0573 -0.0179 0.0027  34   ARG A NH1 
182 N NH2 . ARG A 34 ? 0.5659 0.4662 0.4506 0.0020  0.0350  0.0611  34   ARG A NH2 
183 N N   . ARG A 35 ? 0.2494 0.1964 0.1480 -0.0089 0.0031  0.0097  35   ARG A N   
184 C CA  . ARG A 35 ? 0.2414 0.2025 0.1613 -0.0038 0.0041  0.0050  35   ARG A CA  
185 C C   . ARG A 35 ? 0.2408 0.2000 0.1589 -0.0096 0.0059  0.0025  35   ARG A C   
186 O O   . ARG A 35 ? 0.2619 0.1745 0.1825 -0.0197 0.0231  0.0012  35   ARG A O   
187 C CB  . ARG A 35 ? 0.2376 0.2189 0.1562 -0.0056 0.0126  -0.0048 35   ARG A CB  
188 C CG  . ARG A 35 ? 0.2347 0.1992 0.1344 0.0130  0.0197  0.0184  35   ARG A CG  
189 C CD  . ARG A 35 ? 0.2041 0.2175 0.1621 -0.0141 0.0034  0.0019  35   ARG A CD  
190 N NE  . ARG A 35 ? 0.2085 0.2095 0.1751 -0.0135 -0.0042 0.0153  35   ARG A NE  
191 C CZ  . ARG A 35 ? 0.2084 0.2033 0.2057 -0.0231 -0.0097 -0.0287 35   ARG A CZ  
192 N NH1 . ARG A 35 ? 0.2107 0.1324 0.2199 -0.0103 0.0300  -0.0408 35   ARG A NH1 
193 N NH2 . ARG A 35 ? 0.2120 0.2147 0.1980 -0.0253 -0.0310 -0.0484 35   ARG A NH2 
194 N N   . ALA A 36 ? 0.2514 0.1870 0.1925 -0.0098 0.0230  0.0060  36   ALA A N   
195 C CA  . ALA A 36 ? 0.2550 0.2114 0.2104 -0.0004 0.0222  0.0023  36   ALA A CA  
196 C C   . ALA A 36 ? 0.2704 0.2277 0.2224 0.0051  0.0252  0.0059  36   ALA A C   
197 O O   . ALA A 36 ? 0.2930 0.2421 0.2211 -0.0101 0.0444  -0.0119 36   ALA A O   
198 C CB  . ALA A 36 ? 0.2482 0.2214 0.1997 -0.0008 0.0325  0.0275  36   ALA A CB  
199 N N   . GLU A 37 ? 0.2966 0.2332 0.2118 0.0093  0.0163  0.0070  37   GLU A N   
200 C CA  . GLU A 37 ? 0.3068 0.2605 0.2367 -0.0009 0.0102  0.0037  37   GLU A CA  
201 C C   . GLU A 37 ? 0.2959 0.2535 0.2327 -0.0100 0.0098  0.0089  37   GLU A C   
202 O O   . GLU A 37 ? 0.3139 0.2493 0.2372 -0.0136 0.0531  0.0147  37   GLU A O   
203 C CB  . GLU A 37 ? 0.3391 0.2989 0.2551 -0.0106 0.0035  0.0054  37   GLU A CB  
204 C CG  . GLU A 37 ? 0.4132 0.3492 0.3144 0.0265  0.0085  -0.0117 37   GLU A CG  
205 C CD  . GLU A 37 ? 0.4691 0.4783 0.4454 0.0008  0.0217  0.0119  37   GLU A CD  
206 O OE1 . GLU A 37 ? 0.5897 0.4933 0.4607 0.0002  0.0573  0.0333  37   GLU A OE1 
207 O OE2 . GLU A 37 ? 0.5408 0.5401 0.5327 0.0674  -0.0012 0.0144  37   GLU A OE2 
208 N N   . VAL A 38 ? 0.2808 0.2267 0.2190 -0.0148 0.0083  0.0048  38   VAL A N   
209 C CA  . VAL A 38 ? 0.2733 0.2405 0.2267 -0.0131 0.0052  0.0022  38   VAL A CA  
210 C C   . VAL A 38 ? 0.2674 0.2304 0.2209 -0.0172 0.0142  0.0019  38   VAL A C   
211 O O   . VAL A 38 ? 0.2982 0.2460 0.1873 -0.0139 0.0065  0.0116  38   VAL A O   
212 C CB  . VAL A 38 ? 0.2701 0.2220 0.2232 -0.0277 0.0037  0.0083  38   VAL A CB  
213 C CG1 . VAL A 38 ? 0.2346 0.2392 0.2532 -0.0128 0.0276  0.0250  38   VAL A CG1 
214 C CG2 . VAL A 38 ? 0.2662 0.2135 0.2116 -0.0267 -0.0122 0.0057  38   VAL A CG2 
215 N N   . SER A 39 ? 0.2600 0.2419 0.2146 -0.0169 0.0185  -0.0019 39   SER A N   
216 C CA  . SER A 39 ? 0.2655 0.2572 0.2354 -0.0199 0.0225  -0.0011 39   SER A CA  
217 C C   . SER A 39 ? 0.2640 0.2618 0.2468 -0.0138 0.0295  -0.0006 39   SER A C   
218 O O   . SER A 39 ? 0.2741 0.2433 0.2222 -0.0127 0.0345  -0.0118 39   SER A O   
219 C CB  . SER A 39 ? 0.2635 0.2709 0.2553 -0.0121 0.0089  -0.0040 39   SER A CB  
220 O OG  . SER A 39 ? 0.3620 0.2929 0.2769 -0.0201 0.0184  0.0089  39   SER A OG  
221 N N   . LYS A 40 ? 0.2864 0.2560 0.2412 -0.0160 0.0493  -0.0022 40   LYS A N   
222 C CA  . LYS A 40 ? 0.3036 0.2792 0.2710 -0.0026 0.0423  -0.0076 40   LYS A CA  
223 C C   . LYS A 40 ? 0.3166 0.2723 0.2609 -0.0023 0.0527  -0.0085 40   LYS A C   
224 O O   . LYS A 40 ? 0.3469 0.2893 0.2867 -0.0061 0.0593  0.0136  40   LYS A O   
225 C CB  . LYS A 40 ? 0.3188 0.2946 0.2907 -0.0024 0.0528  -0.0089 40   LYS A CB  
226 C CG  . LYS A 40 ? 0.3442 0.3227 0.3400 0.0075  0.0342  -0.0143 40   LYS A CG  
227 C CD  . LYS A 40 ? 0.3505 0.3159 0.3595 0.0134  0.0203  -0.0068 40   LYS A CD  
228 C CE  . LYS A 40 ? 0.3946 0.3577 0.3826 0.0215  0.0070  0.0074  40   LYS A CE  
229 N NZ  . LYS A 40 ? 0.4380 0.3908 0.4418 0.0035  0.0389  -0.0346 40   LYS A NZ  
230 N N   . ALA A 41 ? 0.3218 0.2565 0.2328 0.0018  0.0375  -0.0018 41   ALA A N   
231 C CA  . ALA A 41 ? 0.3370 0.2658 0.2502 0.0040  0.0342  -0.0012 41   ALA A CA  
232 C C   . ALA A 41 ? 0.3359 0.2580 0.2297 0.0065  0.0335  -0.0033 41   ALA A C   
233 O O   . ALA A 41 ? 0.3787 0.2640 0.1989 0.0104  0.0382  0.0100  41   ALA A O   
234 C CB  . ALA A 41 ? 0.3364 0.2664 0.2367 -0.0133 0.0416  0.0042  41   ALA A CB  
235 N N   . ILE A 42 ? 0.3074 0.2600 0.2152 0.0096  0.0316  -0.0045 42   ILE A N   
236 C CA  . ILE A 42 ? 0.3171 0.2549 0.2172 0.0004  0.0327  -0.0001 42   ILE A CA  
237 C C   . ILE A 42 ? 0.3147 0.2670 0.2184 -0.0011 0.0364  -0.0073 42   ILE A C   
238 O O   . ILE A 42 ? 0.3437 0.2506 0.2558 0.0011  0.0286  -0.0019 42   ILE A O   
239 C CB  . ILE A 42 ? 0.2912 0.2508 0.2055 0.0057  0.0454  -0.0147 42   ILE A CB  
240 C CG1 . ILE A 42 ? 0.3010 0.2259 0.2378 -0.0019 0.0416  -0.0015 42   ILE A CG1 
241 C CG2 . ILE A 42 ? 0.2803 0.2483 0.2250 -0.0102 0.0316  -0.0106 42   ILE A CG2 
242 C CD1 . ILE A 42 ? 0.3305 0.2409 0.2102 0.0008  0.0226  0.0189  42   ILE A CD1 
243 N N   . GLY A 43 ? 0.3166 0.2838 0.2560 0.0001  0.0398  0.0104  43   GLY A N   
244 C CA  . GLY A 43 ? 0.3424 0.3121 0.3059 -0.0068 0.0186  0.0018  43   GLY A CA  
245 C C   . GLY A 43 ? 0.3594 0.3444 0.3357 -0.0107 0.0359  0.0025  43   GLY A C   
246 O O   . GLY A 43 ? 0.3922 0.3565 0.3548 -0.0180 0.0552  0.0006  43   GLY A O   
247 N N   . LYS A 44 ? 0.3950 0.3713 0.3545 -0.0088 0.0322  -0.0002 44   LYS A N   
248 C CA  . LYS A 44 ? 0.4129 0.3981 0.3682 -0.0085 0.0275  -0.0012 44   LYS A CA  
249 C C   . LYS A 44 ? 0.4162 0.3860 0.3700 -0.0109 0.0289  -0.0024 44   LYS A C   
250 O O   . LYS A 44 ? 0.4138 0.3892 0.3671 -0.0142 0.0623  -0.0047 44   LYS A O   
251 C CB  . LYS A 44 ? 0.4258 0.4067 0.3909 -0.0025 0.0205  -0.0046 44   LYS A CB  
252 C CG  . LYS A 44 ? 0.4569 0.4770 0.4366 0.0006  0.0093  -0.0061 44   LYS A CG  
253 C CD  . LYS A 44 ? 0.4733 0.4257 0.4375 0.0105  0.0157  -0.0101 44   LYS A CD  
254 C CE  . LYS A 44 ? 0.5187 0.4844 0.4831 0.0204  -0.0013 -0.0047 44   LYS A CE  
255 N NZ  . LYS A 44 ? 0.5366 0.4449 0.5100 -0.0099 0.0205  -0.0079 44   LYS A NZ  
256 N N   . ALA A 45 ? 0.4177 0.3706 0.3587 -0.0073 0.0289  -0.0051 45   ALA A N   
257 C CA  . ALA A 45 ? 0.4325 0.3858 0.3663 -0.0048 0.0222  -0.0075 45   ALA A CA  
258 C C   . ALA A 45 ? 0.4485 0.3774 0.3717 -0.0025 0.0243  -0.0134 45   ALA A C   
259 O O   . ALA A 45 ? 0.4811 0.3578 0.3429 0.0062  0.0313  -0.0330 45   ALA A O   
260 C CB  . ALA A 45 ? 0.4323 0.3729 0.3589 -0.0085 0.0191  -0.0109 45   ALA A CB  
261 N N   . ARG A 46 ? 0.4533 0.3955 0.3814 -0.0013 0.0150  -0.0082 46   ARG A N   
262 C CA  . ARG A 46 ? 0.4689 0.4167 0.4062 -0.0024 0.0082  -0.0106 46   ARG A CA  
263 C C   . ARG A 46 ? 0.4831 0.4446 0.4361 -0.0056 0.0116  -0.0078 46   ARG A C   
264 O O   . ARG A 46 ? 0.4971 0.4405 0.4295 -0.0007 0.0230  -0.0067 46   ARG A O   
265 C CB  . ARG A 46 ? 0.4582 0.4088 0.3996 0.0020  0.0083  -0.0101 46   ARG A CB  
266 C CG  . ARG A 46 ? 0.4584 0.4041 0.3909 0.0031  0.0082  -0.0054 46   ARG A CG  
267 C CD  . ARG A 46 ? 0.4665 0.4212 0.4005 -0.0067 0.0180  -0.0225 46   ARG A CD  
268 N NE  . ARG A 46 ? 0.4299 0.3737 0.3579 0.0064  0.0082  -0.0712 46   ARG A NE  
269 C CZ  . ARG A 46 ? 0.4323 0.4065 0.4171 0.0165  0.0018  -0.0286 46   ARG A CZ  
270 N NH1 . ARG A 46 ? 0.3869 0.3688 0.4486 0.0361  -0.0275 0.0174  46   ARG A NH1 
271 N NH2 . ARG A 46 ? 0.5043 0.4439 0.4270 0.0320  -0.0111 -0.0321 46   ARG A NH2 
272 N N   . MET A 47 ? 0.5026 0.4760 0.4863 -0.0003 0.0120  -0.0013 47   MET A N   
273 C CA  . MET A 47 ? 0.5212 0.5161 0.5234 -0.0034 0.0171  0.0009  47   MET A CA  
274 C C   . MET A 47 ? 0.5372 0.5267 0.5279 -0.0034 0.0171  0.0025  47   MET A C   
275 O O   . MET A 47 ? 0.5509 0.5466 0.5497 -0.0081 0.0324  0.0120  47   MET A O   
276 C CB  . MET A 47 ? 0.5297 0.5282 0.5391 0.0005  0.0103  0.0027  47   MET A CB  
277 C CG  . MET A 47 ? 0.5424 0.5513 0.5500 -0.0023 0.0133  0.0035  47   MET A CG  
278 S SD  . MET A 47 ? 0.5648 0.5784 0.5856 -0.0027 0.0097  0.0182  47   MET A SD  
279 C CE  . MET A 47 ? 0.5892 0.5792 0.5509 0.0038  0.0055  0.0268  47   MET A CE  
280 N N   . ALA A 48 ? 0.5475 0.5262 0.5269 0.0006  0.0177  0.0079  48   ALA A N   
281 C CA  . ALA A 48 ? 0.5440 0.5192 0.5241 0.0032  0.0146  0.0013  48   ALA A CA  
282 C C   . ALA A 48 ? 0.5542 0.5183 0.5197 0.0017  0.0205  0.0061  48   ALA A C   
283 O O   . ALA A 48 ? 0.5748 0.5154 0.5153 0.0049  0.0255  0.0042  48   ALA A O   
284 C CB  . ALA A 48 ? 0.5491 0.5184 0.5234 -0.0018 0.0184  0.0020  48   ALA A CB  
285 N N   . SER A 49 ? 0.5459 0.5034 0.5080 0.0026  0.0191  0.0025  49   SER A N   
286 C CA  . SER A 49 ? 0.5188 0.4995 0.4952 -0.0043 0.0110  -0.0049 49   SER A CA  
287 C C   . SER A 49 ? 0.5079 0.4845 0.4728 -0.0017 0.0172  -0.0038 49   SER A C   
288 O O   . SER A 49 ? 0.5342 0.4867 0.4751 -0.0103 0.0215  -0.0043 49   SER A O   
289 C CB  . SER A 49 ? 0.5298 0.5066 0.5099 -0.0005 0.0120  -0.0073 49   SER A CB  
290 O OG  . SER A 49 ? 0.5455 0.5314 0.5303 0.0192  -0.0130 0.0003  49   SER A OG  
291 N N   . GLY A 50 ? 0.4794 0.4542 0.4506 -0.0095 0.0277  -0.0105 50   GLY A N   
292 C CA  . GLY A 50 ? 0.4525 0.4377 0.4343 -0.0077 0.0330  -0.0057 50   GLY A CA  
293 C C   . GLY A 50 ? 0.4355 0.4033 0.4173 -0.0159 0.0270  -0.0126 50   GLY A C   
294 O O   . GLY A 50 ? 0.4428 0.3957 0.4259 -0.0331 0.0435  -0.0189 50   GLY A O   
295 N N   . GLY A 51 ? 0.3998 0.3716 0.3801 -0.0085 0.0197  -0.0154 51   GLY A N   
296 C CA  . GLY A 51 ? 0.3825 0.3578 0.3592 -0.0014 0.0104  -0.0086 51   GLY A CA  
297 C C   . GLY A 51 ? 0.3406 0.3283 0.3342 0.0031  0.0152  -0.0119 51   GLY A C   
298 O O   . GLY A 51 ? 0.3292 0.3322 0.3293 0.0118  0.0253  -0.0270 51   GLY A O   
299 N N   . THR A 52 ? 0.3213 0.3023 0.3026 0.0010  0.0084  -0.0109 52   THR A N   
300 C CA  . THR A 52 ? 0.3130 0.2896 0.2905 0.0037  0.0124  -0.0102 52   THR A CA  
301 C C   . THR A 52 ? 0.2954 0.2800 0.2701 0.0043  0.0057  -0.0190 52   THR A C   
302 O O   . THR A 52 ? 0.2727 0.2651 0.2383 -0.0027 0.0023  -0.0017 52   THR A O   
303 C CB  . THR A 52 ? 0.3391 0.2994 0.2940 -0.0069 0.0071  -0.0182 52   THR A CB  
304 O OG1 . THR A 52 ? 0.4036 0.2897 0.3476 0.0101  0.0123  -0.0062 52   THR A OG1 
305 C CG2 . THR A 52 ? 0.3445 0.3153 0.2854 0.0136  0.0126  -0.0158 52   THR A CG2 
306 N N   . ARG A 53 ? 0.2789 0.2783 0.2805 0.0025  0.0021  -0.0161 53   ARG A N   
307 C CA  . ARG A 53 ? 0.2819 0.2865 0.2822 0.0002  0.0045  -0.0131 53   ARG A CA  
308 C C   . ARG A 53 ? 0.2754 0.2604 0.2593 -0.0064 0.0093  -0.0065 53   ARG A C   
309 O O   . ARG A 53 ? 0.3075 0.3042 0.2504 -0.0358 0.0488  -0.0223 53   ARG A O   
310 C CB  . ARG A 53 ? 0.2955 0.2922 0.2894 0.0080  0.0007  -0.0023 53   ARG A CB  
311 C CG  . ARG A 53 ? 0.3068 0.2985 0.3165 0.0049  0.0068  -0.0039 53   ARG A CG  
312 C CD  . ARG A 53 ? 0.3155 0.3186 0.3325 0.0160  -0.0070 0.0070  53   ARG A CD  
313 N NE  . ARG A 53 ? 0.3391 0.3751 0.3711 0.0149  0.0132  -0.0093 53   ARG A NE  
314 C CZ  . ARG A 53 ? 0.3359 0.3798 0.3960 0.0177  -0.0084 -0.0058 53   ARG A CZ  
315 N NH1 . ARG A 53 ? 0.3764 0.4684 0.4515 0.0358  -0.0077 -0.0215 53   ARG A NH1 
316 N NH2 . ARG A 53 ? 0.2675 0.3609 0.4042 0.0524  -0.0174 0.0003  53   ARG A NH2 
317 N N   . LEU A 54 ? 0.2569 0.2378 0.2511 -0.0006 -0.0032 -0.0109 54   LEU A N   
318 C CA  . LEU A 54 ? 0.2460 0.2336 0.2554 -0.0027 -0.0027 0.0050  54   LEU A CA  
319 C C   . LEU A 54 ? 0.2226 0.2248 0.2524 0.0030  -0.0009 0.0025  54   LEU A C   
320 O O   . LEU A 54 ? 0.2060 0.2376 0.2734 0.0049  -0.0119 0.0262  54   LEU A O   
321 C CB  . LEU A 54 ? 0.2717 0.2382 0.2671 -0.0052 -0.0157 0.0103  54   LEU A CB  
322 C CG  . LEU A 54 ? 0.3124 0.2728 0.2688 -0.0068 -0.0259 0.0059  54   LEU A CG  
323 C CD1 . LEU A 54 ? 0.3253 0.3098 0.3129 -0.0189 -0.0264 0.0193  54   LEU A CD1 
324 C CD2 . LEU A 54 ? 0.3870 0.2736 0.3301 -0.0088 -0.0570 0.0545  54   LEU A CD2 
325 N N   A VAL A 55 ? 0.2165 0.2076 0.2408 -0.0045 -0.0003 -0.0054 55   VAL A N   
326 N N   B VAL A 55 ? 0.2201 0.2166 0.2470 -0.0041 -0.0004 -0.0021 55   VAL A N   
327 C CA  A VAL A 55 ? 0.2156 0.2075 0.2468 -0.0033 0.0015  -0.0051 55   VAL A CA  
328 C CA  B VAL A 55 ? 0.2218 0.2161 0.2507 -0.0026 0.0019  -0.0004 55   VAL A CA  
329 C C   A VAL A 55 ? 0.2156 0.2010 0.2414 -0.0089 0.0027  -0.0019 55   VAL A C   
330 C C   B VAL A 55 ? 0.2178 0.2062 0.2470 -0.0081 0.0024  0.0019  55   VAL A C   
331 O O   A VAL A 55 ? 0.2408 0.1931 0.2512 0.0036  0.0001  0.0143  55   VAL A O   
332 O O   B VAL A 55 ? 0.2263 0.2024 0.2605 0.0078  -0.0042 0.0155  55   VAL A O   
333 C CB  A VAL A 55 ? 0.2093 0.2059 0.2361 -0.0006 0.0042  -0.0215 55   VAL A CB  
334 C CB  B VAL A 55 ? 0.2215 0.2280 0.2441 -0.0043 -0.0009 -0.0092 55   VAL A CB  
335 C CG1 A VAL A 55 ? 0.2005 0.2255 0.2575 -0.0164 -0.0069 -0.0043 55   VAL A CG1 
336 C CG1 B VAL A 55 ? 0.2263 0.2366 0.2667 -0.0070 0.0064  0.0270  55   VAL A CG1 
337 C CG2 A VAL A 55 ? 0.1823 0.1861 0.2496 0.0092  0.0055  -0.0188 55   VAL A CG2 
338 C CG2 B VAL A 55 ? 0.2195 0.2302 0.2607 0.0027  0.0011  0.0018  55   VAL A CG2 
339 N N   . HIS A 56 ? 0.2068 0.1821 0.2267 -0.0028 0.0023  0.0101  56   HIS A N   
340 C CA  . HIS A 56 ? 0.2151 0.1897 0.2447 -0.0127 -0.0015 -0.0017 56   HIS A CA  
341 C C   . HIS A 56 ? 0.2204 0.1732 0.2351 -0.0120 0.0178  0.0027  56   HIS A C   
342 O O   . HIS A 56 ? 0.2532 0.2001 0.2507 -0.0284 0.0398  0.0234  56   HIS A O   
343 C CB  . HIS A 56 ? 0.2256 0.1746 0.2415 -0.0112 0.0029  -0.0055 56   HIS A CB  
344 C CG  . HIS A 56 ? 0.2230 0.2091 0.2461 -0.0025 -0.0162 -0.0240 56   HIS A CG  
345 N ND1 . HIS A 56 ? 0.2234 0.2146 0.2536 0.0146  0.0037  0.0174  56   HIS A ND1 
346 C CD2 . HIS A 56 ? 0.2441 0.1864 0.2390 0.0178  -0.0053 -0.0007 56   HIS A CD2 
347 C CE1 . HIS A 56 ? 0.2486 0.2200 0.2657 0.0050  -0.0088 -0.0035 56   HIS A CE1 
348 N NE2 . HIS A 56 ? 0.2336 0.2260 0.2106 0.0075  0.0095  -0.0266 56   HIS A NE2 
349 N N   . SER A 57 ? 0.2069 0.1780 0.2364 -0.0107 -0.0008 0.0052  57   SER A N   
350 C CA  . SER A 57 ? 0.2229 0.1979 0.2452 -0.0032 -0.0122 0.0026  57   SER A CA  
351 C C   . SER A 57 ? 0.2094 0.2045 0.2516 -0.0072 -0.0165 0.0057  57   SER A C   
352 O O   . SER A 57 ? 0.2460 0.1946 0.2488 -0.0048 -0.0116 -0.0096 57   SER A O   
353 C CB  . SER A 57 ? 0.2201 0.2148 0.2556 0.0035  -0.0083 0.0072  57   SER A CB  
354 O OG  . SER A 57 ? 0.2443 0.2179 0.2158 -0.0035 -0.0386 0.0420  57   SER A OG  
355 N N   . ARG A 58 ? 0.2442 0.2013 0.2670 -0.0134 -0.0235 0.0086  58   ARG A N   
356 C CA  . ARG A 58 ? 0.2605 0.2109 0.2752 -0.0052 -0.0159 -0.0022 58   ARG A CA  
357 C C   . ARG A 58 ? 0.2523 0.2228 0.2635 -0.0090 -0.0104 0.0094  58   ARG A C   
358 O O   . ARG A 58 ? 0.2368 0.2216 0.3044 -0.0074 -0.0086 0.0240  58   ARG A O   
359 C CB  . ARG A 58 ? 0.2787 0.2340 0.2824 -0.0119 -0.0153 0.0093  58   ARG A CB  
360 C CG  . ARG A 58 ? 0.3353 0.2611 0.3131 -0.0083 -0.0065 -0.0126 58   ARG A CG  
361 C CD  . ARG A 58 ? 0.3470 0.3386 0.3249 -0.0193 -0.0154 0.0000  58   ARG A CD  
362 N NE  . ARG A 58 ? 0.3409 0.3400 0.3625 -0.0133 0.0187  -0.0294 58   ARG A NE  
363 C CZ  . ARG A 58 ? 0.3486 0.3359 0.2883 -0.0270 -0.0009 -0.0053 58   ARG A CZ  
364 N NH1 . ARG A 58 ? 0.3740 0.3385 0.3491 -0.0182 0.0092  -0.0103 58   ARG A NH1 
365 N NH2 . ARG A 58 ? 0.3062 0.3154 0.3288 -0.0431 -0.0033 0.0117  58   ARG A NH2 
366 N N   . GLU A 59 ? 0.2395 0.2217 0.2512 -0.0037 -0.0113 0.0120  59   GLU A N   
367 C CA  . GLU A 59 ? 0.2605 0.2151 0.2645 0.0000  -0.0027 0.0037  59   GLU A CA  
368 C C   . GLU A 59 ? 0.2410 0.2119 0.2441 0.0007  -0.0180 0.0142  59   GLU A C   
369 O O   . GLU A 59 ? 0.2491 0.1778 0.2507 -0.0147 -0.0066 -0.0020 59   GLU A O   
370 C CB  . GLU A 59 ? 0.2653 0.2260 0.2718 -0.0085 0.0044  0.0146  59   GLU A CB  
371 C CG  . GLU A 59 ? 0.2706 0.2188 0.2704 -0.0302 0.0055  0.0003  59   GLU A CG  
372 C CD  . GLU A 59 ? 0.2832 0.2166 0.3002 0.0155  0.0050  0.0032  59   GLU A CD  
373 O OE1 . GLU A 59 ? 0.3432 0.2800 0.3448 0.0110  -0.0148 0.0403  59   GLU A OE1 
374 O OE2 . GLU A 59 ? 0.3471 0.2875 0.3687 0.0257  0.0390  -0.0045 59   GLU A OE2 
375 N N   . MET A 60 ? 0.2680 0.2224 0.2551 -0.0018 -0.0030 0.0076  60   MET A N   
376 C CA  . MET A 60 ? 0.2924 0.2330 0.2774 0.0029  -0.0012 -0.0026 60   MET A CA  
377 C C   . MET A 60 ? 0.2916 0.2326 0.2841 0.0069  0.0006  -0.0032 60   MET A C   
378 O O   . MET A 60 ? 0.3100 0.2349 0.3105 0.0055  0.0129  0.0100  60   MET A O   
379 C CB  . MET A 60 ? 0.3074 0.2436 0.3007 -0.0064 -0.0023 -0.0074 60   MET A CB  
380 C CG  . MET A 60 ? 0.3903 0.3248 0.3320 -0.0232 -0.0074 -0.0133 60   MET A CG  
381 S SD  . MET A 60 ? 0.5263 0.5046 0.4166 0.0328  -0.0615 0.0133  60   MET A SD  
382 C CE  . MET A 60 ? 0.5112 0.5044 0.4714 -0.0114 -0.0325 -0.0049 60   MET A CE  
383 N N   . LYS A 61 ? 0.2901 0.2303 0.2794 0.0092  -0.0058 0.0068  61   LYS A N   
384 C CA  . LYS A 61 ? 0.3007 0.2555 0.3068 0.0079  -0.0071 0.0030  61   LYS A CA  
385 C C   . LYS A 61 ? 0.2693 0.2333 0.2828 0.0028  -0.0108 0.0081  61   LYS A C   
386 O O   . LYS A 61 ? 0.2568 0.2347 0.2904 0.0295  -0.0069 0.0326  61   LYS A O   
387 C CB  . LYS A 61 ? 0.3306 0.2939 0.3365 0.0211  -0.0125 0.0124  61   LYS A CB  
388 C CG  . LYS A 61 ? 0.3811 0.3605 0.3849 0.0177  -0.0187 -0.0069 61   LYS A CG  
389 C CD  . LYS A 61 ? 0.3830 0.3804 0.3693 -0.0034 -0.0305 -0.0092 61   LYS A CD  
390 C CE  . LYS A 61 ? 0.4036 0.3992 0.4222 -0.0252 -0.0367 -0.0173 61   LYS A CE  
391 N NZ  . LYS A 61 ? 0.4228 0.4736 0.5133 -0.0045 -0.0408 -0.0237 61   LYS A NZ  
392 N N   . VAL A 62 ? 0.2360 0.2032 0.2635 0.0024  -0.0229 0.0154  62   VAL A N   
393 C CA  . VAL A 62 ? 0.2453 0.2130 0.2451 -0.0098 -0.0232 -0.0014 62   VAL A CA  
394 C C   . VAL A 62 ? 0.2455 0.1895 0.2395 -0.0013 -0.0049 0.0024  62   VAL A C   
395 O O   . VAL A 62 ? 0.2563 0.1774 0.2304 -0.0212 -0.0021 -0.0162 62   VAL A O   
396 C CB  . VAL A 62 ? 0.2238 0.2106 0.2355 -0.0210 -0.0367 0.0056  62   VAL A CB  
397 C CG1 . VAL A 62 ? 0.2385 0.2285 0.2422 -0.0067 -0.0212 0.0074  62   VAL A CG1 
398 C CG2 . VAL A 62 ? 0.2699 0.2342 0.1861 -0.0343 -0.0563 -0.0157 62   VAL A CG2 
399 N N   . ILE A 63 ? 0.2464 0.1880 0.2382 -0.0149 -0.0118 0.0160  63   ILE A N   
400 C CA  . ILE A 63 ? 0.2571 0.2245 0.2469 -0.0082 -0.0076 0.0007  63   ILE A CA  
401 C C   . ILE A 63 ? 0.2735 0.2314 0.2553 -0.0005 0.0031  0.0025  63   ILE A C   
402 O O   . ILE A 63 ? 0.2776 0.2032 0.2393 0.0385  0.0171  0.0098  63   ILE A O   
403 C CB  . ILE A 63 ? 0.2657 0.2276 0.2372 -0.0109 -0.0080 0.0068  63   ILE A CB  
404 C CG1 . ILE A 63 ? 0.2378 0.2421 0.2811 -0.0112 -0.0190 -0.0043 63   ILE A CG1 
405 C CG2 . ILE A 63 ? 0.2779 0.2376 0.2372 -0.0241 -0.0262 0.0019  63   ILE A CG2 
406 C CD1 . ILE A 63 ? 0.2636 0.2444 0.3115 -0.0312 -0.0169 0.0051  63   ILE A CD1 
407 N N   . GLU A 64 ? 0.2982 0.2504 0.2815 0.0172  0.0191  0.0060  64   GLU A N   
408 C CA  . GLU A 64 ? 0.3094 0.2849 0.3130 0.0119  0.0200  0.0078  64   GLU A CA  
409 C C   . GLU A 64 ? 0.2982 0.2776 0.3077 0.0172  0.0230  0.0100  64   GLU A C   
410 O O   . GLU A 64 ? 0.3285 0.2795 0.2888 0.0176  0.0462  0.0026  64   GLU A O   
411 C CB  . GLU A 64 ? 0.3372 0.2832 0.3227 0.0116  0.0164  0.0041  64   GLU A CB  
412 C CG  . GLU A 64 ? 0.3747 0.3283 0.3859 -0.0090 0.0100  0.0109  64   GLU A CG  
413 C CD  . GLU A 64 ? 0.3836 0.3182 0.4120 0.0139  0.0010  0.0106  64   GLU A CD  
414 O OE1 . GLU A 64 ? 0.5034 0.4318 0.5250 0.0474  -0.0709 0.0351  64   GLU A OE1 
415 O OE2 . GLU A 64 ? 0.5076 0.3767 0.5230 -0.0493 0.0299  -0.0140 64   GLU A OE2 
416 N N   . ARG A 65 ? 0.2859 0.2638 0.2980 0.0154  0.0206  0.0211  65   ARG A N   
417 C CA  . ARG A 65 ? 0.3028 0.2770 0.3058 0.0104  0.0078  0.0153  65   ARG A CA  
418 C C   . ARG A 65 ? 0.2886 0.2573 0.2849 -0.0008 0.0098  0.0143  65   ARG A C   
419 O O   . ARG A 65 ? 0.2850 0.2857 0.3294 -0.0041 0.0274  0.0226  65   ARG A O   
420 C CB  . ARG A 65 ? 0.3252 0.3012 0.3291 0.0085  0.0090  0.0211  65   ARG A CB  
421 C CG  . ARG A 65 ? 0.3659 0.3798 0.3688 -0.0088 -0.0159 0.0075  65   ARG A CG  
422 C CD  . ARG A 65 ? 0.5407 0.4728 0.4377 0.0561  0.0208  0.0221  65   ARG A CD  
423 N NE  . ARG A 65 ? 0.3606 0.4334 0.3861 -0.0352 -0.0113 0.0045  65   ARG A NE  
424 C CZ  . ARG A 65 ? 0.4201 0.4277 0.4376 0.0097  -0.0100 -0.0013 65   ARG A CZ  
425 N NH1 . ARG A 65 ? 0.3253 0.3647 0.3893 0.0138  -0.0137 -0.0212 65   ARG A NH1 
426 N NH2 . ARG A 65 ? 0.4100 0.4446 0.4988 0.0216  -0.0126 0.0151  65   ARG A NH2 
427 N N   . TYR A 66 ? 0.2682 0.2289 0.2363 -0.0041 0.0048  0.0022  66   TYR A N   
428 C CA  . TYR A 66 ? 0.2815 0.2446 0.2340 -0.0022 -0.0029 0.0014  66   TYR A CA  
429 C C   . TYR A 66 ? 0.3008 0.2546 0.2355 -0.0011 -0.0147 -0.0042 66   TYR A C   
430 O O   . TYR A 66 ? 0.3040 0.2252 0.2062 -0.0099 -0.0291 -0.0153 66   TYR A O   
431 C CB  . TYR A 66 ? 0.2787 0.2170 0.2132 -0.0080 -0.0130 -0.0062 66   TYR A CB  
432 C CG  . TYR A 66 ? 0.2233 0.2202 0.1723 -0.0017 -0.0208 0.0100  66   TYR A CG  
433 C CD1 . TYR A 66 ? 0.2967 0.2150 0.2007 -0.0053 -0.0204 0.0094  66   TYR A CD1 
434 C CD2 . TYR A 66 ? 0.2250 0.1871 0.1707 -0.0183 -0.0079 0.0173  66   TYR A CD2 
435 C CE1 . TYR A 66 ? 0.2936 0.2056 0.1915 -0.0075 -0.0311 0.0094  66   TYR A CE1 
436 C CE2 . TYR A 66 ? 0.1827 0.1773 0.2082 -0.0235 -0.0128 -0.0154 66   TYR A CE2 
437 C CZ  . TYR A 66 ? 0.2691 0.1954 0.2000 -0.0157 -0.0173 0.0097  66   TYR A CZ  
438 O OH  . TYR A 66 ? 0.2389 0.1889 0.1869 -0.0113 -0.0245 0.0065  66   TYR A OH  
439 N N   A SER A 67 ? 0.3113 0.2623 0.2375 0.0016  -0.0115 -0.0129 67   SER A N   
440 N N   B SER A 67 ? 0.3131 0.2654 0.2416 -0.0001 -0.0118 -0.0135 67   SER A N   
441 C CA  A SER A 67 ? 0.3164 0.2816 0.2548 0.0074  -0.0067 -0.0091 67   SER A CA  
442 C CA  B SER A 67 ? 0.3189 0.2899 0.2587 0.0030  -0.0086 -0.0088 67   SER A CA  
443 C C   A SER A 67 ? 0.3227 0.2862 0.2708 0.0111  -0.0021 -0.0105 67   SER A C   
444 C C   B SER A 67 ? 0.3243 0.2889 0.2733 0.0105  -0.0037 -0.0098 67   SER A C   
445 O O   A SER A 67 ? 0.3438 0.2987 0.2683 0.0151  -0.0095 -0.0181 67   SER A O   
446 O O   B SER A 67 ? 0.3461 0.2964 0.2703 0.0149  -0.0168 -0.0126 67   SER A O   
447 C CB  A SER A 67 ? 0.3132 0.2863 0.2515 0.0062  -0.0032 -0.0106 67   SER A CB  
448 C CB  B SER A 67 ? 0.3195 0.2985 0.2611 -0.0029 -0.0035 -0.0129 67   SER A CB  
449 O OG  A SER A 67 ? 0.3146 0.2461 0.2531 0.0094  0.0181  -0.0064 67   SER A OG  
450 O OG  B SER A 67 ? 0.3316 0.3298 0.2860 -0.0314 -0.0037 -0.0108 67   SER A OG  
451 N N   . GLU A 68 ? 0.3301 0.2959 0.2841 0.0200  -0.0043 -0.0060 68   GLU A N   
452 C CA  . GLU A 68 ? 0.3197 0.3172 0.2976 0.0122  0.0003  -0.0029 68   GLU A CA  
453 C C   . GLU A 68 ? 0.3030 0.3248 0.2757 0.0090  0.0041  -0.0005 68   GLU A C   
454 O O   . GLU A 68 ? 0.3030 0.3729 0.2741 0.0208  0.0286  -0.0085 68   GLU A O   
455 C CB  . GLU A 68 ? 0.3320 0.3448 0.3312 0.0134  -0.0034 0.0052  68   GLU A CB  
456 C CG  . GLU A 68 ? 0.3533 0.3625 0.3655 0.0039  -0.0075 0.0099  68   GLU A CG  
457 C CD  . GLU A 68 ? 0.3403 0.4011 0.3502 -0.0115 -0.0032 0.0067  68   GLU A CD  
458 O OE1 . GLU A 68 ? 0.3700 0.4382 0.3698 -0.0241 0.0196  0.0319  68   GLU A OE1 
459 O OE2 . GLU A 68 ? 0.4409 0.5478 0.4618 -0.0153 0.0491  0.0375  68   GLU A OE2 
460 N N   . LEU A 69 ? 0.2797 0.2935 0.2552 0.0076  -0.0054 -0.0100 69   LEU A N   
461 C CA  . LEU A 69 ? 0.2798 0.2958 0.2625 0.0027  -0.0092 -0.0021 69   LEU A CA  
462 C C   . LEU A 69 ? 0.2860 0.2875 0.2645 0.0046  -0.0095 0.0023  69   LEU A C   
463 O O   . LEU A 69 ? 0.3179 0.2885 0.2999 0.0008  -0.0288 0.0130  69   LEU A O   
464 C CB  . LEU A 69 ? 0.2713 0.2937 0.2648 0.0090  -0.0189 -0.0077 69   LEU A CB  
465 C CG  . LEU A 69 ? 0.3165 0.3284 0.2773 0.0095  -0.0362 0.0115  69   LEU A CG  
466 C CD1 . LEU A 69 ? 0.3652 0.2926 0.2808 0.0162  -0.0157 -0.0001 69   LEU A CD1 
467 C CD2 . LEU A 69 ? 0.3525 0.3833 0.3565 -0.0320 -0.0367 0.0094  69   LEU A CD2 
468 N N   . GLY A 70 ? 0.2806 0.2934 0.2451 -0.0037 -0.0068 -0.0005 70   GLY A N   
469 C CA  . GLY A 70 ? 0.2847 0.2876 0.2574 0.0046  -0.0161 0.0022  70   GLY A CA  
470 C C   . GLY A 70 ? 0.2884 0.3073 0.2665 -0.0001 -0.0201 -0.0047 70   GLY A C   
471 O O   . GLY A 70 ? 0.2712 0.2992 0.2288 -0.0053 -0.0295 -0.0030 70   GLY A O   
472 N N   . PRO A 71 ? 0.2983 0.3137 0.2732 -0.0002 -0.0301 -0.0018 71   PRO A N   
473 C CA  . PRO A 71 ? 0.2937 0.3023 0.2680 -0.0013 -0.0265 0.0027  71   PRO A CA  
474 C C   . PRO A 71 ? 0.2930 0.2983 0.2582 -0.0060 -0.0295 0.0132  71   PRO A C   
475 O O   . PRO A 71 ? 0.3067 0.3036 0.2632 -0.0259 -0.0266 0.0211  71   PRO A O   
476 C CB  . PRO A 71 ? 0.3040 0.3359 0.2841 -0.0018 -0.0378 -0.0057 71   PRO A CB  
477 C CG  . PRO A 71 ? 0.3066 0.3609 0.2927 -0.0097 -0.0292 -0.0026 71   PRO A CG  
478 C CD  . PRO A 71 ? 0.3169 0.3340 0.2933 -0.0078 -0.0280 -0.0083 71   PRO A CD  
479 N N   . ASP A 72 ? 0.2904 0.2728 0.2331 0.0011  -0.0269 0.0185  72   ASP A N   
480 C CA  . ASP A 72 ? 0.2892 0.2785 0.2496 0.0008  -0.0241 0.0157  72   ASP A CA  
481 C C   . ASP A 72 ? 0.2783 0.2580 0.2278 0.0023  -0.0229 0.0122  72   ASP A C   
482 O O   . ASP A 72 ? 0.3119 0.2632 0.2472 -0.0094 -0.0116 0.0183  72   ASP A O   
483 C CB  . ASP A 72 ? 0.3027 0.2751 0.2436 -0.0003 -0.0240 0.0186  72   ASP A CB  
484 C CG  . ASP A 72 ? 0.3280 0.3254 0.2766 0.0046  -0.0387 0.0342  72   ASP A CG  
485 O OD1 . ASP A 72 ? 0.4178 0.3486 0.3040 0.0241  -0.0377 0.0639  72   ASP A OD1 
486 O OD2 . ASP A 72 ? 0.3751 0.4142 0.2894 -0.0103 -0.1121 0.0526  72   ASP A OD2 
487 N N   . GLY A 73 ? 0.2578 0.2616 0.2179 -0.0129 -0.0118 0.0047  73   GLY A N   
488 C CA  . GLY A 73 ? 0.2484 0.2675 0.2382 0.0059  -0.0147 0.0041  73   GLY A CA  
489 C C   . GLY A 73 ? 0.2478 0.2489 0.2283 0.0128  -0.0127 0.0017  73   GLY A C   
490 O O   . GLY A 73 ? 0.2429 0.2764 0.2189 0.0058  -0.0288 -0.0047 73   GLY A O   
491 N N   . LYS A 74 ? 0.2497 0.2638 0.2206 0.0099  -0.0154 -0.0089 74   LYS A N   
492 C CA  . LYS A 74 ? 0.2729 0.2570 0.2455 0.0006  -0.0167 -0.0081 74   LYS A CA  
493 C C   . LYS A 74 ? 0.2598 0.2212 0.2189 -0.0106 -0.0232 -0.0097 74   LYS A C   
494 O O   . LYS A 74 ? 0.2858 0.1732 0.2175 -0.0068 -0.0499 0.0130  74   LYS A O   
495 C CB  . LYS A 74 ? 0.2900 0.2747 0.2438 0.0039  -0.0062 -0.0204 74   LYS A CB  
496 C CG  . LYS A 74 ? 0.3044 0.2953 0.2960 -0.0103 -0.0147 -0.0177 74   LYS A CG  
497 C CD  . LYS A 74 ? 0.3490 0.3212 0.3361 -0.0191 -0.0219 -0.0272 74   LYS A CD  
498 C CE  . LYS A 74 ? 0.3810 0.3713 0.4001 -0.0436 -0.0082 -0.0123 74   LYS A CE  
499 N NZ  . LYS A 74 ? 0.4808 0.4083 0.4690 -0.0239 -0.0168 -0.0369 74   LYS A NZ  
500 N N   . ASP A 75 ? 0.2470 0.2324 0.2035 -0.0057 -0.0329 -0.0073 75   ASP A N   
501 C CA  . ASP A 75 ? 0.2421 0.2208 0.2291 -0.0119 -0.0288 -0.0016 75   ASP A CA  
502 C C   . ASP A 75 ? 0.2325 0.2057 0.2097 0.0004  -0.0227 0.0026  75   ASP A C   
503 O O   . ASP A 75 ? 0.2296 0.1886 0.2151 -0.0139 -0.0121 0.0165  75   ASP A O   
504 C CB  . ASP A 75 ? 0.2548 0.2603 0.2286 -0.0073 -0.0441 0.0118  75   ASP A CB  
505 C CG  . ASP A 75 ? 0.3069 0.2738 0.2657 -0.0193 -0.0550 -0.0032 75   ASP A CG  
506 O OD1 . ASP A 75 ? 0.3741 0.3088 0.2871 -0.0040 -0.1134 -0.0800 75   ASP A OD1 
507 O OD2 . ASP A 75 ? 0.3241 0.3521 0.3154 0.0087  -0.0912 0.0128  75   ASP A OD2 
508 N N   . LEU A 76 ? 0.2307 0.2025 0.2050 -0.0052 -0.0093 -0.0029 76   LEU A N   
509 C CA  . LEU A 76 ? 0.2166 0.2021 0.2162 -0.0129 -0.0144 -0.0081 76   LEU A CA  
510 C C   . LEU A 76 ? 0.1970 0.1925 0.2075 -0.0114 -0.0244 -0.0132 76   LEU A C   
511 O O   . LEU A 76 ? 0.1996 0.1552 0.2405 -0.0109 -0.0296 -0.0323 76   LEU A O   
512 C CB  . LEU A 76 ? 0.2290 0.2087 0.1976 -0.0066 0.0002  0.0018  76   LEU A CB  
513 C CG  . LEU A 76 ? 0.2478 0.2172 0.2482 -0.0216 0.0002  -0.0011 76   LEU A CG  
514 C CD1 . LEU A 76 ? 0.3248 0.2377 0.2463 -0.0081 -0.0012 -0.0039 76   LEU A CD1 
515 C CD2 . LEU A 76 ? 0.2594 0.2783 0.2783 -0.0581 0.0077  -0.0195 76   LEU A CD2 
516 N N   . ALA A 77 ? 0.2052 0.1799 0.1839 -0.0064 -0.0271 -0.0133 77   ALA A N   
517 C CA  . ALA A 77 ? 0.2147 0.1961 0.2056 -0.0057 -0.0245 -0.0042 77   ALA A CA  
518 C C   . ALA A 77 ? 0.2104 0.1851 0.2063 0.0033  -0.0210 -0.0034 77   ALA A C   
519 O O   . ALA A 77 ? 0.2069 0.1761 0.2021 0.0150  -0.0117 -0.0086 77   ALA A O   
520 C CB  . ALA A 77 ? 0.1854 0.1931 0.2045 0.0055  -0.0057 -0.0081 77   ALA A CB  
521 N N   . ILE A 78 ? 0.2165 0.1927 0.2290 0.0003  -0.0354 0.0128  78   ILE A N   
522 C CA  . ILE A 78 ? 0.2158 0.1956 0.2191 -0.0046 -0.0244 0.0042  78   ILE A CA  
523 C C   . ILE A 78 ? 0.2012 0.2138 0.2157 -0.0039 -0.0379 0.0072  78   ILE A C   
524 O O   . ILE A 78 ? 0.2004 0.2275 0.2293 -0.0020 -0.0213 -0.0134 78   ILE A O   
525 C CB  . ILE A 78 ? 0.2224 0.1929 0.2412 -0.0004 -0.0257 0.0084  78   ILE A CB  
526 C CG1 . ILE A 78 ? 0.2369 0.2066 0.2354 -0.0460 -0.0358 -0.0259 78   ILE A CG1 
527 C CG2 . ILE A 78 ? 0.2163 0.2392 0.2547 0.0022  -0.0422 0.0170  78   ILE A CG2 
528 C CD1 . ILE A 78 ? 0.2481 0.2200 0.2155 -0.0275 -0.0296 -0.0162 78   ILE A CD1 
529 N N   . LEU A 79 ? 0.2121 0.2163 0.2306 -0.0043 -0.0303 0.0032  79   LEU A N   
530 C CA  . LEU A 79 ? 0.2076 0.2072 0.2300 -0.0075 -0.0107 0.0081  79   LEU A CA  
531 C C   . LEU A 79 ? 0.2005 0.1923 0.2145 -0.0018 -0.0042 0.0104  79   LEU A C   
532 O O   . LEU A 79 ? 0.1985 0.2364 0.2335 0.0085  -0.0146 0.0110  79   LEU A O   
533 C CB  . LEU A 79 ? 0.2366 0.2279 0.2445 0.0015  -0.0011 0.0134  79   LEU A CB  
534 C CG  . LEU A 79 ? 0.2977 0.2565 0.2992 0.0030  -0.0108 -0.0051 79   LEU A CG  
535 C CD1 . LEU A 79 ? 0.3914 0.3540 0.3468 -0.0186 -0.0494 -0.0114 79   LEU A CD1 
536 C CD2 . LEU A 79 ? 0.3219 0.3204 0.4141 -0.0272 0.0074  0.0036  79   LEU A CD2 
537 N N   . LEU A 80 ? 0.1875 0.2009 0.2150 0.0020  -0.0129 -0.0020 80   LEU A N   
538 C CA  . LEU A 80 ? 0.1929 0.1943 0.2167 -0.0033 -0.0066 0.0008  80   LEU A CA  
539 C C   . LEU A 80 ? 0.1992 0.1980 0.2100 -0.0014 -0.0070 -0.0028 80   LEU A C   
540 O O   . LEU A 80 ? 0.2052 0.1965 0.1988 -0.0063 0.0101  -0.0030 80   LEU A O   
541 C CB  . LEU A 80 ? 0.1986 0.2003 0.2318 -0.0149 0.0037  -0.0073 80   LEU A CB  
542 C CG  . LEU A 80 ? 0.1846 0.1820 0.2078 -0.0019 0.0033  -0.0087 80   LEU A CG  
543 C CD1 . LEU A 80 ? 0.1477 0.2333 0.2733 -0.0096 0.0150  0.0151  80   LEU A CD1 
544 C CD2 . LEU A 80 ? 0.2376 0.1416 0.2923 0.0256  0.0004  -0.0076 80   LEU A CD2 
545 N N   . LEU A 81 ? 0.2105 0.1872 0.2197 -0.0163 -0.0051 0.0021  81   LEU A N   
546 C CA  . LEU A 81 ? 0.2396 0.2043 0.2311 -0.0168 -0.0046 0.0027  81   LEU A CA  
547 C C   . LEU A 81 ? 0.2548 0.2149 0.2452 -0.0296 0.0000  -0.0027 81   LEU A C   
548 O O   . LEU A 81 ? 0.2814 0.2413 0.2482 -0.0199 -0.0022 0.0186  81   LEU A O   
549 C CB  . LEU A 81 ? 0.2452 0.2045 0.2384 -0.0125 -0.0031 0.0005  81   LEU A CB  
550 C CG  . LEU A 81 ? 0.2481 0.1832 0.2253 0.0096  -0.0143 0.0033  81   LEU A CG  
551 C CD1 . LEU A 81 ? 0.3239 0.2170 0.2387 0.0059  -0.0698 -0.0029 81   LEU A CD1 
552 C CD2 . LEU A 81 ? 0.2597 0.1839 0.2385 0.0058  -0.0240 0.0023  81   LEU A CD2 
553 N N   . ARG A 82 ? 0.2648 0.2437 0.2620 -0.0170 0.0022  0.0011  82   ARG A N   
554 C CA  . ARG A 82 ? 0.2658 0.2748 0.2852 -0.0197 0.0090  -0.0052 82   ARG A CA  
555 C C   . ARG A 82 ? 0.2743 0.2842 0.2881 -0.0167 0.0145  -0.0163 82   ARG A C   
556 O O   . ARG A 82 ? 0.2574 0.2975 0.3084 -0.0366 0.0180  -0.0210 82   ARG A O   
557 C CB  . ARG A 82 ? 0.2599 0.2620 0.3058 -0.0266 0.0119  0.0082  82   ARG A CB  
558 C CG  . ARG A 82 ? 0.2875 0.3298 0.2813 -0.0184 0.0052  -0.0019 82   ARG A CG  
559 C CD  . ARG A 82 ? 0.2873 0.3370 0.3011 -0.0141 -0.0193 -0.0045 82   ARG A CD  
560 N NE  . ARG A 82 ? 0.2815 0.3712 0.3545 -0.0058 -0.0146 -0.0133 82   ARG A NE  
561 C CZ  . ARG A 82 ? 0.3556 0.3677 0.3286 0.0008  -0.0157 0.0063  82   ARG A CZ  
562 N NH1 . ARG A 82 ? 0.3391 0.3731 0.3368 0.0191  -0.0087 0.0055  82   ARG A NH1 
563 N NH2 . ARG A 82 ? 0.2884 0.3582 0.3171 -0.0068 -0.0470 0.0073  82   ARG A NH2 
564 N N   . LEU A 83 ? 0.2853 0.2807 0.2910 -0.0233 0.0101  -0.0367 83   LEU A N   
565 C CA  . LEU A 83 ? 0.3058 0.2975 0.3103 -0.0099 0.0109  -0.0326 83   LEU A CA  
566 C C   . LEU A 83 ? 0.3117 0.3112 0.3166 -0.0040 0.0104  -0.0285 83   LEU A C   
567 O O   . LEU A 83 ? 0.3475 0.3331 0.3374 0.0261  0.0198  -0.0389 83   LEU A O   
568 C CB  . LEU A 83 ? 0.2982 0.3039 0.3224 -0.0072 0.0148  -0.0350 83   LEU A CB  
569 C CG  . LEU A 83 ? 0.3024 0.3036 0.3365 -0.0375 0.0334  -0.0208 83   LEU A CG  
570 C CD1 . LEU A 83 ? 0.2956 0.2832 0.3464 -0.0445 0.0575  -0.0201 83   LEU A CD1 
571 C CD2 . LEU A 83 ? 0.2644 0.3154 0.3695 -0.0194 -0.0008 -0.0016 83   LEU A CD2 
572 N N   . GLY A 84 ? 0.3099 0.3162 0.3204 -0.0018 0.0137  -0.0252 84   GLY A N   
573 C CA  . GLY A 84 ? 0.3471 0.3352 0.3395 0.0051  0.0016  -0.0214 84   GLY A CA  
574 C C   . GLY A 84 ? 0.3721 0.3494 0.3532 0.0007  -0.0001 -0.0116 84   GLY A C   
575 O O   . GLY A 84 ? 0.4363 0.3805 0.3648 0.0137  -0.0181 -0.0174 84   GLY A O   
576 N N   . ARG A 85 ? 0.3644 0.3646 0.3717 0.0051  -0.0063 -0.0102 85   ARG A N   
577 C CA  . ARG A 85 ? 0.3693 0.3819 0.3846 0.0041  0.0021  -0.0079 85   ARG A CA  
578 C C   . ARG A 85 ? 0.3630 0.3969 0.4022 0.0139  -0.0060 -0.0054 85   ARG A C   
579 O O   . ARG A 85 ? 0.3817 0.4142 0.3940 0.0342  0.0131  0.0086  85   ARG A O   
580 C CB  . ARG A 85 ? 0.3633 0.3891 0.3847 0.0003  -0.0044 -0.0029 85   ARG A CB  
581 C CG  . ARG A 85 ? 0.3849 0.3899 0.3951 -0.0027 -0.0008 -0.0205 85   ARG A CG  
582 C CD  . ARG A 85 ? 0.4148 0.3961 0.4047 -0.0033 -0.0017 -0.0090 85   ARG A CD  
583 N NE  . ARG A 85 ? 0.4491 0.4876 0.4275 0.0167  0.0023  0.0103  85   ARG A NE  
584 C CZ  . ARG A 85 ? 0.4544 0.4494 0.4520 0.0027  0.0153  0.0204  85   ARG A CZ  
585 N NH1 . ARG A 85 ? 0.4060 0.4670 0.4575 -0.0145 0.0024  0.0204  85   ARG A NH1 
586 N NH2 . ARG A 85 ? 0.4204 0.4554 0.4133 -0.0020 -0.0024 0.0212  85   ARG A NH2 
587 N N   . GLY A 86 ? 0.3550 0.4119 0.4004 0.0158  -0.0077 -0.0189 86   GLY A N   
588 C CA  . GLY A 86 ? 0.3717 0.4164 0.4113 0.0120  -0.0030 -0.0132 86   GLY A CA  
589 C C   . GLY A 86 ? 0.3623 0.4196 0.4102 0.0093  -0.0055 -0.0124 86   GLY A C   
590 O O   . GLY A 86 ? 0.3188 0.4070 0.4085 0.0138  0.0208  -0.0203 86   GLY A O   
591 N N   . ARG A 87 ? 0.3776 0.4206 0.4199 0.0122  -0.0050 -0.0118 87   ARG A N   
592 C CA  . ARG A 87 ? 0.3937 0.4320 0.4306 0.0066  -0.0047 -0.0009 87   ARG A CA  
593 C C   . ARG A 87 ? 0.3944 0.4381 0.4287 0.0101  -0.0044 -0.0034 87   ARG A C   
594 O O   . ARG A 87 ? 0.3435 0.4486 0.4124 0.0243  -0.0032 -0.0041 87   ARG A O   
595 C CB  . ARG A 87 ? 0.4007 0.4355 0.4326 0.0026  -0.0023 0.0001  87   ARG A CB  
596 C CG  . ARG A 87 ? 0.4130 0.4453 0.4378 -0.0029 0.0028  0.0002  87   ARG A CG  
597 C CD  . ARG A 87 ? 0.4279 0.4487 0.4495 -0.0048 0.0049  0.0142  87   ARG A CD  
598 N NE  . ARG A 87 ? 0.4528 0.4850 0.4646 -0.0168 0.0001  0.0248  87   ARG A NE  
599 C CZ  . ARG A 87 ? 0.4462 0.4575 0.4482 -0.0017 -0.0035 0.0021  87   ARG A CZ  
600 N NH1 . ARG A 87 ? 0.4669 0.4832 0.4358 -0.0211 0.0074  0.0249  87   ARG A NH1 
601 N NH2 . ARG A 87 ? 0.4728 0.4753 0.4602 -0.0112 -0.0074 0.0009  87   ARG A NH2 
602 N N   . LEU A 88 ? 0.3911 0.4412 0.4370 0.0026  -0.0086 0.0019  88   LEU A N   
603 C CA  . LEU A 88 ? 0.4087 0.4430 0.4516 0.0077  -0.0035 0.0004  88   LEU A CA  
604 C C   . LEU A 88 ? 0.4251 0.4524 0.4762 0.0028  -0.0028 0.0023  88   LEU A C   
605 O O   . LEU A 88 ? 0.4039 0.4579 0.4967 0.0058  -0.0076 0.0129  88   LEU A O   
606 C CB  . LEU A 88 ? 0.4008 0.4308 0.4415 0.0026  -0.0037 0.0039  88   LEU A CB  
607 C CG  . LEU A 88 ? 0.3562 0.4186 0.3957 0.0259  -0.0084 -0.0060 88   LEU A CG  
608 C CD1 . LEU A 88 ? 0.3640 0.4118 0.3482 0.0162  0.0233  -0.0010 88   LEU A CD1 
609 C CD2 . LEU A 88 ? 0.3671 0.4439 0.3701 0.0221  -0.0206 -0.0093 88   LEU A CD2 
610 N N   . GLY A 89 ? 0.4533 0.4693 0.4964 0.0088  0.0006  -0.0103 89   GLY A N   
611 C CA  . GLY A 89 ? 0.4589 0.4723 0.4940 0.0090  0.0008  -0.0121 89   GLY A CA  
612 C C   . GLY A 89 ? 0.4629 0.4917 0.4999 0.0125  0.0037  -0.0171 89   GLY A C   
613 O O   . GLY A 89 ? 0.4771 0.5039 0.5317 0.0135  0.0024  -0.0154 89   GLY A O   
614 C C1  . MLT B .  ? 0.3467 0.3103 0.3381 -0.0254 0.0043  -0.0151 1090 MLT A C1  
615 O O1  . MLT B .  ? 0.3456 0.2814 0.3699 -0.0222 -0.0242 -0.0243 1090 MLT A O1  
616 O O2  . MLT B .  ? 0.3300 0.2631 0.3892 -0.0838 0.0166  0.0119  1090 MLT A O2  
617 C C2  . MLT B .  ? 0.3701 0.3276 0.3654 -0.0102 0.0152  -0.0079 1090 MLT A C2  
618 O O3  . MLT B .  ? 0.3608 0.3701 0.3269 -0.0538 0.0722  -0.0104 1090 MLT A O3  
619 C C3  . MLT B .  ? 0.3395 0.3592 0.3190 -0.0007 0.0377  0.0453  1090 MLT A C3  
620 C C4  . MLT B .  ? 0.3244 0.3385 0.3378 0.0115  0.0320  0.0250  1090 MLT A C4  
621 O O4  . MLT B .  ? 0.3293 0.3257 0.3207 -0.0321 -0.0157 0.0242  1090 MLT A O4  
622 O O5  . MLT B .  ? 0.3214 0.3852 0.3034 -0.0073 0.0068  0.0660  1090 MLT A O5  
623 O O   . HOH C .  ? 0.4251 0.3467 0.4657 -0.0229 0.1113  0.0792  2001 HOH A O   
624 O O   . HOH C .  ? 0.3958 0.3185 0.5175 -0.0156 0.0551  -0.0141 2002 HOH A O   
625 O O   . HOH C .  ? 0.6099 0.4132 0.4930 -0.0305 -0.1106 -0.0149 2003 HOH A O   
626 O O   . HOH C .  ? 0.4629 0.4793 0.3813 -0.0493 0.0032  -0.0715 2004 HOH A O   
627 O O   . HOH C .  ? 0.2409 0.2888 0.3430 -0.0097 -0.0431 -0.0213 2005 HOH A O   
628 O O   . HOH C .  ? 0.3354 0.3065 0.3501 0.0177  0.0624  -0.0570 2006 HOH A O   
629 O O   . HOH C .  ? 0.4594 0.4221 0.2410 -0.0086 -0.0207 -0.0959 2007 HOH A O   
630 O O   . HOH C .  ? 0.5522 0.5852 0.6483 -0.0452 -0.0190 0.0447  2008 HOH A O   
631 O O   . HOH C .  ? 0.4914 0.3746 0.4461 -0.0639 0.0625  0.0604  2009 HOH A O   
632 O O   . HOH C .  ? 0.6157 0.4751 0.7432 0.0226  0.0235  0.0114  2010 HOH A O   
633 O O   . HOH C .  ? 0.4219 0.5086 0.4731 -0.0276 0.0048  0.0001  2011 HOH A O   
634 O O   . HOH C .  ? 0.4618 0.3307 0.3339 -0.0853 0.0077  -0.0814 2012 HOH A O   
635 O O   . HOH C .  ? 0.8193 0.5156 0.6862 0.0986  0.0482  -0.1281 2013 HOH A O   
636 O O   . HOH C .  ? 0.6671 0.7800 0.8556 -0.0305 -0.0006 -0.0683 2014 HOH A O   
637 O O   . HOH C .  ? 0.3065 0.4541 0.4631 0.0158  -0.0784 0.0297  2015 HOH A O   
638 O O   . HOH C .  ? 0.3283 0.5119 0.3610 -0.0368 -0.0648 -0.0408 2016 HOH A O   
639 O O   . HOH C .  ? 0.4109 0.3626 0.4109 -0.0167 -0.0064 0.0498  2017 HOH A O   
640 O O   . HOH C .  ? 0.3033 0.4937 0.4128 -0.0723 0.0319  0.0319  2018 HOH A O   
641 O O   . HOH C .  ? 0.3801 0.6589 0.3983 -0.0500 0.0209  0.0860  2019 HOH A O   
642 O O   . HOH C .  ? 0.4965 0.3371 0.6033 -0.0788 -0.0459 -0.0654 2020 HOH A O   
643 O O   . HOH C .  ? 0.5411 0.3625 0.5117 0.0714  -0.0025 -0.0913 2021 HOH A O   
644 O O   . HOH C .  ? 0.3583 0.3421 0.5610 -0.0334 0.0335  -0.0052 2022 HOH A O   
645 O O   . HOH C .  ? 0.4823 0.4555 0.4341 0.0811  0.0751  -0.0145 2023 HOH A O   
646 O O   . HOH C .  ? 0.5333 0.3729 0.4350 0.0457  -0.0180 0.0242  2024 HOH A O   
647 O O   . HOH C .  ? 0.4248 0.4876 0.4078 -0.0327 -0.0299 -0.0004 2025 HOH A O   
648 O O   . HOH C .  ? 0.3471 0.3079 0.1928 0.0100  -0.0509 0.0222  2026 HOH A O   
649 O O   . HOH C .  ? 0.5186 0.3857 0.3330 -0.0217 -0.0501 0.0509  2027 HOH A O   
650 O O   . HOH C .  ? 0.4426 0.3912 0.2995 0.0112  0.0098  -0.0155 2028 HOH A O   
651 O O   . HOH C .  ? 0.3786 0.4291 0.4380 -0.0725 0.0481  0.0223  2029 HOH A O   
652 O O   . HOH C .  ? 0.2582 0.2056 0.2153 0.0150  -0.0010 -0.0324 2030 HOH A O   
653 O O   . HOH C .  ? 0.3290 0.4797 0.6151 -0.0452 0.0844  0.0323  2031 HOH A O   
654 O O   . HOH C .  ? 0.5134 0.4150 0.4922 0.0582  0.0251  0.0085  2032 HOH A O   
655 O O   . HOH C .  ? 0.5230 0.5721 0.4250 -0.0205 -0.0938 -0.0336 2033 HOH A O   
656 O O   . HOH C .  ? 0.4820 0.6509 0.6992 0.0059  0.0756  -0.0297 2034 HOH A O   
657 O O   . HOH C .  ? 0.4269 0.4288 0.4480 -0.0892 0.0918  -0.0717 2035 HOH A O   
658 O O   . HOH C .  ? 0.3956 0.3644 0.3244 0.0005  0.0865  0.0605  2036 HOH A O   
659 O O   . HOH C .  ? 0.3679 0.2083 0.3624 -0.0120 -0.0462 -0.0199 2037 HOH A O   
# 
